data_6CNX
#
_entry.id   6CNX
#
_cell.length_a   92.470
_cell.length_b   96.821
_cell.length_c   192.831
_cell.angle_alpha   90.00
_cell.angle_beta   90.00
_cell.angle_gamma   90.00
#
_symmetry.space_group_name_H-M   'P 21 21 21'
#
loop_
_entity.id
_entity.type
_entity.pdbx_description
1 polymer 'Serine/threonine-protein kinase VRK1'
2 non-polymer (7R)-2-[(3,5-difluoro-4-hydroxyphenyl)amino]-7-methyl-8-(3-methylbutyl)-5-(prop-2-yn-1-yl)-7,8-dihydropteridin-6(5H)-one
3 non-polymer 'SULFATE ION'
4 non-polymer 'ACETATE ION'
5 non-polymer GLYCEROL
6 non-polymer (7S)-2-[(3,5-difluoro-4-hydroxyphenyl)amino]-7-methyl-8-(3-methylbutyl)-5-(prop-2-yn-1-yl)-7,8-dihydropteridin-6(5H)-one
7 water water
#
_entity_poly.entity_id   1
_entity_poly.type   'polypeptide(L)'
_entity_poly.pdbx_seq_one_letter_code
;SMRVKAAQAGRQSSAKRHLAEQFAVGEIITDMAAAAWKVGLPIGQGGFGCIYLADMNSSESVGSDAPCVVKVEPSDNGPL
FTELKFYQRAAKPEQIQKWIRTRKLKYLGVPKYWGSGLHDKNGKSYRFMIMDRFGSDLQKIYEANAKRFSRKTVLQLSLR
ILDILEYIHEHEYVHGDIKASNLLLNYKNPDQVYLVDYGLAYRYCPEGVHKAYAADPKRCHDGTIEFTSIDAHNGVAPSR
RGDLEILGYCMIQWLTGHLPWEDNLKDPKYVRDSKIRYRENIASLMDKCFPAANAPGEIAKYMETVKLLDYTEKPLYENL
RDILLQGLKAIGSKDDGKLDLSVVENGGLKAKTITKKRAAEIEE
;
_entity_poly.pdbx_strand_id   A,B,C,D
#
loop_
_chem_comp.id
_chem_comp.type
_chem_comp.name
_chem_comp.formula
ACT non-polymer 'ACETATE ION' 'C2 H3 O2 -1'
F87 non-polymer (7R)-2-[(3,5-difluoro-4-hydroxyphenyl)amino]-7-methyl-8-(3-methylbutyl)-5-(prop-2-yn-1-yl)-7,8-dihydropteridin-6(5H)-one 'C21 H23 F2 N5 O2'
FCS non-polymer (7S)-2-[(3,5-difluoro-4-hydroxyphenyl)amino]-7-methyl-8-(3-methylbutyl)-5-(prop-2-yn-1-yl)-7,8-dihydropteridin-6(5H)-one 'C21 H23 F2 N5 O2'
GOL non-polymer GLYCEROL 'C3 H8 O3'
SO4 non-polymer 'SULFATE ION' 'O4 S -2'
#
# COMPACT_ATOMS: atom_id res chain seq x y z
N ALA A 20 31.25 -18.20 46.77
CA ALA A 20 32.43 -18.48 45.96
C ALA A 20 32.90 -17.21 45.29
N GLU A 21 33.97 -16.60 45.79
CA GLU A 21 34.44 -15.35 45.25
C GLU A 21 34.81 -15.52 43.80
N GLN A 22 34.26 -14.66 42.94
CA GLN A 22 34.59 -14.74 41.52
C GLN A 22 35.83 -13.92 41.14
N PHE A 23 36.27 -13.05 42.04
CA PHE A 23 37.42 -12.18 41.79
C PHE A 23 38.31 -11.98 43.02
N ALA A 24 39.55 -11.57 42.77
CA ALA A 24 40.49 -11.18 43.81
C ALA A 24 40.32 -9.66 43.77
N VAL A 25 40.04 -9.04 44.91
CA VAL A 25 39.67 -7.62 44.90
C VAL A 25 40.87 -6.82 44.43
N GLY A 26 40.65 -5.89 43.48
CA GLY A 26 41.82 -5.15 42.91
C GLY A 26 42.46 -5.82 41.70
N GLU A 27 41.99 -7.00 41.29
CA GLU A 27 42.58 -7.65 40.12
C GLU A 27 42.18 -6.86 38.85
N ILE A 28 43.05 -7.02 37.87
CA ILE A 28 42.91 -6.49 36.56
C ILE A 28 42.38 -7.54 35.61
N ILE A 29 41.28 -7.21 34.94
CA ILE A 29 40.62 -8.12 34.00
C ILE A 29 40.61 -7.43 32.63
N THR A 30 40.75 -8.25 31.59
CA THR A 30 40.87 -7.79 30.21
C THR A 30 39.67 -8.35 29.44
N ASP A 31 38.92 -7.43 28.80
CA ASP A 31 37.78 -7.81 27.99
C ASP A 31 38.17 -8.29 26.60
N MET A 32 37.19 -8.70 25.82
CA MET A 32 37.46 -9.26 24.48
C MET A 32 38.08 -8.28 23.47
N ALA A 33 37.90 -6.99 23.71
CA ALA A 33 38.54 -5.92 22.90
C ALA A 33 39.88 -5.51 23.45
N ALA A 34 40.41 -6.28 24.38
CA ALA A 34 41.68 -6.05 25.05
C ALA A 34 41.74 -4.79 25.93
N ALA A 35 40.59 -4.22 26.30
CA ALA A 35 40.55 -3.11 27.24
C ALA A 35 40.69 -3.64 28.68
N ALA A 36 41.50 -2.93 29.48
CA ALA A 36 41.84 -3.38 30.84
C ALA A 36 40.97 -2.67 31.88
N TRP A 37 40.46 -3.44 32.83
CA TRP A 37 39.59 -2.96 33.91
C TRP A 37 40.07 -3.46 35.26
N LYS A 38 39.79 -2.74 36.33
CA LYS A 38 40.10 -3.12 37.69
C LYS A 38 38.82 -3.34 38.49
N VAL A 39 38.79 -4.38 39.31
CA VAL A 39 37.60 -4.77 40.07
C VAL A 39 37.67 -4.23 41.51
N GLY A 40 36.56 -3.64 42.00
CA GLY A 40 36.45 -3.17 43.37
C GLY A 40 35.43 -4.03 44.14
N LEU A 41 34.83 -3.42 45.17
CA LEU A 41 33.95 -4.08 46.11
C LEU A 41 32.54 -4.29 45.59
N PRO A 42 31.78 -5.22 46.16
CA PRO A 42 30.42 -5.47 45.68
C PRO A 42 29.51 -4.30 45.96
N ILE A 43 28.44 -4.11 45.17
CA ILE A 43 27.58 -2.95 45.41
C ILE A 43 26.46 -3.24 46.44
N GLY A 44 25.98 -2.17 47.09
CA GLY A 44 24.77 -2.18 47.89
C GLY A 44 24.67 -3.28 48.94
N GLN A 45 25.79 -3.51 49.64
CA GLN A 45 25.93 -4.54 50.71
C GLN A 45 25.58 -5.95 50.20
N GLY A 46 25.96 -6.24 48.95
CA GLY A 46 25.71 -7.55 48.37
C GLY A 46 24.25 -7.88 48.12
N GLY A 47 23.36 -6.88 48.22
CA GLY A 47 21.92 -7.11 48.05
C GLY A 47 21.47 -7.22 46.59
N PHE A 48 22.34 -6.94 45.62
CA PHE A 48 22.01 -7.08 44.18
C PHE A 48 22.86 -8.16 43.49
N GLY A 49 23.17 -9.24 44.19
CA GLY A 49 23.94 -10.30 43.58
C GLY A 49 25.38 -9.94 43.23
N CYS A 50 25.92 -10.65 42.26
CA CYS A 50 27.32 -10.49 41.86
C CYS A 50 27.58 -9.34 40.89
N ILE A 51 27.57 -8.14 41.43
CA ILE A 51 27.84 -6.92 40.71
C ILE A 51 28.81 -6.14 41.58
N TYR A 52 29.94 -5.77 41.01
CA TYR A 52 30.95 -5.06 41.76
C TYR A 52 31.27 -3.75 41.06
N LEU A 53 31.82 -2.81 41.80
CA LEU A 53 32.32 -1.54 41.26
C LEU A 53 33.54 -1.86 40.37
N ALA A 54 33.74 -1.03 39.34
CA ALA A 54 34.83 -1.22 38.42
C ALA A 54 35.30 0.12 37.88
N ASP A 55 36.53 0.14 37.40
CA ASP A 55 37.05 1.30 36.69
C ASP A 55 38.09 0.83 35.66
N MET A 56 38.52 1.75 34.81
CA MET A 56 39.67 1.50 33.93
C MET A 56 40.87 1.12 34.77
N ASN A 57 41.73 0.27 34.23
CA ASN A 57 42.98 -0.05 34.86
C ASN A 57 43.81 1.24 35.09
N SER A 58 44.39 1.32 36.28
CA SER A 58 45.29 2.41 36.69
C SER A 58 46.02 1.91 37.95
N SER A 59 47.00 2.70 38.40
CA SER A 59 47.65 2.48 39.68
C SER A 59 46.73 2.69 40.91
N GLU A 60 45.66 3.48 40.77
CA GLU A 60 44.68 3.67 41.84
C GLU A 60 43.78 2.45 41.99
N SER A 61 43.34 2.18 43.23
CA SER A 61 42.34 1.17 43.47
C SER A 61 40.95 1.75 43.19
N VAL A 62 39.98 0.87 43.00
CA VAL A 62 38.62 1.25 42.67
C VAL A 62 37.91 1.76 43.93
N GLY A 63 37.44 3.00 43.88
CA GLY A 63 36.76 3.65 45.02
C GLY A 63 35.24 3.48 45.00
N SER A 64 34.57 4.03 46.00
CA SER A 64 33.13 3.92 46.12
C SER A 64 32.38 4.84 45.14
N ASP A 65 33.11 5.76 44.51
CA ASP A 65 32.58 6.62 43.45
C ASP A 65 32.95 6.13 42.04
N ALA A 66 33.22 4.84 41.89
CA ALA A 66 33.60 4.27 40.60
C ALA A 66 32.49 4.51 39.54
N PRO A 67 32.89 4.79 38.29
CA PRO A 67 31.94 5.10 37.24
C PRO A 67 31.39 3.88 36.50
N CYS A 68 31.90 2.68 36.78
CA CYS A 68 31.39 1.47 36.15
C CYS A 68 31.08 0.38 37.18
N VAL A 69 30.37 -0.63 36.70
CA VAL A 69 30.23 -1.87 37.41
C VAL A 69 30.60 -3.03 36.51
N VAL A 70 30.97 -4.15 37.14
CA VAL A 70 31.17 -5.40 36.45
C VAL A 70 30.13 -6.40 36.99
N LYS A 71 29.34 -6.96 36.08
CA LYS A 71 28.41 -8.05 36.37
C LYS A 71 29.08 -9.36 35.98
N VAL A 72 29.05 -10.34 36.87
CA VAL A 72 29.69 -11.62 36.59
C VAL A 72 28.77 -12.78 36.98
N GLU A 73 28.63 -13.73 36.06
CA GLU A 73 27.76 -14.92 36.26
C GLU A 73 28.44 -16.09 35.61
N PRO A 74 28.06 -17.33 36.00
CA PRO A 74 28.60 -18.48 35.28
C PRO A 74 28.32 -18.39 33.77
N SER A 75 29.24 -18.88 32.95
CA SER A 75 29.10 -18.83 31.49
C SER A 75 27.83 -19.52 30.98
N ASP A 76 27.32 -20.52 31.70
CA ASP A 76 26.02 -21.13 31.34
C ASP A 76 24.78 -20.38 31.86
N ASN A 77 24.94 -19.21 32.46
CA ASN A 77 23.80 -18.39 32.89
C ASN A 77 23.14 -17.76 31.66
N GLY A 78 21.87 -18.13 31.47
CA GLY A 78 21.13 -17.73 30.29
C GLY A 78 20.84 -16.25 30.23
N PRO A 79 20.33 -15.67 31.35
CA PRO A 79 20.03 -14.26 31.35
C PRO A 79 21.20 -13.32 31.07
N LEU A 80 22.40 -13.62 31.55
CA LEU A 80 23.51 -12.71 31.26
C LEU A 80 23.87 -12.76 29.76
N PHE A 81 23.76 -13.94 29.16
CA PHE A 81 23.99 -14.05 27.72
C PHE A 81 22.96 -13.24 26.94
N THR A 82 21.67 -13.34 27.31
CA THR A 82 20.60 -12.59 26.66
C THR A 82 20.85 -11.09 26.77
N GLU A 83 21.18 -10.64 27.97
CA GLU A 83 21.45 -9.26 28.24
C GLU A 83 22.65 -8.74 27.41
N LEU A 84 23.72 -9.54 27.37
CA LEU A 84 24.90 -9.17 26.61
C LEU A 84 24.58 -9.04 25.11
N LYS A 85 23.79 -9.96 24.57
CA LYS A 85 23.42 -9.87 23.16
C LYS A 85 22.57 -8.64 22.87
N PHE A 86 21.66 -8.28 23.81
CA PHE A 86 20.88 -7.05 23.67
C PHE A 86 21.82 -5.81 23.56
N TYR A 87 22.72 -5.67 24.52
CA TYR A 87 23.63 -4.52 24.53
C TYR A 87 24.55 -4.46 23.29
N GLN A 88 25.09 -5.61 22.87
CA GLN A 88 25.94 -5.66 21.67
C GLN A 88 25.19 -5.32 20.38
N ARG A 89 23.98 -5.84 20.25
CA ARG A 89 23.11 -5.57 19.13
C ARG A 89 22.45 -4.19 19.01
N ALA A 90 22.03 -3.67 20.14
CA ALA A 90 21.10 -2.52 20.16
C ALA A 90 21.63 -1.29 20.87
N ALA A 91 22.72 -1.40 21.63
CA ALA A 91 23.15 -0.32 22.47
C ALA A 91 24.64 0.04 22.27
N LYS A 92 25.05 0.06 21.01
CA LYS A 92 26.41 0.48 20.68
C LYS A 92 26.42 2.02 20.69
N PRO A 93 27.57 2.61 20.97
CA PRO A 93 27.69 4.07 21.00
C PRO A 93 27.15 4.77 19.76
N GLU A 94 27.52 4.28 18.59
CA GLU A 94 27.07 4.93 17.39
C GLU A 94 25.56 4.87 17.28
N GLN A 95 24.94 3.75 17.62
CA GLN A 95 23.50 3.68 17.54
C GLN A 95 22.83 4.65 18.48
N ILE A 96 23.31 4.70 19.71
CA ILE A 96 22.73 5.58 20.71
C ILE A 96 22.93 7.07 20.41
N GLN A 97 24.14 7.43 20.01
CA GLN A 97 24.44 8.83 19.75
C GLN A 97 23.74 9.26 18.49
N LYS A 98 23.73 8.41 17.47
CA LYS A 98 22.95 8.76 16.26
C LYS A 98 21.51 9.02 16.57
N TRP A 99 20.91 8.17 17.40
CA TRP A 99 19.50 8.36 17.77
C TRP A 99 19.29 9.65 18.57
N ILE A 100 20.16 9.94 19.55
CA ILE A 100 20.04 11.18 20.35
C ILE A 100 20.07 12.42 19.43
N ARG A 101 21.02 12.43 18.50
CA ARG A 101 21.12 13.52 17.50
C ARG A 101 19.89 13.62 16.61
N THR A 102 19.49 12.54 15.96
CA THR A 102 18.38 12.57 14.98
C THR A 102 17.04 12.87 15.60
N ARG A 103 16.82 12.43 16.83
CA ARG A 103 15.56 12.66 17.51
C ARG A 103 15.58 13.94 18.35
N LYS A 104 16.72 14.61 18.39
CA LYS A 104 16.89 15.84 19.16
C LYS A 104 16.56 15.62 20.66
N LEU A 105 17.15 14.60 21.25
CA LEU A 105 16.92 14.27 22.67
C LEU A 105 17.98 14.92 23.51
N LYS A 106 17.68 15.16 24.79
CA LYS A 106 18.71 15.61 25.75
C LYS A 106 19.64 14.43 26.08
N TYR A 107 19.08 13.24 26.24
CA TYR A 107 19.81 12.04 26.59
C TYR A 107 18.91 10.85 26.23
N LEU A 108 19.44 9.62 26.36
CA LEU A 108 18.62 8.44 26.22
C LEU A 108 18.94 7.44 27.32
N GLY A 109 17.91 7.00 28.05
CA GLY A 109 18.12 6.16 29.23
C GLY A 109 18.34 4.67 28.98
N VAL A 110 19.16 4.35 27.97
CA VAL A 110 19.65 3.01 27.76
C VAL A 110 21.08 3.01 28.29
N PRO A 111 21.37 2.09 29.21
CA PRO A 111 22.70 2.05 29.82
C PRO A 111 23.80 1.78 28.81
N LYS A 112 24.96 2.39 29.06
CA LYS A 112 26.08 2.17 28.17
C LYS A 112 26.80 0.87 28.51
N TYR A 113 27.05 0.07 27.48
CA TYR A 113 27.75 -1.19 27.60
C TYR A 113 29.21 -0.88 27.25
N TRP A 114 30.12 -1.22 28.15
CA TRP A 114 31.52 -0.92 27.93
C TRP A 114 32.42 -2.03 27.42
N GLY A 115 32.09 -3.29 27.63
CA GLY A 115 32.87 -4.42 27.24
C GLY A 115 32.43 -5.70 27.98
N SER A 116 32.98 -6.81 27.52
CA SER A 116 32.67 -8.10 28.10
C SER A 116 33.76 -9.08 27.84
N GLY A 117 33.71 -10.18 28.58
CA GLY A 117 34.70 -11.21 28.43
C GLY A 117 34.33 -12.48 29.17
N LEU A 118 35.33 -13.37 29.24
CA LEU A 118 35.24 -14.65 29.91
C LEU A 118 36.34 -14.67 30.93
N HIS A 119 36.00 -15.18 32.11
CA HIS A 119 36.88 -15.23 33.25
C HIS A 119 36.80 -16.59 33.91
N ASP A 120 37.94 -17.26 34.05
CA ASP A 120 37.98 -18.58 34.70
C ASP A 120 38.47 -18.39 36.13
N LYS A 121 37.95 -19.19 37.01
CA LYS A 121 38.43 -19.16 38.35
C LYS A 121 38.08 -20.48 38.93
N ASN A 122 39.00 -21.05 39.76
CA ASN A 122 38.82 -22.29 40.53
C ASN A 122 38.15 -23.39 39.67
N GLY A 123 38.64 -23.54 38.45
CA GLY A 123 38.09 -24.48 37.48
C GLY A 123 36.66 -24.29 36.98
N LYS A 124 36.04 -23.12 37.21
CA LYS A 124 34.74 -22.79 36.65
C LYS A 124 34.91 -21.60 35.69
N SER A 125 34.02 -21.54 34.70
CA SER A 125 34.00 -20.51 33.67
C SER A 125 32.90 -19.49 33.91
N TYR A 126 33.26 -18.21 33.86
CA TYR A 126 32.35 -17.10 34.08
C TYR A 126 32.36 -16.16 32.88
N ARG A 127 31.27 -15.43 32.74
CA ARG A 127 31.13 -14.36 31.78
C ARG A 127 31.01 -13.07 32.57
N PHE A 128 31.62 -11.99 32.07
CA PHE A 128 31.49 -10.70 32.69
C PHE A 128 31.15 -9.58 31.70
N MET A 129 30.50 -8.55 32.22
CA MET A 129 30.05 -7.40 31.45
C MET A 129 30.33 -6.14 32.25
N ILE A 130 30.93 -5.15 31.58
CA ILE A 130 31.22 -3.86 32.17
C ILE A 130 30.14 -2.87 31.70
N MET A 131 29.47 -2.25 32.65
CA MET A 131 28.42 -1.28 32.37
C MET A 131 28.60 -0.04 33.20
N ASP A 132 27.78 0.94 32.90
CA ASP A 132 27.77 2.16 33.66
C ASP A 132 27.31 1.94 35.08
N ARG A 133 27.95 2.64 36.00
CA ARG A 133 27.50 2.69 37.37
C ARG A 133 26.44 3.83 37.48
N PHE A 134 25.33 3.52 38.13
CA PHE A 134 24.26 4.49 38.41
C PHE A 134 24.14 4.85 39.92
N GLY A 135 23.25 5.78 40.20
CA GLY A 135 22.87 6.08 41.57
C GLY A 135 21.69 5.21 41.99
N SER A 136 20.76 5.81 42.67
CA SER A 136 19.67 5.07 43.31
C SER A 136 18.66 4.57 42.28
N ASP A 137 18.03 3.44 42.61
CA ASP A 137 16.83 3.02 41.89
C ASP A 137 15.64 3.88 42.34
N LEU A 138 14.60 3.94 41.50
CA LEU A 138 13.40 4.71 41.81
C LEU A 138 12.52 4.13 42.90
N GLN A 139 12.58 2.80 43.11
CA GLN A 139 11.79 2.13 44.15
C GLN A 139 12.19 2.63 45.53
N LYS A 140 13.50 2.77 45.79
CA LYS A 140 13.95 3.30 47.08
C LYS A 140 13.45 4.74 47.28
N ILE A 141 13.51 5.56 46.24
CA ILE A 141 13.08 6.95 46.32
C ILE A 141 11.54 7.05 46.52
N TYR A 142 10.81 6.24 45.79
CA TYR A 142 9.36 6.10 45.92
C TYR A 142 8.95 5.76 47.36
N GLU A 143 9.58 4.74 47.95
CA GLU A 143 9.32 4.36 49.35
C GLU A 143 9.70 5.46 50.34
N ALA A 144 10.79 6.15 50.10
CA ALA A 144 11.19 7.29 50.94
C ALA A 144 10.22 8.47 50.81
N ASN A 145 9.46 8.53 49.72
CA ASN A 145 8.39 9.53 49.54
C ASN A 145 7.01 9.02 49.95
N ALA A 146 6.95 8.04 50.84
CA ALA A 146 5.68 7.41 51.28
C ALA A 146 4.85 6.86 50.11
N LYS A 147 5.54 6.24 49.17
CA LYS A 147 4.93 5.62 47.99
C LYS A 147 4.02 6.54 47.15
N ARG A 148 4.51 7.74 46.88
CA ARG A 148 3.89 8.65 45.94
C ARG A 148 4.96 9.35 45.12
N PHE A 149 4.73 9.47 43.81
CA PHE A 149 5.38 10.52 43.00
C PHE A 149 4.33 11.53 42.57
N SER A 150 4.74 12.79 42.43
CA SER A 150 3.87 13.87 41.96
C SER A 150 3.48 13.62 40.51
N ARG A 151 2.39 14.26 40.07
CA ARG A 151 1.96 14.24 38.67
C ARG A 151 3.09 14.70 37.72
N LYS A 152 3.75 15.79 38.09
CA LYS A 152 4.93 16.32 37.37
C LYS A 152 6.00 15.22 37.20
N THR A 153 6.38 14.60 38.32
CA THR A 153 7.36 13.53 38.28
C THR A 153 6.97 12.35 37.39
N VAL A 154 5.74 11.88 37.57
CA VAL A 154 5.29 10.73 36.80
C VAL A 154 5.29 11.04 35.31
N LEU A 155 4.80 12.21 34.91
CA LEU A 155 4.78 12.56 33.49
C LEU A 155 6.20 12.70 32.91
N GLN A 156 7.09 13.34 33.67
CA GLN A 156 8.50 13.49 33.21
C GLN A 156 9.25 12.15 33.15
N LEU A 157 9.01 11.25 34.11
CA LEU A 157 9.55 9.89 34.05
C LEU A 157 9.01 9.17 32.82
N SER A 158 7.71 9.25 32.59
CA SER A 158 7.08 8.49 31.53
C SER A 158 7.44 8.94 30.13
N LEU A 159 7.60 10.25 29.92
CA LEU A 159 8.11 10.76 28.66
C LEU A 159 9.46 10.10 28.30
N ARG A 160 10.35 10.03 29.29
CA ARG A 160 11.70 9.47 29.05
C ARG A 160 11.66 7.97 28.86
N ILE A 161 10.74 7.31 29.55
CA ILE A 161 10.56 5.88 29.38
C ILE A 161 10.00 5.61 27.95
N LEU A 162 9.11 6.46 27.46
CA LEU A 162 8.61 6.34 26.09
C LEU A 162 9.76 6.46 25.07
N ASP A 163 10.70 7.36 25.34
CA ASP A 163 11.88 7.48 24.48
C ASP A 163 12.68 6.18 24.47
N ILE A 164 12.87 5.59 25.66
CA ILE A 164 13.64 4.33 25.80
C ILE A 164 12.91 3.19 25.08
N LEU A 165 11.59 3.08 25.30
CA LEU A 165 10.84 2.00 24.71
C LEU A 165 10.83 2.11 23.20
N GLU A 166 10.64 3.33 22.66
CA GLU A 166 10.64 3.48 21.22
C GLU A 166 11.99 3.00 20.66
N TYR A 167 13.07 3.41 21.31
CA TYR A 167 14.41 3.01 20.90
C TYR A 167 14.58 1.48 20.89
N ILE A 168 14.32 0.83 22.01
CA ILE A 168 14.54 -0.65 22.06
C ILE A 168 13.60 -1.39 21.09
N HIS A 169 12.35 -0.92 21.00
CA HIS A 169 11.37 -1.49 20.05
C HIS A 169 11.85 -1.39 18.60
N GLU A 170 12.40 -0.24 18.25
CA GLU A 170 12.97 -0.04 16.91
C GLU A 170 14.23 -0.87 16.69
N HIS A 171 14.87 -1.35 17.75
CA HIS A 171 15.99 -2.27 17.64
C HIS A 171 15.63 -3.72 18.03
N GLU A 172 14.35 -4.07 17.81
CA GLU A 172 13.85 -5.46 17.78
C GLU A 172 13.56 -6.09 19.13
N TYR A 173 13.66 -5.30 20.21
CA TYR A 173 13.46 -5.82 21.54
C TYR A 173 12.33 -5.15 22.30
N VAL A 174 11.68 -5.94 23.17
CA VAL A 174 10.82 -5.44 24.21
C VAL A 174 11.40 -5.82 25.55
N HIS A 175 11.10 -5.02 26.57
CA HIS A 175 11.64 -5.22 27.92
C HIS A 175 10.82 -6.19 28.78
N GLY A 176 9.52 -5.95 28.83
CA GLY A 176 8.59 -6.83 29.54
C GLY A 176 8.55 -6.68 31.05
N ASP A 177 9.43 -5.87 31.64
CA ASP A 177 9.50 -5.73 33.09
C ASP A 177 9.80 -4.33 33.63
N ILE A 178 9.19 -3.32 33.04
CA ILE A 178 9.33 -1.95 33.48
C ILE A 178 8.70 -1.81 34.87
N LYS A 179 9.49 -1.23 35.79
CA LYS A 179 9.07 -0.96 37.15
C LYS A 179 10.13 -0.10 37.82
N ALA A 180 9.77 0.50 38.96
CA ALA A 180 10.64 1.44 39.65
C ALA A 180 11.99 0.83 40.06
N SER A 181 12.01 -0.44 40.47
CA SER A 181 13.29 -1.07 40.82
C SER A 181 14.23 -1.32 39.63
N ASN A 182 13.69 -1.29 38.41
CA ASN A 182 14.48 -1.36 37.15
C ASN A 182 14.75 0.01 36.51
N LEU A 183 14.50 1.10 37.26
CA LEU A 183 14.75 2.45 36.80
C LEU A 183 15.76 3.09 37.73
N LEU A 184 16.90 3.48 37.17
CA LEU A 184 18.04 4.01 37.94
C LEU A 184 18.40 5.39 37.47
N LEU A 185 18.82 6.24 38.41
CA LEU A 185 19.23 7.60 38.10
C LEU A 185 20.68 7.64 37.67
N ASN A 186 21.00 8.53 36.76
CA ASN A 186 22.40 8.86 36.43
C ASN A 186 23.08 9.27 37.75
N TYR A 187 24.22 8.62 38.02
CA TYR A 187 25.01 8.85 39.22
C TYR A 187 25.38 10.32 39.41
N LYS A 188 25.62 11.03 38.29
CA LYS A 188 26.00 12.44 38.32
C LYS A 188 24.87 13.40 37.90
N ASN A 189 23.66 12.90 37.63
CA ASN A 189 22.57 13.77 37.20
C ASN A 189 21.22 13.15 37.60
N PRO A 190 20.64 13.65 38.71
CA PRO A 190 19.36 13.08 39.18
C PRO A 190 18.12 13.35 38.32
N ASP A 191 18.26 14.07 37.21
CA ASP A 191 17.15 14.27 36.28
C ASP A 191 17.16 13.31 35.10
N GLN A 192 18.12 12.37 35.05
CA GLN A 192 18.19 11.41 33.96
C GLN A 192 17.93 10.02 34.50
N VAL A 193 16.87 9.38 33.99
CA VAL A 193 16.50 8.04 34.42
C VAL A 193 16.82 7.05 33.29
N TYR A 194 17.31 5.87 33.69
CA TYR A 194 17.70 4.78 32.82
C TYR A 194 16.91 3.49 33.15
N LEU A 195 16.55 2.73 32.13
CA LEU A 195 15.88 1.46 32.26
C LEU A 195 16.95 0.36 32.16
N VAL A 196 17.03 -0.47 33.19
CA VAL A 196 18.00 -1.54 33.28
C VAL A 196 17.33 -2.90 33.36
N ASP A 197 18.16 -3.95 33.27
CA ASP A 197 17.78 -5.36 33.34
C ASP A 197 17.18 -5.91 32.06
N TYR A 198 18.04 -6.32 31.13
CA TYR A 198 17.58 -6.88 29.87
C TYR A 198 17.80 -8.40 29.84
N GLY A 199 17.97 -8.98 31.02
CA GLY A 199 18.26 -10.44 31.12
C GLY A 199 17.10 -11.30 30.66
N LEU A 200 15.91 -10.75 30.81
CA LEU A 200 14.71 -11.40 30.39
C LEU A 200 14.02 -10.62 29.27
N ALA A 201 14.77 -9.78 28.52
CA ALA A 201 14.24 -9.02 27.39
C ALA A 201 13.95 -10.00 26.26
N TYR A 202 13.06 -9.61 25.37
CA TYR A 202 12.65 -10.48 24.29
C TYR A 202 12.80 -9.84 22.93
N ARG A 203 13.39 -10.59 22.01
CA ARG A 203 13.57 -10.13 20.65
C ARG A 203 12.33 -10.52 19.88
N TYR A 204 11.34 -9.62 19.92
CA TYR A 204 10.04 -9.80 19.29
C TYR A 204 10.03 -9.69 17.78
N CYS A 205 11.06 -9.09 17.22
CA CYS A 205 11.06 -8.80 15.78
C CYS A 205 12.42 -9.11 15.13
N PRO A 206 12.95 -10.36 15.28
CA PRO A 206 14.29 -10.65 14.73
C PRO A 206 14.30 -10.50 13.20
N GLU A 207 15.26 -9.69 12.70
CA GLU A 207 15.38 -9.36 11.28
C GLU A 207 14.10 -8.82 10.66
N GLY A 208 13.36 -8.03 11.42
CA GLY A 208 12.11 -7.44 10.93
C GLY A 208 10.89 -8.35 10.85
N VAL A 209 10.98 -9.59 11.33
CA VAL A 209 9.85 -10.52 11.28
C VAL A 209 9.21 -10.64 12.67
N HIS A 210 7.98 -10.14 12.81
CA HIS A 210 7.31 -10.11 14.11
C HIS A 210 6.93 -11.53 14.55
N LYS A 211 7.17 -11.84 15.82
CA LYS A 211 6.69 -13.10 16.42
C LYS A 211 5.18 -13.17 16.35
N ALA A 212 4.69 -14.38 16.11
CA ALA A 212 3.27 -14.65 16.01
C ALA A 212 2.64 -14.56 17.39
N TYR A 213 1.32 -14.45 17.42
CA TYR A 213 0.60 -14.31 18.68
C TYR A 213 0.44 -15.67 19.35
N ALA A 214 1.51 -16.10 20.02
CA ALA A 214 1.56 -17.39 20.71
C ALA A 214 2.71 -17.48 21.71
N ALA A 215 2.62 -18.47 22.59
CA ALA A 215 3.72 -18.81 23.50
C ALA A 215 5.03 -19.07 22.80
N ASP A 216 6.17 -18.64 23.36
CA ASP A 216 7.46 -19.05 22.90
C ASP A 216 8.06 -20.04 23.92
N PRO A 217 8.26 -21.33 23.53
CA PRO A 217 8.84 -22.30 24.48
C PRO A 217 10.20 -21.87 25.08
N LYS A 218 11.00 -21.13 24.31
CA LYS A 218 12.26 -20.57 24.81
C LYS A 218 12.09 -19.60 25.99
N ARG A 219 10.95 -18.94 26.08
CA ARG A 219 10.73 -17.98 27.15
C ARG A 219 9.86 -18.50 28.28
N CYS A 220 10.37 -18.43 29.51
CA CYS A 220 9.62 -18.84 30.70
C CYS A 220 9.26 -17.69 31.64
N HIS A 221 9.44 -16.45 31.20
CA HIS A 221 9.19 -15.31 32.07
C HIS A 221 7.91 -14.53 31.79
N ASP A 222 7.13 -14.31 32.84
CA ASP A 222 5.87 -13.59 32.74
C ASP A 222 5.89 -12.14 33.22
N GLY A 223 7.06 -11.65 33.63
CA GLY A 223 7.18 -10.29 34.14
C GLY A 223 6.94 -10.25 35.64
N THR A 224 6.63 -9.06 36.13
CA THR A 224 6.29 -8.84 37.55
C THR A 224 4.77 -8.79 37.62
N ILE A 225 4.19 -9.71 38.37
CA ILE A 225 2.76 -9.96 38.30
C ILE A 225 1.83 -8.72 38.40
N GLU A 226 2.12 -7.79 39.31
CA GLU A 226 1.25 -6.62 39.45
C GLU A 226 1.26 -5.66 38.26
N PHE A 227 2.37 -5.64 37.51
CA PHE A 227 2.54 -4.73 36.40
C PHE A 227 2.47 -5.37 35.00
N THR A 228 2.51 -6.68 34.90
CA THR A 228 2.69 -7.33 33.60
C THR A 228 1.45 -7.18 32.70
N SER A 229 1.68 -7.41 31.41
CA SER A 229 0.65 -7.23 30.41
C SER A 229 -0.37 -8.37 30.40
N ILE A 230 -1.56 -8.05 29.91
CA ILE A 230 -2.60 -9.06 29.61
C ILE A 230 -2.04 -10.13 28.67
N ASP A 231 -1.28 -9.73 27.67
CA ASP A 231 -0.62 -10.68 26.77
C ASP A 231 0.22 -11.72 27.53
N ALA A 232 1.04 -11.23 28.44
CA ALA A 232 1.89 -12.11 29.29
C ALA A 232 1.01 -13.03 30.15
N HIS A 233 -0.05 -12.47 30.72
CA HIS A 233 -1.01 -13.29 31.50
C HIS A 233 -1.64 -14.38 30.66
N ASN A 234 -1.88 -14.09 29.38
CA ASN A 234 -2.46 -15.05 28.44
C ASN A 234 -1.46 -16.10 27.93
N GLY A 235 -0.22 -15.99 28.36
CA GLY A 235 0.82 -16.94 28.01
C GLY A 235 1.43 -16.63 26.66
N VAL A 236 1.27 -15.41 26.11
CA VAL A 236 1.85 -15.20 24.81
C VAL A 236 3.12 -14.38 25.04
N ALA A 237 3.99 -14.48 24.07
CA ALA A 237 5.26 -13.72 24.11
C ALA A 237 4.96 -12.23 24.16
N PRO A 238 5.76 -11.48 24.91
CA PRO A 238 5.53 -10.05 25.00
C PRO A 238 5.76 -9.30 23.69
N SER A 239 4.98 -8.25 23.44
CA SER A 239 5.20 -7.37 22.28
C SER A 239 5.15 -5.91 22.72
N ARG A 240 5.14 -5.02 21.75
CA ARG A 240 5.26 -3.59 22.02
C ARG A 240 4.10 -3.04 22.84
N ARG A 241 2.86 -3.42 22.49
CA ARG A 241 1.73 -2.92 23.26
C ARG A 241 1.86 -3.28 24.74
N GLY A 242 2.38 -4.48 25.03
CA GLY A 242 2.55 -4.91 26.39
C GLY A 242 3.47 -4.00 27.21
N ASP A 243 4.58 -3.59 26.61
CA ASP A 243 5.49 -2.66 27.29
C ASP A 243 4.76 -1.35 27.65
N LEU A 244 3.92 -0.86 26.73
CA LEU A 244 3.19 0.39 26.98
C LEU A 244 2.13 0.22 28.07
N GLU A 245 1.51 -0.96 28.08
CA GLU A 245 0.53 -1.29 29.09
C GLU A 245 1.16 -1.35 30.51
N ILE A 246 2.33 -2.00 30.60
CA ILE A 246 3.10 -2.07 31.83
C ILE A 246 3.39 -0.68 32.37
N LEU A 247 3.86 0.20 31.49
CA LEU A 247 4.09 1.57 31.88
C LEU A 247 2.80 2.27 32.42
N GLY A 248 1.66 2.00 31.79
CA GLY A 248 0.36 2.46 32.30
C GLY A 248 0.08 2.10 33.78
N TYR A 249 0.27 0.82 34.09
CA TYR A 249 0.08 0.34 35.46
C TYR A 249 1.09 0.98 36.41
N CYS A 250 2.35 1.12 35.96
CA CYS A 250 3.34 1.86 36.75
C CYS A 250 2.89 3.29 37.10
N MET A 251 2.39 4.01 36.10
CA MET A 251 1.97 5.40 36.30
C MET A 251 0.91 5.52 37.42
N ILE A 252 -0.06 4.62 37.38
CA ILE A 252 -1.12 4.60 38.37
C ILE A 252 -0.57 4.26 39.76
N GLN A 253 0.26 3.20 39.85
CA GLN A 253 0.93 2.85 41.09
C GLN A 253 1.71 4.04 41.67
N TRP A 254 2.45 4.73 40.81
CA TRP A 254 3.27 5.86 41.27
C TRP A 254 2.42 7.06 41.74
N LEU A 255 1.33 7.34 41.03
CA LEU A 255 0.49 8.46 41.37
C LEU A 255 -0.31 8.25 42.67
N THR A 256 -0.78 7.01 42.89
CA THR A 256 -1.78 6.72 43.94
C THR A 256 -1.27 5.86 45.11
N GLY A 257 -0.12 5.22 44.95
CA GLY A 257 0.38 4.25 45.92
C GLY A 257 -0.20 2.84 45.82
N HIS A 258 -1.10 2.58 44.88
CA HIS A 258 -1.85 1.33 44.84
C HIS A 258 -2.22 0.91 43.41
N LEU A 259 -2.54 -0.38 43.28
CA LEU A 259 -3.27 -0.91 42.13
C LEU A 259 -4.44 -1.76 42.65
N PRO A 260 -5.55 -1.84 41.90
CA PRO A 260 -6.76 -2.54 42.41
C PRO A 260 -6.55 -4.02 42.79
N TRP A 261 -5.63 -4.70 42.10
CA TRP A 261 -5.43 -6.15 42.25
C TRP A 261 -4.30 -6.52 43.24
N GLU A 262 -3.73 -5.52 43.91
CA GLU A 262 -2.55 -5.70 44.77
C GLU A 262 -2.76 -6.59 46.00
N ASP A 263 -3.99 -6.80 46.44
CA ASP A 263 -4.23 -7.72 47.55
C ASP A 263 -4.44 -9.17 47.15
N ASN A 264 -4.21 -9.52 45.90
CA ASN A 264 -4.46 -10.86 45.40
C ASN A 264 -3.37 -11.33 44.41
N LEU A 265 -2.12 -10.94 44.65
CA LEU A 265 -1.06 -11.14 43.70
C LEU A 265 -0.59 -12.60 43.72
N LYS A 266 -0.96 -13.38 44.72
CA LYS A 266 -0.71 -14.82 44.68
C LYS A 266 -1.64 -15.59 43.73
N ASP A 267 -2.67 -14.92 43.19
CA ASP A 267 -3.61 -15.55 42.27
C ASP A 267 -3.57 -14.84 40.89
N PRO A 268 -2.73 -15.35 39.99
CA PRO A 268 -2.64 -14.77 38.68
C PRO A 268 -3.91 -14.74 37.83
N LYS A 269 -4.82 -15.68 38.01
CA LYS A 269 -6.12 -15.65 37.32
C LYS A 269 -6.90 -14.39 37.73
N TYR A 270 -6.86 -14.07 39.02
CA TYR A 270 -7.53 -12.90 39.56
C TYR A 270 -6.93 -11.62 38.99
N VAL A 271 -5.60 -11.56 38.95
CA VAL A 271 -4.90 -10.39 38.46
C VAL A 271 -5.25 -10.18 36.98
N ARG A 272 -5.20 -11.26 36.21
CA ARG A 272 -5.53 -11.18 34.77
C ARG A 272 -6.99 -10.72 34.60
N ASP A 273 -7.92 -11.36 35.31
CA ASP A 273 -9.36 -11.05 35.19
C ASP A 273 -9.63 -9.54 35.46
N SER A 274 -9.00 -9.05 36.52
CA SER A 274 -9.18 -7.69 36.89
C SER A 274 -8.59 -6.69 35.82
N LYS A 275 -7.40 -6.97 35.32
CA LYS A 275 -6.83 -6.19 34.23
C LYS A 275 -7.69 -6.20 32.96
N ILE A 276 -8.24 -7.35 32.61
CA ILE A 276 -9.11 -7.46 31.43
C ILE A 276 -10.36 -6.59 31.60
N ARG A 277 -10.98 -6.72 32.78
CA ARG A 277 -12.19 -5.95 33.06
C ARG A 277 -11.94 -4.43 33.07
N TYR A 278 -10.81 -4.02 33.65
CA TYR A 278 -10.47 -2.60 33.69
C TYR A 278 -9.99 -2.06 32.37
N ARG A 279 -9.48 -2.91 31.49
CA ARG A 279 -9.19 -2.50 30.12
C ARG A 279 -10.49 -2.28 29.32
N GLU A 280 -11.48 -3.17 29.50
CA GLU A 280 -12.74 -2.98 28.83
C GLU A 280 -13.46 -1.68 29.27
N ASN A 281 -13.31 -1.27 30.53
CA ASN A 281 -13.98 -0.10 31.13
C ASN A 281 -12.94 0.79 31.88
N ILE A 282 -12.22 1.60 31.10
CA ILE A 282 -11.17 2.47 31.66
C ILE A 282 -11.70 3.52 32.65
N ALA A 283 -12.92 4.03 32.39
CA ALA A 283 -13.56 4.95 33.32
C ALA A 283 -13.70 4.30 34.70
N SER A 284 -14.04 3.01 34.76
CA SER A 284 -14.14 2.32 36.04
C SER A 284 -12.76 2.16 36.71
N LEU A 285 -11.72 1.97 35.92
CA LEU A 285 -10.37 1.98 36.49
C LEU A 285 -10.03 3.32 37.14
N MET A 286 -10.32 4.41 36.43
CA MET A 286 -10.07 5.75 36.96
C MET A 286 -10.88 6.02 38.23
N ASP A 287 -12.14 5.64 38.24
CA ASP A 287 -12.98 5.73 39.43
C ASP A 287 -12.44 4.93 40.62
N LYS A 288 -11.97 3.72 40.36
CA LYS A 288 -11.38 2.88 41.41
C LYS A 288 -10.08 3.48 41.97
N CYS A 289 -9.20 3.92 41.09
CA CYS A 289 -7.84 4.34 41.48
C CYS A 289 -7.69 5.77 41.96
N PHE A 290 -8.59 6.66 41.52
CA PHE A 290 -8.54 8.06 41.90
C PHE A 290 -9.77 8.49 42.69
N PRO A 291 -9.59 9.48 43.59
CA PRO A 291 -10.75 10.04 44.30
C PRO A 291 -11.77 10.62 43.27
N ALA A 292 -13.03 10.62 43.66
CA ALA A 292 -13.92 11.60 43.09
C ALA A 292 -14.13 11.48 41.58
N ALA A 293 -14.32 12.63 40.96
CA ALA A 293 -14.05 12.87 39.53
C ALA A 293 -12.81 13.75 39.63
N ASN A 294 -11.74 13.08 40.02
CA ASN A 294 -10.45 13.74 40.13
C ASN A 294 -9.32 12.88 39.55
N ALA A 295 -9.59 12.17 38.48
CA ALA A 295 -8.57 11.44 37.70
C ALA A 295 -7.79 12.33 36.74
N PRO A 296 -6.45 12.19 36.64
CA PRO A 296 -5.75 12.90 35.57
C PRO A 296 -6.10 12.35 34.17
N GLY A 297 -6.68 13.23 33.35
CA GLY A 297 -7.23 12.85 32.03
C GLY A 297 -6.24 12.21 31.08
N GLU A 298 -4.98 12.64 31.15
CA GLU A 298 -3.93 12.07 30.31
C GLU A 298 -3.68 10.58 30.56
N ILE A 299 -3.89 10.13 31.80
CA ILE A 299 -3.69 8.72 32.11
C ILE A 299 -4.77 7.88 31.41
N ALA A 300 -6.02 8.33 31.51
CA ALA A 300 -7.10 7.65 30.80
C ALA A 300 -6.88 7.63 29.28
N LYS A 301 -6.51 8.77 28.72
CA LYS A 301 -6.27 8.84 27.27
C LYS A 301 -5.11 7.95 26.84
N TYR A 302 -4.05 7.93 27.65
CA TYR A 302 -2.90 7.03 27.40
C TYR A 302 -3.39 5.58 27.30
N MET A 303 -4.15 5.13 28.30
CA MET A 303 -4.63 3.75 28.35
C MET A 303 -5.60 3.40 27.21
N GLU A 304 -6.48 4.34 26.84
CA GLU A 304 -7.38 4.18 25.69
C GLU A 304 -6.59 4.00 24.38
N THR A 305 -5.53 4.78 24.23
CA THR A 305 -4.69 4.69 23.05
C THR A 305 -3.96 3.34 22.97
N VAL A 306 -3.43 2.88 24.11
CA VAL A 306 -2.77 1.57 24.15
C VAL A 306 -3.75 0.43 23.90
N LYS A 307 -4.97 0.55 24.42
CA LYS A 307 -6.06 -0.42 24.18
C LYS A 307 -6.32 -0.63 22.69
N LEU A 308 -6.16 0.41 21.88
CA LEU A 308 -6.38 0.31 20.43
C LEU A 308 -5.29 -0.44 19.65
N LEU A 309 -4.15 -0.73 20.27
CA LEU A 309 -3.04 -1.41 19.57
C LEU A 309 -3.32 -2.89 19.40
N ASP A 310 -3.15 -3.39 18.19
CA ASP A 310 -3.10 -4.83 17.94
C ASP A 310 -1.74 -5.41 18.36
N TYR A 311 -1.69 -6.73 18.51
CA TYR A 311 -0.49 -7.42 18.99
C TYR A 311 0.79 -7.09 18.22
N THR A 312 0.68 -7.08 16.89
CA THR A 312 1.87 -6.80 16.05
C THR A 312 2.01 -5.33 15.67
N GLU A 313 1.12 -4.47 16.13
CA GLU A 313 1.06 -3.09 15.61
C GLU A 313 2.18 -2.20 16.16
N LYS A 314 2.77 -1.40 15.29
CA LYS A 314 3.69 -0.37 15.72
C LYS A 314 2.96 0.78 16.43
N PRO A 315 3.34 1.08 17.68
CA PRO A 315 2.74 2.24 18.37
C PRO A 315 3.05 3.59 17.72
N LEU A 316 2.13 4.54 17.84
CA LEU A 316 2.43 5.94 17.52
C LEU A 316 2.95 6.60 18.79
N TYR A 317 4.26 6.49 18.98
CA TYR A 317 4.90 6.93 20.24
C TYR A 317 4.79 8.44 20.44
N GLU A 318 4.83 9.20 19.35
CA GLU A 318 4.73 10.66 19.43
C GLU A 318 3.34 11.09 19.91
N ASN A 319 2.28 10.42 19.43
CA ASN A 319 0.92 10.63 19.90
C ASN A 319 0.82 10.35 21.43
N LEU A 320 1.48 9.28 21.91
CA LEU A 320 1.51 8.99 23.36
C LEU A 320 2.24 10.06 24.15
N ARG A 321 3.37 10.52 23.61
CA ARG A 321 4.12 11.58 24.26
C ARG A 321 3.29 12.88 24.30
N ASP A 322 2.58 13.19 23.23
CA ASP A 322 1.72 14.38 23.17
C ASP A 322 0.60 14.30 24.22
N ILE A 323 0.02 13.13 24.39
CA ILE A 323 -1.00 12.92 25.44
C ILE A 323 -0.42 13.28 26.83
N LEU A 324 0.79 12.81 27.13
CA LEU A 324 1.43 13.15 28.41
C LEU A 324 1.82 14.62 28.49
N LEU A 325 2.27 15.21 27.39
CA LEU A 325 2.57 16.64 27.36
C LEU A 325 1.34 17.50 27.68
N GLN A 326 0.15 17.09 27.25
CA GLN A 326 -1.08 17.80 27.60
C GLN A 326 -1.31 17.80 29.11
N GLY A 327 -0.93 16.72 29.80
CA GLY A 327 -0.94 16.64 31.29
C GLY A 327 -0.03 17.70 31.93
N LEU A 328 1.18 17.84 31.41
CA LEU A 328 2.08 18.89 31.87
C LEU A 328 1.52 20.29 31.67
N LYS A 329 0.92 20.55 30.51
CA LYS A 329 0.27 21.87 30.26
C LYS A 329 -0.89 22.08 31.23
N ALA A 330 -1.66 21.02 31.50
CA ALA A 330 -2.78 21.10 32.46
C ALA A 330 -2.35 21.51 33.89
N ILE A 331 -1.17 21.11 34.33
CA ILE A 331 -0.64 21.51 35.65
C ILE A 331 0.24 22.76 35.62
N GLY A 332 0.26 23.48 34.49
CA GLY A 332 0.99 24.73 34.40
C GLY A 332 2.49 24.55 34.19
N SER A 333 2.89 23.42 33.62
CA SER A 333 4.31 23.13 33.43
C SER A 333 4.61 22.87 31.95
N LYS A 334 5.78 22.27 31.70
CA LYS A 334 6.25 21.98 30.35
C LYS A 334 7.30 20.90 30.50
N ASP A 335 7.66 20.26 29.39
CA ASP A 335 8.74 19.26 29.42
C ASP A 335 10.09 19.99 29.49
N ASP A 336 10.52 20.27 30.72
CA ASP A 336 11.81 20.91 30.99
C ASP A 336 12.84 19.87 31.49
N GLY A 337 12.53 18.58 31.35
CA GLY A 337 13.41 17.51 31.82
C GLY A 337 13.61 17.39 33.33
N LYS A 338 12.86 18.13 34.14
CA LYS A 338 13.02 18.12 35.61
C LYS A 338 12.16 17.00 36.22
N LEU A 339 12.82 15.99 36.79
CA LEU A 339 12.10 14.87 37.41
C LEU A 339 11.48 15.22 38.75
N ASP A 340 12.00 16.25 39.43
CA ASP A 340 11.48 16.73 40.70
C ASP A 340 11.53 15.67 41.82
N LEU A 341 12.60 14.89 41.89
CA LEU A 341 12.72 13.83 42.87
C LEU A 341 13.36 14.42 44.14
N GLU B 21 -45.26 22.55 1.34
CA GLU B 21 -44.73 23.90 0.98
C GLU B 21 -44.14 24.60 2.21
N GLN B 22 -43.54 23.84 3.13
CA GLN B 22 -42.82 24.39 4.30
C GLN B 22 -41.76 25.39 3.81
N PHE B 23 -40.96 24.99 2.82
CA PHE B 23 -40.10 25.90 2.04
C PHE B 23 -40.52 25.94 0.58
N ALA B 24 -40.27 27.06 -0.06
CA ALA B 24 -40.42 27.22 -1.49
C ALA B 24 -39.16 26.69 -2.17
N VAL B 25 -39.29 26.05 -3.32
CA VAL B 25 -38.13 25.79 -4.21
C VAL B 25 -37.40 27.10 -4.53
N GLY B 26 -36.10 27.10 -4.37
CA GLY B 26 -35.27 28.28 -4.49
C GLY B 26 -35.13 29.17 -3.26
N GLU B 27 -35.80 28.85 -2.16
CA GLU B 27 -35.71 29.70 -0.96
C GLU B 27 -34.34 29.64 -0.30
N ILE B 28 -33.90 30.75 0.26
CA ILE B 28 -32.57 30.85 0.86
C ILE B 28 -32.71 30.81 2.36
N ILE B 29 -32.01 29.89 2.99
CA ILE B 29 -32.01 29.78 4.46
C ILE B 29 -30.58 29.98 4.98
N THR B 30 -30.46 30.55 6.18
CA THR B 30 -29.18 30.87 6.79
C THR B 30 -29.05 30.12 8.12
N ASP B 31 -27.97 29.36 8.26
CA ASP B 31 -27.77 28.55 9.45
C ASP B 31 -27.12 29.36 10.59
N MET B 32 -26.88 28.69 11.72
CA MET B 32 -26.29 29.31 12.90
C MET B 32 -24.88 29.87 12.73
N ALA B 33 -24.13 29.34 11.78
CA ALA B 33 -22.79 29.82 11.40
C ALA B 33 -22.84 30.89 10.34
N ALA B 34 -24.04 31.39 10.04
CA ALA B 34 -24.30 32.37 8.98
C ALA B 34 -24.00 31.90 7.55
N ALA B 35 -23.90 30.58 7.34
CA ALA B 35 -23.75 30.03 6.00
C ALA B 35 -25.13 29.98 5.30
N ALA B 36 -25.16 30.38 4.04
CA ALA B 36 -26.37 30.43 3.22
C ALA B 36 -26.56 29.14 2.42
N TRP B 37 -27.79 28.63 2.43
CA TRP B 37 -28.17 27.43 1.69
C TRP B 37 -29.42 27.74 0.87
N LYS B 38 -29.50 27.06 -0.30
CA LYS B 38 -30.65 27.18 -1.18
C LYS B 38 -31.39 25.84 -1.21
N VAL B 39 -32.71 25.91 -1.19
CA VAL B 39 -33.57 24.72 -1.14
C VAL B 39 -34.01 24.33 -2.55
N GLY B 40 -34.00 23.03 -2.84
CA GLY B 40 -34.47 22.49 -4.11
C GLY B 40 -35.74 21.68 -3.92
N LEU B 41 -35.94 20.63 -4.73
CA LEU B 41 -37.21 19.88 -4.70
C LEU B 41 -37.34 19.02 -3.45
N PRO B 42 -38.58 18.80 -2.99
CA PRO B 42 -38.80 17.80 -1.95
C PRO B 42 -38.48 16.39 -2.43
N ILE B 43 -38.20 15.48 -1.52
CA ILE B 43 -37.99 14.08 -1.90
C ILE B 43 -38.86 13.14 -1.06
N GLY B 44 -39.08 13.47 0.22
CA GLY B 44 -40.06 12.74 1.06
C GLY B 44 -40.22 13.31 2.46
N GLY B 49 -42.51 16.54 9.64
CA GLY B 49 -41.59 17.27 8.77
C GLY B 49 -41.56 16.86 7.29
N CYS B 50 -40.77 17.61 6.51
CA CYS B 50 -40.45 17.29 5.13
C CYS B 50 -38.93 17.32 4.95
N ILE B 51 -38.46 16.80 3.82
CA ILE B 51 -37.05 16.74 3.46
C ILE B 51 -36.88 17.19 2.01
N TYR B 52 -35.95 18.10 1.77
CA TYR B 52 -35.70 18.66 0.46
C TYR B 52 -34.22 18.52 0.10
N LEU B 53 -33.93 18.42 -1.20
CA LEU B 53 -32.56 18.59 -1.67
C LEU B 53 -32.09 20.02 -1.35
N ALA B 54 -30.79 20.18 -1.14
CA ALA B 54 -30.21 21.47 -0.79
C ALA B 54 -28.77 21.56 -1.23
N ASP B 55 -28.32 22.81 -1.40
CA ASP B 55 -26.93 23.09 -1.73
C ASP B 55 -26.56 24.47 -1.20
N MET B 56 -25.25 24.76 -1.22
CA MET B 56 -24.75 26.08 -0.86
C MET B 56 -25.41 27.12 -1.76
N ASN B 57 -25.68 28.30 -1.22
CA ASN B 57 -26.33 29.31 -2.02
C ASN B 57 -25.41 29.74 -3.15
N SER B 58 -25.96 29.90 -4.35
CA SER B 58 -25.25 30.32 -5.55
C SER B 58 -26.25 30.86 -6.54
N SER B 59 -25.76 31.38 -7.68
CA SER B 59 -26.59 31.75 -8.81
C SER B 59 -27.28 30.56 -9.51
N GLU B 60 -26.72 29.35 -9.38
CA GLU B 60 -27.37 28.15 -9.92
C GLU B 60 -28.54 27.70 -9.04
N SER B 61 -29.53 27.07 -9.66
CA SER B 61 -30.60 26.40 -8.91
C SER B 61 -30.11 25.05 -8.38
N VAL B 62 -30.78 24.52 -7.36
CA VAL B 62 -30.39 23.26 -6.76
C VAL B 62 -30.89 22.14 -7.67
N GLY B 63 -29.96 21.29 -8.14
CA GLY B 63 -30.27 20.22 -9.09
C GLY B 63 -30.59 18.90 -8.42
N SER B 64 -30.89 17.91 -9.24
CA SER B 64 -31.24 16.58 -8.74
C SER B 64 -30.04 15.78 -8.25
N ASP B 65 -28.83 16.29 -8.54
CA ASP B 65 -27.57 15.74 -8.02
C ASP B 65 -27.03 16.53 -6.80
N ALA B 66 -27.89 17.22 -6.09
CA ALA B 66 -27.49 18.02 -4.92
C ALA B 66 -26.78 17.14 -3.87
N PRO B 67 -25.73 17.69 -3.23
CA PRO B 67 -24.98 16.91 -2.25
C PRO B 67 -25.54 16.93 -0.85
N CYS B 68 -26.56 17.76 -0.59
CA CYS B 68 -27.16 17.83 0.74
C CYS B 68 -28.67 17.72 0.70
N VAL B 69 -29.25 17.53 1.87
CA VAL B 69 -30.66 17.68 2.11
C VAL B 69 -30.90 18.62 3.29
N VAL B 70 -32.09 19.20 3.32
CA VAL B 70 -32.54 19.94 4.48
C VAL B 70 -33.79 19.24 5.05
N LYS B 71 -33.72 18.91 6.33
CA LYS B 71 -34.86 18.40 7.13
C LYS B 71 -35.49 19.57 7.88
N VAL B 72 -36.82 19.69 7.81
CA VAL B 72 -37.53 20.86 8.35
C VAL B 72 -38.75 20.39 9.17
N GLU B 73 -38.95 20.99 10.34
CA GLU B 73 -40.19 20.86 11.12
C GLU B 73 -40.54 22.23 11.69
N PRO B 74 -41.79 22.41 12.15
CA PRO B 74 -42.08 23.62 12.95
C PRO B 74 -41.15 23.75 14.17
N GLY B 78 -40.63 17.67 18.05
CA GLY B 78 -39.75 16.97 18.96
C GLY B 78 -38.63 16.19 18.29
N PRO B 79 -38.96 15.35 17.29
CA PRO B 79 -37.90 14.46 16.76
C PRO B 79 -36.70 15.19 16.13
N LEU B 80 -36.93 16.29 15.42
CA LEU B 80 -35.80 16.99 14.82
C LEU B 80 -34.93 17.65 15.91
N PHE B 81 -35.55 18.12 16.98
CA PHE B 81 -34.79 18.65 18.11
C PHE B 81 -33.92 17.57 18.77
N THR B 82 -34.47 16.38 18.97
CA THR B 82 -33.74 15.23 19.52
C THR B 82 -32.53 14.90 18.63
N GLU B 83 -32.79 14.80 17.34
CA GLU B 83 -31.80 14.49 16.36
C GLU B 83 -30.67 15.58 16.33
N LEU B 84 -31.06 16.84 16.38
CA LEU B 84 -30.11 17.92 16.40
C LEU B 84 -29.20 17.88 17.64
N LYS B 85 -29.78 17.58 18.80
CA LYS B 85 -28.97 17.44 20.01
C LYS B 85 -27.99 16.28 19.91
N PHE B 86 -28.43 15.16 19.31
CA PHE B 86 -27.54 14.01 19.02
C PHE B 86 -26.33 14.44 18.20
N TYR B 87 -26.59 15.07 17.06
CA TYR B 87 -25.51 15.47 16.16
C TYR B 87 -24.55 16.47 16.81
N GLN B 88 -25.09 17.46 17.53
CA GLN B 88 -24.25 18.45 18.19
C GLN B 88 -23.41 17.89 19.32
N ARG B 89 -23.91 16.90 20.05
CA ARG B 89 -23.15 16.32 21.15
C ARG B 89 -22.17 15.23 20.71
N ALA B 90 -22.65 14.37 19.83
CA ALA B 90 -22.02 13.05 19.59
C ALA B 90 -21.53 12.78 18.19
N ALA B 91 -21.95 13.60 17.22
CA ALA B 91 -21.68 13.27 15.82
C ALA B 91 -21.21 14.46 15.06
N LYS B 92 -20.37 15.26 15.71
CA LYS B 92 -19.73 16.36 15.02
C LYS B 92 -18.73 15.74 14.02
N PRO B 93 -18.54 16.36 12.86
CA PRO B 93 -17.56 15.88 11.88
C PRO B 93 -16.20 15.48 12.45
N GLU B 94 -15.65 16.30 13.33
CA GLU B 94 -14.34 16.07 13.96
C GLU B 94 -14.32 14.78 14.84
N GLN B 95 -15.44 14.55 15.53
CA GLN B 95 -15.56 13.36 16.37
C GLN B 95 -15.58 12.12 15.48
N ILE B 96 -16.34 12.18 14.39
CA ILE B 96 -16.40 11.07 13.45
C ILE B 96 -15.01 10.81 12.81
N GLN B 97 -14.36 11.87 12.36
CA GLN B 97 -13.06 11.73 11.73
C GLN B 97 -12.01 11.19 12.70
N LYS B 98 -12.01 11.67 13.96
CA LYS B 98 -11.11 11.12 14.95
C LYS B 98 -11.33 9.62 15.13
N TRP B 99 -12.59 9.20 15.20
CA TRP B 99 -12.90 7.79 15.37
C TRP B 99 -12.45 6.95 14.14
N ILE B 100 -12.70 7.43 12.92
CA ILE B 100 -12.27 6.72 11.72
C ILE B 100 -10.72 6.50 11.73
N ARG B 101 -9.98 7.55 12.07
CA ARG B 101 -8.53 7.47 12.19
C ARG B 101 -8.08 6.49 13.28
N THR B 102 -8.57 6.66 14.51
CA THR B 102 -8.09 5.85 15.64
C THR B 102 -8.48 4.38 15.55
N ARG B 103 -9.63 4.11 14.94
CA ARG B 103 -10.13 2.76 14.77
C ARG B 103 -9.68 2.13 13.45
N LYS B 104 -8.93 2.87 12.64
CA LYS B 104 -8.41 2.41 11.36
C LYS B 104 -9.54 1.89 10.47
N LEU B 105 -10.63 2.67 10.33
CA LEU B 105 -11.76 2.27 9.50
C LEU B 105 -11.57 2.86 8.12
N LYS B 106 -12.16 2.21 7.11
CA LYS B 106 -12.25 2.76 5.76
C LYS B 106 -13.24 3.93 5.76
N TYR B 107 -14.37 3.79 6.48
CA TYR B 107 -15.34 4.88 6.60
C TYR B 107 -16.17 4.62 7.85
N LEU B 108 -17.07 5.53 8.21
CA LEU B 108 -18.05 5.27 9.26
C LEU B 108 -19.42 5.78 8.82
N GLY B 109 -20.43 4.92 8.90
CA GLY B 109 -21.76 5.24 8.38
C GLY B 109 -22.64 6.10 9.28
N VAL B 110 -22.07 7.14 9.87
CA VAL B 110 -22.82 8.17 10.54
C VAL B 110 -22.87 9.37 9.59
N PRO B 111 -24.07 9.90 9.31
CA PRO B 111 -24.13 11.00 8.32
C PRO B 111 -23.43 12.25 8.75
N LYS B 112 -22.89 13.01 7.80
CA LYS B 112 -22.37 14.33 8.11
C LYS B 112 -23.48 15.37 8.29
N TYR B 113 -23.38 16.06 9.43
CA TYR B 113 -24.16 17.23 9.81
C TYR B 113 -23.44 18.50 9.34
N TRP B 114 -24.11 19.33 8.56
CA TRP B 114 -23.54 20.53 7.94
C TRP B 114 -23.97 21.85 8.59
N GLY B 115 -25.07 21.83 9.35
CA GLY B 115 -25.54 23.02 10.00
C GLY B 115 -27.01 22.93 10.33
N SER B 116 -27.46 23.94 11.06
CA SER B 116 -28.86 24.01 11.47
C SER B 116 -29.23 25.43 11.76
N GLY B 117 -30.54 25.65 11.83
CA GLY B 117 -31.04 26.98 12.04
C GLY B 117 -32.52 27.04 12.30
N LEU B 118 -32.98 28.28 12.29
CA LEU B 118 -34.39 28.64 12.36
C LEU B 118 -34.67 29.45 11.11
N HIS B 119 -35.80 29.15 10.48
CA HIS B 119 -36.27 29.93 9.33
C HIS B 119 -37.73 30.28 9.55
N ASP B 120 -38.06 31.56 9.48
CA ASP B 120 -39.41 32.01 9.83
C ASP B 120 -40.23 32.28 8.57
N LYS B 121 -41.54 32.00 8.67
CA LYS B 121 -42.55 32.34 7.64
C LYS B 121 -43.78 32.98 8.30
N SER B 125 -42.45 29.98 12.39
CA SER B 125 -41.09 29.59 12.76
C SER B 125 -40.82 28.10 12.51
N TYR B 126 -39.73 27.82 11.80
CA TYR B 126 -39.30 26.46 11.45
C TYR B 126 -37.84 26.10 11.79
N ARG B 127 -37.64 24.92 12.33
CA ARG B 127 -36.30 24.47 12.65
C ARG B 127 -35.78 23.60 11.51
N PHE B 128 -34.50 23.74 11.16
CA PHE B 128 -33.95 22.95 10.07
C PHE B 128 -32.53 22.44 10.28
N MET B 129 -32.25 21.30 9.66
N MET B 129 -32.25 21.30 9.66
CA MET B 129 -30.94 20.68 9.72
CA MET B 129 -30.94 20.67 9.73
C MET B 129 -30.48 20.32 8.31
C MET B 129 -30.48 20.31 8.31
N ILE B 130 -29.24 20.67 7.99
CA ILE B 130 -28.61 20.35 6.70
C ILE B 130 -27.73 19.11 6.88
N MET B 131 -27.98 18.07 6.10
CA MET B 131 -27.27 16.78 6.18
C MET B 131 -26.79 16.32 4.82
N ASP B 132 -25.93 15.29 4.80
CA ASP B 132 -25.58 14.60 3.56
C ASP B 132 -26.81 14.15 2.77
N ARG B 133 -26.73 14.30 1.45
CA ARG B 133 -27.61 13.60 0.55
C ARG B 133 -27.02 12.21 0.25
N PHE B 134 -27.87 11.18 0.34
CA PHE B 134 -27.52 9.80 0.01
C PHE B 134 -28.18 9.27 -1.28
N GLY B 135 -27.84 8.04 -1.66
CA GLY B 135 -28.54 7.33 -2.71
C GLY B 135 -29.73 6.56 -2.15
N SER B 136 -29.88 5.33 -2.63
CA SER B 136 -31.03 4.51 -2.30
C SER B 136 -31.00 4.02 -0.87
N ASP B 137 -32.18 3.82 -0.30
CA ASP B 137 -32.29 3.06 0.95
C ASP B 137 -32.19 1.55 0.64
N LEU B 138 -31.85 0.77 1.65
CA LEU B 138 -31.72 -0.70 1.50
C LEU B 138 -33.07 -1.43 1.32
N GLN B 139 -34.16 -0.85 1.83
CA GLN B 139 -35.49 -1.45 1.70
C GLN B 139 -35.93 -1.56 0.23
N LYS B 140 -35.69 -0.52 -0.55
CA LYS B 140 -35.99 -0.55 -1.99
C LYS B 140 -35.17 -1.64 -2.69
N ILE B 141 -33.89 -1.76 -2.35
CA ILE B 141 -33.02 -2.76 -2.98
C ILE B 141 -33.43 -4.19 -2.57
N TYR B 142 -33.74 -4.36 -1.29
CA TYR B 142 -34.25 -5.61 -0.75
C TYR B 142 -35.51 -6.10 -1.49
N GLU B 143 -36.49 -5.20 -1.65
CA GLU B 143 -37.72 -5.53 -2.39
C GLU B 143 -37.45 -5.83 -3.87
N ALA B 144 -36.53 -5.10 -4.49
CA ALA B 144 -36.13 -5.38 -5.88
C ALA B 144 -35.41 -6.72 -6.02
N ASN B 145 -34.85 -7.23 -4.93
CA ASN B 145 -34.24 -8.57 -4.89
C ASN B 145 -35.18 -9.66 -4.38
N ALA B 146 -36.51 -9.46 -4.52
CA ALA B 146 -37.53 -10.40 -4.03
C ALA B 146 -37.39 -10.68 -2.53
N LYS B 147 -37.09 -9.64 -1.76
CA LYS B 147 -36.96 -9.71 -0.30
C LYS B 147 -35.97 -10.76 0.22
N ARG B 148 -34.80 -10.78 -0.39
CA ARG B 148 -33.65 -11.55 0.09
C ARG B 148 -32.38 -10.74 -0.09
N PHE B 149 -31.51 -10.76 0.91
CA PHE B 149 -30.08 -10.48 0.70
C PHE B 149 -29.29 -11.77 0.93
N SER B 150 -28.18 -11.91 0.19
CA SER B 150 -27.28 -13.07 0.33
C SER B 150 -26.63 -13.03 1.72
N ARG B 151 -26.14 -14.19 2.15
CA ARG B 151 -25.38 -14.31 3.39
C ARG B 151 -24.17 -13.35 3.42
N LYS B 152 -23.44 -13.30 2.31
CA LYS B 152 -22.32 -12.35 2.10
C LYS B 152 -22.77 -10.91 2.38
N THR B 153 -23.84 -10.50 1.71
CA THR B 153 -24.38 -9.14 1.88
C THR B 153 -24.77 -8.84 3.33
N VAL B 154 -25.51 -9.75 3.94
CA VAL B 154 -25.98 -9.51 5.30
C VAL B 154 -24.80 -9.40 6.27
N LEU B 155 -23.80 -10.27 6.16
CA LEU B 155 -22.63 -10.19 7.04
C LEU B 155 -21.84 -8.87 6.82
N GLN B 156 -21.66 -8.48 5.56
CA GLN B 156 -20.95 -7.22 5.23
C GLN B 156 -21.71 -5.97 5.70
N LEU B 157 -23.04 -5.98 5.55
CA LEU B 157 -23.88 -4.91 6.12
C LEU B 157 -23.74 -4.84 7.61
N SER B 158 -23.82 -6.00 8.27
CA SER B 158 -23.84 -6.04 9.73
C SER B 158 -22.52 -5.66 10.38
N LEU B 159 -21.39 -6.03 9.78
CA LEU B 159 -20.09 -5.55 10.24
C LEU B 159 -20.05 -4.01 10.31
N ARG B 160 -20.54 -3.36 9.27
CA ARG B 160 -20.51 -1.89 9.19
C ARG B 160 -21.52 -1.27 10.16
N ILE B 161 -22.65 -1.94 10.35
CA ILE B 161 -23.62 -1.47 11.33
C ILE B 161 -23.04 -1.61 12.76
N LEU B 162 -22.27 -2.67 13.03
CA LEU B 162 -21.60 -2.81 14.31
C LEU B 162 -20.60 -1.65 14.54
N ASP B 163 -19.92 -1.20 13.48
CA ASP B 163 -19.01 -0.05 13.61
C ASP B 163 -19.83 1.19 14.03
N ILE B 164 -21.00 1.39 13.40
CA ILE B 164 -21.84 2.55 13.69
C ILE B 164 -22.39 2.48 15.14
N LEU B 165 -22.88 1.30 15.52
CA LEU B 165 -23.44 1.12 16.83
C LEU B 165 -22.39 1.31 17.91
N GLU B 166 -21.20 0.76 17.72
CA GLU B 166 -20.14 0.92 18.71
C GLU B 166 -19.84 2.42 18.88
N TYR B 167 -19.73 3.13 17.76
CA TYR B 167 -19.51 4.59 17.79
C TYR B 167 -20.57 5.31 18.61
N ILE B 168 -21.85 5.14 18.25
CA ILE B 168 -22.88 5.93 18.95
C ILE B 168 -22.98 5.51 20.43
N HIS B 169 -22.84 4.21 20.70
CA HIS B 169 -22.91 3.66 22.06
C HIS B 169 -21.81 4.24 22.93
N GLU B 170 -20.62 4.40 22.36
CA GLU B 170 -19.47 5.02 23.03
C GLU B 170 -19.66 6.54 23.25
N HIS B 171 -20.53 7.14 22.46
CA HIS B 171 -20.88 8.53 22.56
C HIS B 171 -22.19 8.77 23.36
N GLU B 172 -22.63 7.74 24.11
CA GLU B 172 -23.75 7.87 25.07
C GLU B 172 -25.14 7.68 24.48
N TYR B 173 -25.23 7.30 23.21
CA TYR B 173 -26.52 7.15 22.56
C TYR B 173 -26.79 5.75 22.00
N VAL B 174 -28.07 5.38 21.97
CA VAL B 174 -28.56 4.24 21.23
C VAL B 174 -29.55 4.73 20.17
N HIS B 175 -29.71 3.98 19.09
CA HIS B 175 -30.55 4.36 17.95
C HIS B 175 -32.01 3.88 18.11
N GLY B 176 -32.19 2.60 18.44
CA GLY B 176 -33.51 2.05 18.72
C GLY B 176 -34.41 1.72 17.52
N ASP B 177 -33.91 1.92 16.29
CA ASP B 177 -34.76 1.78 15.11
C ASP B 177 -33.97 1.45 13.84
N ILE B 178 -33.04 0.53 14.00
CA ILE B 178 -32.28 0.01 12.88
C ILE B 178 -33.24 -0.83 12.00
N LYS B 179 -33.23 -0.53 10.70
CA LYS B 179 -33.99 -1.25 9.70
C LYS B 179 -33.56 -0.81 8.32
N ALA B 180 -33.93 -1.59 7.31
CA ALA B 180 -33.47 -1.36 5.94
C ALA B 180 -33.86 0.02 5.40
N SER B 181 -35.05 0.51 5.74
CA SER B 181 -35.47 1.84 5.30
C SER B 181 -34.73 3.00 5.97
N ASN B 182 -34.04 2.74 7.07
CA ASN B 182 -33.13 3.72 7.72
C ASN B 182 -31.64 3.48 7.41
N LEU B 183 -31.37 2.66 6.38
CA LEU B 183 -30.02 2.40 5.94
C LEU B 183 -29.91 2.87 4.49
N LEU B 184 -29.04 3.87 4.26
CA LEU B 184 -28.86 4.48 2.97
C LEU B 184 -27.44 4.31 2.46
N LEU B 185 -27.32 4.20 1.14
CA LEU B 185 -26.01 4.08 0.50
C LEU B 185 -25.39 5.45 0.28
N ASN B 186 -24.07 5.52 0.38
CA ASN B 186 -23.34 6.71 -0.05
C ASN B 186 -23.71 6.97 -1.52
N TYR B 187 -24.12 8.21 -1.79
CA TYR B 187 -24.52 8.64 -3.14
C TYR B 187 -23.43 8.36 -4.18
N LYS B 188 -22.17 8.48 -3.79
CA LYS B 188 -21.03 8.25 -4.67
C LYS B 188 -20.30 6.91 -4.43
N ASN B 189 -20.80 6.04 -3.55
CA ASN B 189 -20.13 4.76 -3.29
C ASN B 189 -21.15 3.72 -2.78
N PRO B 190 -21.62 2.83 -3.66
CA PRO B 190 -22.62 1.84 -3.24
C PRO B 190 -22.15 0.73 -2.27
N ASP B 191 -20.87 0.72 -1.89
CA ASP B 191 -20.41 -0.22 -0.85
C ASP B 191 -20.38 0.36 0.56
N GLN B 192 -20.81 1.62 0.73
CA GLN B 192 -20.80 2.26 2.04
C GLN B 192 -22.23 2.52 2.47
N VAL B 193 -22.62 1.93 3.60
CA VAL B 193 -23.96 2.07 4.12
C VAL B 193 -23.92 2.96 5.36
N TYR B 194 -24.93 3.82 5.47
CA TYR B 194 -25.13 4.78 6.57
C TYR B 194 -26.45 4.52 7.29
N LEU B 195 -26.44 4.69 8.60
CA LEU B 195 -27.62 4.60 9.45
C LEU B 195 -28.11 6.02 9.69
N VAL B 196 -29.37 6.27 9.31
CA VAL B 196 -29.97 7.59 9.46
C VAL B 196 -31.16 7.56 10.44
N ASP B 197 -31.68 8.76 10.70
CA ASP B 197 -32.82 9.02 11.55
C ASP B 197 -32.54 8.79 13.04
N TYR B 198 -32.09 9.82 13.72
CA TYR B 198 -31.82 9.77 15.15
C TYR B 198 -32.90 10.55 15.92
N GLY B 199 -34.09 10.63 15.32
CA GLY B 199 -35.22 11.27 15.95
C GLY B 199 -35.58 10.48 17.19
N LEU B 200 -35.50 9.16 17.09
CA LEU B 200 -35.81 8.26 18.20
C LEU B 200 -34.59 7.94 19.10
N ALA B 201 -33.44 8.53 18.82
CA ALA B 201 -32.23 8.24 19.58
C ALA B 201 -32.36 8.60 21.07
N TYR B 202 -31.70 7.84 21.91
CA TYR B 202 -31.83 8.00 23.33
C TYR B 202 -30.45 8.06 23.95
N ARG B 203 -30.25 9.05 24.80
CA ARG B 203 -29.01 9.20 25.54
C ARG B 203 -29.05 8.35 26.79
N TYR B 204 -28.62 7.10 26.63
CA TYR B 204 -28.79 6.05 27.64
C TYR B 204 -27.74 6.18 28.75
N CYS B 205 -26.65 6.92 28.48
CA CYS B 205 -25.52 6.97 29.40
C CYS B 205 -24.98 8.40 29.58
N PRO B 206 -25.83 9.38 29.97
CA PRO B 206 -25.34 10.76 30.10
C PRO B 206 -24.22 10.88 31.14
N GLU B 207 -23.08 11.45 30.71
CA GLU B 207 -21.87 11.57 31.53
C GLU B 207 -21.39 10.27 32.14
N GLY B 208 -21.53 9.17 31.41
CA GLY B 208 -21.11 7.88 31.90
C GLY B 208 -22.00 7.18 32.91
N VAL B 209 -23.18 7.73 33.21
CA VAL B 209 -24.09 7.11 34.18
C VAL B 209 -25.25 6.45 33.42
N HIS B 210 -25.31 5.11 33.45
CA HIS B 210 -26.31 4.36 32.71
C HIS B 210 -27.69 4.56 33.34
N LYS B 211 -28.70 4.77 32.50
CA LYS B 211 -30.12 4.80 32.92
C LYS B 211 -30.47 3.49 33.63
N ALA B 212 -31.16 3.59 34.76
CA ALA B 212 -31.52 2.40 35.52
C ALA B 212 -32.71 1.72 34.83
N TYR B 213 -32.81 0.40 34.97
CA TYR B 213 -33.89 -0.38 34.39
C TYR B 213 -35.19 0.05 35.07
N ALA B 214 -36.15 0.49 34.27
CA ALA B 214 -37.55 0.67 34.74
C ALA B 214 -38.56 0.59 33.58
N ALA B 215 -39.71 0.00 33.84
CA ALA B 215 -40.71 -0.17 32.77
C ALA B 215 -41.67 0.97 32.94
N ASP B 216 -41.81 1.75 31.87
CA ASP B 216 -42.66 2.94 31.83
C ASP B 216 -43.78 2.61 30.83
N PRO B 217 -45.06 2.54 31.30
CA PRO B 217 -46.17 2.27 30.37
C PRO B 217 -46.24 3.21 29.14
N LYS B 218 -45.84 4.46 29.31
CA LYS B 218 -45.73 5.42 28.19
C LYS B 218 -44.76 4.99 27.09
N ARG B 219 -43.72 4.22 27.43
CA ARG B 219 -42.73 3.77 26.44
C ARG B 219 -43.04 2.45 25.75
N CYS B 220 -44.06 1.69 26.18
CA CYS B 220 -44.25 0.35 25.66
C CYS B 220 -44.39 0.37 24.15
N HIS B 221 -43.61 -0.47 23.49
CA HIS B 221 -43.71 -0.72 22.05
C HIS B 221 -43.10 0.37 21.16
N ASP B 222 -42.25 1.25 21.72
CA ASP B 222 -41.49 2.18 20.93
C ASP B 222 -40.61 1.44 19.90
N GLY B 223 -40.31 2.14 18.81
CA GLY B 223 -39.51 1.62 17.70
C GLY B 223 -40.47 1.07 16.62
N THR B 224 -39.95 0.26 15.69
CA THR B 224 -40.73 -0.33 14.63
C THR B 224 -41.12 -1.75 15.08
N ILE B 225 -42.41 -2.00 15.20
CA ILE B 225 -42.88 -3.16 15.95
C ILE B 225 -42.24 -4.52 15.60
N GLU B 226 -42.06 -4.82 14.31
CA GLU B 226 -41.48 -6.12 13.93
C GLU B 226 -40.02 -6.30 14.31
N PHE B 227 -39.27 -5.19 14.44
CA PHE B 227 -37.84 -5.25 14.73
C PHE B 227 -37.45 -4.81 16.14
N THR B 228 -38.36 -4.17 16.88
CA THR B 228 -37.96 -3.55 18.14
C THR B 228 -37.59 -4.56 19.23
N SER B 229 -36.88 -4.06 20.24
CA SER B 229 -36.34 -4.90 21.29
C SER B 229 -37.44 -5.32 22.30
N ILE B 230 -37.21 -6.46 22.95
CA ILE B 230 -38.03 -6.89 24.09
C ILE B 230 -38.10 -5.79 25.16
N ASP B 231 -36.96 -5.16 25.43
CA ASP B 231 -36.91 -4.05 26.38
C ASP B 231 -37.92 -2.97 25.99
N ALA B 232 -37.93 -2.55 24.72
CA ALA B 232 -38.83 -1.51 24.24
C ALA B 232 -40.29 -1.97 24.36
N HIS B 233 -40.57 -3.22 24.02
CA HIS B 233 -41.91 -3.80 24.20
C HIS B 233 -42.36 -3.72 25.67
N ASN B 234 -41.41 -3.90 26.59
CA ASN B 234 -41.72 -3.88 28.02
C ASN B 234 -41.81 -2.46 28.59
N GLY B 235 -41.62 -1.44 27.75
CA GLY B 235 -41.65 -0.05 28.16
C GLY B 235 -40.39 0.40 28.89
N VAL B 236 -39.30 -0.23 28.60
CA VAL B 236 -38.02 0.05 29.24
C VAL B 236 -37.27 0.93 28.25
N ALA B 237 -36.60 1.96 28.73
CA ALA B 237 -35.82 2.82 27.84
C ALA B 237 -34.77 1.99 27.11
N PRO B 238 -34.52 2.30 25.82
CA PRO B 238 -33.66 1.44 25.04
C PRO B 238 -32.20 1.49 25.50
N SER B 239 -31.51 0.34 25.43
CA SER B 239 -30.08 0.32 25.79
C SER B 239 -29.28 -0.39 24.71
N ARG B 240 -28.01 -0.66 24.98
CA ARG B 240 -27.14 -1.22 23.95
C ARG B 240 -27.56 -2.61 23.50
N ARG B 241 -27.94 -3.48 24.44
CA ARG B 241 -28.38 -4.80 24.03
C ARG B 241 -29.55 -4.75 23.05
N GLY B 242 -30.44 -3.79 23.25
CA GLY B 242 -31.60 -3.67 22.38
C GLY B 242 -31.22 -3.34 20.94
N ASP B 243 -30.23 -2.45 20.75
CA ASP B 243 -29.77 -2.15 19.41
C ASP B 243 -29.23 -3.41 18.72
N LEU B 244 -28.49 -4.24 19.47
CA LEU B 244 -27.92 -5.46 18.91
C LEU B 244 -29.00 -6.49 18.59
N GLU B 245 -30.03 -6.52 19.43
CA GLU B 245 -31.18 -7.39 19.20
C GLU B 245 -31.93 -7.02 17.95
N ILE B 246 -32.17 -5.72 17.77
CA ILE B 246 -32.84 -5.18 16.58
C ILE B 246 -32.06 -5.59 15.33
N LEU B 247 -30.75 -5.42 15.37
CA LEU B 247 -29.91 -5.87 14.25
C LEU B 247 -30.06 -7.37 13.98
N GLY B 248 -30.15 -8.17 15.02
CA GLY B 248 -30.42 -9.64 14.88
C GLY B 248 -31.69 -9.96 14.11
N TYR B 249 -32.78 -9.29 14.47
CA TYR B 249 -34.06 -9.47 13.76
C TYR B 249 -33.94 -9.01 12.32
N CYS B 250 -33.25 -7.88 12.09
CA CYS B 250 -32.97 -7.46 10.72
C CYS B 250 -32.24 -8.53 9.90
N MET B 251 -31.19 -9.10 10.45
CA MET B 251 -30.38 -10.10 9.76
C MET B 251 -31.24 -11.29 9.30
N ILE B 252 -32.11 -11.76 10.19
CA ILE B 252 -32.99 -12.87 9.90
C ILE B 252 -33.98 -12.49 8.80
N GLN B 253 -34.64 -11.34 8.95
CA GLN B 253 -35.54 -10.81 7.92
C GLN B 253 -34.85 -10.74 6.56
N TRP B 254 -33.62 -10.22 6.54
CA TRP B 254 -32.88 -10.06 5.28
C TRP B 254 -32.51 -11.41 4.64
N LEU B 255 -32.10 -12.36 5.47
CA LEU B 255 -31.69 -13.66 4.96
C LEU B 255 -32.85 -14.50 4.44
N THR B 256 -34.00 -14.43 5.12
CA THR B 256 -35.12 -15.37 4.90
C THR B 256 -36.39 -14.78 4.27
N GLY B 257 -36.49 -13.45 4.25
CA GLY B 257 -37.70 -12.78 3.81
C GLY B 257 -38.81 -12.65 4.85
N HIS B 258 -38.62 -13.18 6.07
CA HIS B 258 -39.68 -13.31 7.04
C HIS B 258 -39.18 -13.20 8.50
N LEU B 259 -40.13 -12.91 9.39
CA LEU B 259 -39.97 -13.07 10.83
C LEU B 259 -41.23 -13.79 11.35
N PRO B 260 -41.09 -14.58 12.43
CA PRO B 260 -42.20 -15.46 12.87
C PRO B 260 -43.49 -14.74 13.28
N TRP B 261 -43.34 -13.50 13.76
CA TRP B 261 -44.45 -12.72 14.32
C TRP B 261 -45.09 -11.75 13.30
N GLU B 262 -44.65 -11.80 12.04
CA GLU B 262 -45.00 -10.82 11.02
C GLU B 262 -46.50 -10.84 10.60
N ASP B 263 -47.19 -11.95 10.86
CA ASP B 263 -48.60 -12.04 10.57
C ASP B 263 -49.53 -11.50 11.64
N ASN B 264 -48.99 -10.97 12.74
CA ASN B 264 -49.87 -10.34 13.73
C ASN B 264 -49.24 -9.15 14.39
N LEU B 265 -48.78 -8.24 13.54
CA LEU B 265 -48.10 -7.04 13.99
C LEU B 265 -49.09 -6.03 14.56
N LYS B 266 -50.39 -6.22 14.33
CA LYS B 266 -51.42 -5.41 14.97
C LYS B 266 -51.69 -5.82 16.41
N ASP B 267 -51.04 -6.89 16.91
CA ASP B 267 -51.14 -7.28 18.31
C ASP B 267 -49.77 -7.21 19.00
N PRO B 268 -49.47 -6.05 19.59
CA PRO B 268 -48.13 -5.87 20.16
C PRO B 268 -47.79 -6.82 21.32
N LYS B 269 -48.78 -7.26 22.09
CA LYS B 269 -48.54 -8.22 23.16
C LYS B 269 -48.06 -9.55 22.58
N TYR B 270 -48.65 -9.97 21.46
CA TYR B 270 -48.24 -11.18 20.74
C TYR B 270 -46.82 -11.07 20.23
N VAL B 271 -46.48 -9.92 19.66
CA VAL B 271 -45.13 -9.72 19.11
C VAL B 271 -44.12 -9.80 20.26
N ARG B 272 -44.41 -9.10 21.37
CA ARG B 272 -43.54 -9.18 22.54
C ARG B 272 -43.39 -10.62 23.05
N ASP B 273 -44.51 -11.31 23.24
CA ASP B 273 -44.51 -12.66 23.76
C ASP B 273 -43.75 -13.63 22.88
N SER B 274 -43.91 -13.49 21.59
CA SER B 274 -43.22 -14.34 20.63
C SER B 274 -41.69 -14.09 20.66
N LYS B 275 -41.25 -12.82 20.71
CA LYS B 275 -39.82 -12.53 20.88
C LYS B 275 -39.26 -13.08 22.19
N ILE B 276 -40.01 -12.97 23.28
CA ILE B 276 -39.55 -13.49 24.55
C ILE B 276 -39.39 -15.01 24.48
N ARG B 277 -40.35 -15.66 23.82
N ARG B 277 -40.35 -15.66 23.84
CA ARG B 277 -40.34 -17.11 23.63
CA ARG B 277 -40.32 -17.10 23.67
C ARG B 277 -39.17 -17.56 22.77
C ARG B 277 -39.15 -17.56 22.82
N TYR B 278 -38.92 -16.84 21.72
CA TYR B 278 -37.81 -17.11 20.82
C TYR B 278 -36.46 -16.88 21.48
N ARG B 279 -36.39 -15.88 22.36
CA ARG B 279 -35.18 -15.64 23.14
C ARG B 279 -34.89 -16.78 24.13
N GLU B 280 -35.94 -17.26 24.80
CA GLU B 280 -35.80 -18.37 25.74
C GLU B 280 -35.30 -19.64 25.02
N ASN B 281 -35.70 -19.85 23.75
CA ASN B 281 -35.38 -21.04 22.97
C ASN B 281 -34.92 -20.62 21.56
N ILE B 282 -33.63 -20.26 21.48
CA ILE B 282 -33.03 -19.84 20.22
C ILE B 282 -33.02 -20.92 19.15
N ALA B 283 -32.82 -22.19 19.56
CA ALA B 283 -32.89 -23.30 18.62
C ALA B 283 -34.24 -23.32 17.91
N SER B 284 -35.34 -23.04 18.65
CA SER B 284 -36.65 -23.01 18.03
C SER B 284 -36.79 -21.81 17.07
N LEU B 285 -36.17 -20.70 17.38
CA LEU B 285 -36.13 -19.58 16.44
C LEU B 285 -35.44 -19.96 15.12
N MET B 286 -34.28 -20.60 15.25
CA MET B 286 -33.53 -21.03 14.06
C MET B 286 -34.33 -22.04 13.24
N ASP B 287 -34.96 -22.99 13.91
CA ASP B 287 -35.85 -23.96 13.23
C ASP B 287 -37.02 -23.31 12.53
N LYS B 288 -37.64 -22.35 13.17
CA LYS B 288 -38.78 -21.62 12.58
C LYS B 288 -38.36 -20.80 11.37
N CYS B 289 -37.24 -20.08 11.47
CA CYS B 289 -36.84 -19.15 10.42
C CYS B 289 -36.05 -19.75 9.26
N PHE B 290 -35.34 -20.84 9.49
CA PHE B 290 -34.58 -21.54 8.46
C PHE B 290 -35.09 -22.99 8.41
N PRO B 291 -36.35 -23.17 7.99
CA PRO B 291 -37.02 -24.46 8.14
C PRO B 291 -36.33 -25.62 7.46
N ALA B 292 -35.55 -25.33 6.42
CA ALA B 292 -34.69 -26.38 5.85
C ALA B 292 -33.81 -27.09 6.87
N ALA B 293 -33.61 -26.50 8.04
CA ALA B 293 -32.51 -26.77 8.99
C ALA B 293 -31.15 -26.29 8.46
N ASN B 294 -31.24 -25.23 7.69
CA ASN B 294 -30.11 -24.65 6.97
C ASN B 294 -29.66 -23.33 7.68
N ALA B 295 -29.55 -23.40 9.00
CA ALA B 295 -29.34 -22.19 9.81
C ALA B 295 -27.85 -21.82 9.82
N PRO B 296 -27.52 -20.63 9.28
CA PRO B 296 -26.12 -20.16 9.38
C PRO B 296 -25.68 -20.00 10.83
N GLY B 297 -24.64 -20.76 11.21
CA GLY B 297 -24.15 -20.86 12.60
C GLY B 297 -23.85 -19.54 13.28
N GLU B 298 -23.34 -18.58 12.52
CA GLU B 298 -23.02 -17.26 13.05
C GLU B 298 -24.26 -16.49 13.53
N ILE B 299 -25.40 -16.72 12.90
CA ILE B 299 -26.64 -16.04 13.30
C ILE B 299 -27.08 -16.58 14.66
N ALA B 300 -27.03 -17.90 14.85
CA ALA B 300 -27.33 -18.49 16.15
C ALA B 300 -26.39 -17.98 17.24
N LYS B 301 -25.10 -17.97 16.95
CA LYS B 301 -24.10 -17.48 17.92
C LYS B 301 -24.34 -16.02 18.24
N TYR B 302 -24.63 -15.22 17.23
CA TYR B 302 -24.97 -13.80 17.43
C TYR B 302 -26.13 -13.63 18.42
N MET B 303 -27.23 -14.33 18.18
CA MET B 303 -28.41 -14.26 19.03
C MET B 303 -28.18 -14.76 20.46
N GLU B 304 -27.40 -15.85 20.61
CA GLU B 304 -26.95 -16.34 21.93
C GLU B 304 -26.14 -15.31 22.70
N THR B 305 -25.25 -14.63 21.99
CA THR B 305 -24.41 -13.58 22.58
C THR B 305 -25.26 -12.39 23.05
N VAL B 306 -26.23 -11.99 22.24
CA VAL B 306 -27.13 -10.90 22.63
C VAL B 306 -28.01 -11.30 23.84
N LYS B 307 -28.47 -12.55 23.84
CA LYS B 307 -29.27 -13.08 24.96
C LYS B 307 -28.50 -12.96 26.31
N LEU B 308 -27.18 -13.15 26.26
CA LEU B 308 -26.34 -13.05 27.44
C LEU B 308 -26.10 -11.66 28.01
N LEU B 309 -26.44 -10.61 27.25
CA LEU B 309 -26.25 -9.25 27.71
C LEU B 309 -27.29 -8.86 28.72
N ASP B 310 -26.86 -8.31 29.86
CA ASP B 310 -27.74 -7.61 30.77
C ASP B 310 -28.07 -6.23 30.26
N TYR B 311 -29.12 -5.63 30.84
CA TYR B 311 -29.61 -4.34 30.39
C TYR B 311 -28.53 -3.24 30.37
N THR B 312 -27.70 -3.17 31.41
CA THR B 312 -26.68 -2.11 31.46
C THR B 312 -25.32 -2.56 30.91
N GLU B 313 -25.21 -3.79 30.42
CA GLU B 313 -23.90 -4.36 30.10
C GLU B 313 -23.28 -3.79 28.80
N LYS B 314 -21.99 -3.47 28.87
CA LYS B 314 -21.25 -3.12 27.68
C LYS B 314 -21.01 -4.36 26.81
N PRO B 315 -21.47 -4.33 25.54
CA PRO B 315 -21.15 -5.45 24.64
C PRO B 315 -19.65 -5.61 24.38
N LEU B 316 -19.20 -6.85 24.16
CA LEU B 316 -17.88 -7.15 23.65
C LEU B 316 -17.99 -7.13 22.13
N TYR B 317 -17.82 -5.92 21.55
CA TYR B 317 -18.05 -5.68 20.15
C TYR B 317 -17.11 -6.51 19.26
N GLU B 318 -15.88 -6.72 19.70
CA GLU B 318 -14.91 -7.50 18.94
C GLU B 318 -15.31 -8.96 18.82
N ASN B 319 -15.83 -9.53 19.90
CA ASN B 319 -16.40 -10.91 19.90
C ASN B 319 -17.56 -10.99 18.90
N LEU B 320 -18.42 -9.97 18.86
CA LEU B 320 -19.53 -9.95 17.91
C LEU B 320 -19.02 -9.91 16.47
N ARG B 321 -18.00 -9.09 16.26
CA ARG B 321 -17.37 -8.96 14.97
C ARG B 321 -16.75 -10.28 14.55
N ASP B 322 -16.10 -10.94 15.49
CA ASP B 322 -15.45 -12.20 15.21
C ASP B 322 -16.48 -13.24 14.77
N ILE B 323 -17.61 -13.27 15.46
CA ILE B 323 -18.70 -14.20 15.14
C ILE B 323 -19.11 -14.02 13.68
N LEU B 324 -19.32 -12.77 13.24
CA LEU B 324 -19.70 -12.53 11.85
C LEU B 324 -18.58 -12.86 10.87
N LEU B 325 -17.33 -12.55 11.25
CA LEU B 325 -16.17 -12.89 10.39
C LEU B 325 -16.07 -14.40 10.16
N GLN B 326 -16.40 -15.21 11.16
CA GLN B 326 -16.37 -16.68 11.01
C GLN B 326 -17.39 -17.11 9.95
N GLY B 327 -18.54 -16.41 9.85
CA GLY B 327 -19.55 -16.63 8.80
C GLY B 327 -18.97 -16.41 7.40
N LEU B 328 -18.26 -15.30 7.23
CA LEU B 328 -17.59 -15.03 5.97
C LEU B 328 -16.58 -16.10 5.59
N LYS B 329 -15.75 -16.54 6.55
CA LYS B 329 -14.79 -17.62 6.30
C LYS B 329 -15.52 -18.93 5.93
N ALA B 330 -16.64 -19.21 6.61
CA ALA B 330 -17.43 -20.41 6.31
C ALA B 330 -17.96 -20.47 4.86
N ILE B 331 -18.28 -19.32 4.28
CA ILE B 331 -18.72 -19.26 2.86
C ILE B 331 -17.60 -19.02 1.86
N GLY B 332 -16.35 -19.10 2.30
CA GLY B 332 -15.21 -18.93 1.40
C GLY B 332 -14.92 -17.48 1.02
N SER B 333 -15.31 -16.55 1.89
CA SER B 333 -15.07 -15.12 1.62
C SER B 333 -14.23 -14.48 2.75
N LYS B 334 -14.29 -13.15 2.81
CA LYS B 334 -13.49 -12.36 3.75
C LYS B 334 -14.12 -11.00 3.80
N ASP B 335 -13.79 -10.22 4.82
CA ASP B 335 -14.31 -8.83 4.91
C ASP B 335 -13.52 -7.95 3.95
N ASP B 336 -14.00 -7.89 2.71
CA ASP B 336 -13.40 -7.03 1.66
C ASP B 336 -14.24 -5.76 1.44
N GLY B 337 -15.16 -5.45 2.33
CA GLY B 337 -16.05 -4.30 2.21
C GLY B 337 -17.05 -4.30 1.05
N LYS B 338 -17.18 -5.41 0.31
CA LYS B 338 -18.08 -5.47 -0.85
C LYS B 338 -19.49 -5.89 -0.38
N LEU B 339 -20.46 -4.98 -0.51
CA LEU B 339 -21.83 -5.26 -0.08
C LEU B 339 -22.58 -6.20 -1.04
N ASP B 340 -22.15 -6.25 -2.31
CA ASP B 340 -22.72 -7.17 -3.31
C ASP B 340 -24.23 -6.92 -3.57
N LEU B 341 -24.65 -5.67 -3.61
CA LEU B 341 -26.07 -5.34 -3.76
C LEU B 341 -26.57 -5.35 -5.22
N GLU C 21 0.22 -49.34 -34.81
CA GLU C 21 0.14 -50.70 -34.22
C GLU C 21 -0.27 -50.74 -32.75
N GLN C 22 -0.59 -49.59 -32.15
CA GLN C 22 -0.87 -49.50 -30.71
C GLN C 22 -2.22 -50.03 -30.30
N PHE C 23 -3.19 -49.74 -31.15
CA PHE C 23 -4.57 -50.14 -30.93
C PHE C 23 -5.13 -50.75 -32.22
N ALA C 24 -6.11 -51.63 -32.07
CA ALA C 24 -6.95 -52.10 -33.15
C ALA C 24 -8.05 -51.06 -33.36
N VAL C 25 -8.46 -50.83 -34.60
CA VAL C 25 -9.70 -50.07 -34.89
C VAL C 25 -10.88 -50.83 -34.21
N GLY C 26 -11.72 -50.08 -33.48
CA GLY C 26 -12.78 -50.64 -32.67
C GLY C 26 -12.43 -51.15 -31.28
N GLU C 27 -11.16 -51.10 -30.88
CA GLU C 27 -10.77 -51.54 -29.53
C GLU C 27 -11.32 -50.59 -28.47
N ILE C 28 -11.71 -51.15 -27.32
CA ILE C 28 -12.26 -50.38 -26.22
C ILE C 28 -11.22 -50.23 -25.14
N ILE C 29 -10.94 -48.99 -24.79
CA ILE C 29 -9.90 -48.67 -23.81
C ILE C 29 -10.54 -47.93 -22.64
N THR C 30 -10.00 -48.17 -21.45
CA THR C 30 -10.49 -47.56 -20.20
C THR C 30 -9.37 -46.71 -19.62
N ASP C 31 -9.68 -45.45 -19.35
CA ASP C 31 -8.68 -44.52 -18.79
C ASP C 31 -8.59 -44.67 -17.26
N MET C 32 -7.73 -43.91 -16.63
CA MET C 32 -7.49 -44.03 -15.18
C MET C 32 -8.70 -43.65 -14.30
N ALA C 33 -9.62 -42.84 -14.84
CA ALA C 33 -10.86 -42.50 -14.16
C ALA C 33 -11.98 -43.48 -14.47
N ALA C 34 -11.65 -44.60 -15.09
CA ALA C 34 -12.56 -45.64 -15.50
C ALA C 34 -13.58 -45.24 -16.59
N ALA C 35 -13.32 -44.15 -17.30
CA ALA C 35 -14.15 -43.78 -18.46
C ALA C 35 -13.76 -44.63 -19.68
N ALA C 36 -14.76 -45.08 -20.41
CA ALA C 36 -14.59 -46.02 -21.53
C ALA C 36 -14.58 -45.28 -22.86
N TRP C 37 -13.61 -45.61 -23.72
CA TRP C 37 -13.45 -45.01 -25.04
C TRP C 37 -13.30 -46.09 -26.09
N LYS C 38 -13.71 -45.80 -27.31
CA LYS C 38 -13.54 -46.67 -28.47
C LYS C 38 -12.58 -45.97 -29.45
N VAL C 39 -11.65 -46.73 -30.00
CA VAL C 39 -10.59 -46.23 -30.89
C VAL C 39 -11.01 -46.42 -32.34
N GLY C 40 -10.77 -45.43 -33.17
CA GLY C 40 -11.03 -45.49 -34.63
C GLY C 40 -9.75 -45.48 -35.43
N LEU C 41 -9.76 -44.84 -36.61
CA LEU C 41 -8.60 -44.95 -37.53
C LEU C 41 -7.44 -44.10 -37.05
N PRO C 42 -6.20 -44.53 -37.35
CA PRO C 42 -5.04 -43.62 -37.16
C PRO C 42 -5.12 -42.43 -38.12
N ILE C 43 -4.51 -41.31 -37.77
CA ILE C 43 -4.51 -40.13 -38.63
C ILE C 43 -3.12 -39.52 -38.77
N CYS C 50 1.93 -41.00 -33.41
CA CYS C 50 0.87 -41.99 -33.03
C CYS C 50 -0.44 -41.42 -32.45
N ILE C 51 -1.40 -41.16 -33.32
CA ILE C 51 -2.67 -40.53 -32.98
C ILE C 51 -3.80 -41.20 -33.70
N TYR C 52 -4.87 -41.50 -32.98
CA TYR C 52 -6.06 -42.12 -33.56
C TYR C 52 -7.29 -41.26 -33.24
N LEU C 53 -8.27 -41.32 -34.12
CA LEU C 53 -9.60 -40.84 -33.82
C LEU C 53 -10.20 -41.67 -32.68
N ALA C 54 -11.05 -41.07 -31.87
CA ALA C 54 -11.67 -41.74 -30.73
C ALA C 54 -13.01 -41.13 -30.39
N ASP C 55 -13.82 -41.92 -29.69
CA ASP C 55 -15.10 -41.43 -29.14
C ASP C 55 -15.44 -42.22 -27.86
N MET C 56 -16.49 -41.81 -27.18
CA MET C 56 -17.05 -42.55 -26.05
C MET C 56 -17.38 -43.96 -26.51
N ASN C 57 -17.28 -44.91 -25.61
CA ASN C 57 -17.65 -46.27 -25.93
C ASN C 57 -19.16 -46.33 -26.27
N SER C 58 -19.48 -47.08 -27.31
CA SER C 58 -20.86 -47.32 -27.76
C SER C 58 -20.83 -48.53 -28.68
N SER C 59 -22.02 -48.99 -29.06
CA SER C 59 -22.18 -50.02 -30.09
C SER C 59 -21.78 -49.60 -31.49
N GLU C 60 -21.78 -48.28 -31.77
CA GLU C 60 -21.29 -47.78 -33.07
C GLU C 60 -19.76 -47.81 -33.15
N SER C 61 -19.25 -47.98 -34.36
CA SER C 61 -17.83 -47.82 -34.61
C SER C 61 -17.48 -46.34 -34.73
N VAL C 62 -16.21 -46.02 -34.52
CA VAL C 62 -15.77 -44.62 -34.52
C VAL C 62 -15.55 -44.23 -35.97
N GLY C 63 -16.23 -43.19 -36.43
CA GLY C 63 -16.12 -42.75 -37.83
C GLY C 63 -15.09 -41.64 -38.01
N SER C 64 -15.06 -41.14 -39.24
CA SER C 64 -14.15 -40.08 -39.63
C SER C 64 -14.55 -38.70 -39.09
N ASP C 65 -15.77 -38.60 -38.57
CA ASP C 65 -16.26 -37.41 -37.87
C ASP C 65 -16.16 -37.50 -36.33
N ALA C 66 -15.26 -38.34 -35.83
CA ALA C 66 -15.08 -38.48 -34.37
C ALA C 66 -14.72 -37.15 -33.70
N PRO C 67 -15.26 -36.89 -32.50
CA PRO C 67 -14.99 -35.65 -31.79
C PRO C 67 -13.73 -35.66 -30.93
N CYS C 68 -13.06 -36.78 -30.83
CA CYS C 68 -11.86 -36.86 -30.03
C CYS C 68 -10.72 -37.56 -30.74
N VAL C 69 -9.56 -37.49 -30.13
CA VAL C 69 -8.40 -38.20 -30.58
C VAL C 69 -7.67 -38.75 -29.37
N VAL C 70 -7.02 -39.88 -29.55
CA VAL C 70 -6.15 -40.45 -28.54
C VAL C 70 -4.70 -40.40 -29.06
N LYS C 71 -3.85 -39.72 -28.28
CA LYS C 71 -2.40 -39.67 -28.51
C LYS C 71 -1.71 -40.72 -27.64
N VAL C 72 -0.76 -41.42 -28.22
CA VAL C 72 0.01 -42.46 -27.55
C VAL C 72 1.52 -42.20 -27.78
N GLU C 73 2.29 -42.31 -26.71
CA GLU C 73 3.76 -42.30 -26.77
C GLU C 73 4.27 -43.30 -25.74
N PRO C 74 5.54 -43.75 -25.89
CA PRO C 74 6.13 -44.53 -24.80
C PRO C 74 6.05 -43.79 -23.46
N SER C 75 5.87 -44.53 -22.36
CA SER C 75 5.80 -43.93 -21.01
C SER C 75 7.03 -43.07 -20.64
N ASP C 76 8.21 -43.38 -21.23
CA ASP C 76 9.39 -42.53 -21.01
C ASP C 76 9.47 -41.27 -21.89
N ASN C 77 8.46 -40.99 -22.71
CA ASN C 77 8.46 -39.78 -23.51
C ASN C 77 8.21 -38.54 -22.63
N GLY C 78 9.19 -37.66 -22.59
CA GLY C 78 9.16 -36.49 -21.73
C GLY C 78 8.12 -35.46 -22.14
N PRO C 79 8.06 -35.13 -23.46
CA PRO C 79 7.07 -34.17 -23.90
C PRO C 79 5.62 -34.55 -23.64
N LEU C 80 5.24 -35.81 -23.78
CA LEU C 80 3.84 -36.20 -23.52
C LEU C 80 3.54 -36.06 -22.02
N PHE C 81 4.50 -36.34 -21.15
CA PHE C 81 4.31 -36.11 -19.73
C PHE C 81 4.04 -34.62 -19.42
N THR C 82 4.87 -33.74 -20.01
CA THR C 82 4.72 -32.31 -19.82
C THR C 82 3.36 -31.82 -20.28
N GLU C 83 2.99 -32.24 -21.48
CA GLU C 83 1.72 -31.88 -22.07
C GLU C 83 0.53 -32.40 -21.24
N LEU C 84 0.63 -33.64 -20.76
CA LEU C 84 -0.46 -34.24 -19.98
C LEU C 84 -0.61 -33.47 -18.65
N LYS C 85 0.48 -33.08 -18.01
CA LYS C 85 0.37 -32.31 -16.76
C LYS C 85 -0.29 -30.92 -17.01
N PHE C 86 0.06 -30.31 -18.14
CA PHE C 86 -0.56 -29.04 -18.50
C PHE C 86 -2.15 -29.25 -18.66
N TYR C 87 -2.50 -30.25 -19.44
CA TYR C 87 -3.90 -30.56 -19.68
C TYR C 87 -4.69 -30.89 -18.39
N GLN C 88 -4.10 -31.70 -17.51
CA GLN C 88 -4.72 -32.05 -16.22
C GLN C 88 -4.92 -30.84 -15.30
N ARG C 89 -3.96 -29.91 -15.31
CA ARG C 89 -3.99 -28.76 -14.43
C ARG C 89 -4.85 -27.61 -14.98
N ALA C 90 -4.83 -27.40 -16.29
CA ALA C 90 -5.35 -26.22 -16.92
C ALA C 90 -6.49 -26.43 -17.91
N ALA C 91 -6.80 -27.65 -18.28
CA ALA C 91 -7.75 -27.90 -19.36
C ALA C 91 -8.85 -28.89 -19.01
N LYS C 92 -9.26 -28.88 -17.77
CA LYS C 92 -10.41 -29.71 -17.37
C LYS C 92 -11.67 -29.09 -17.95
N PRO C 93 -12.62 -29.91 -18.46
CA PRO C 93 -13.72 -29.30 -19.25
C PRO C 93 -14.49 -28.22 -18.45
N GLU C 94 -14.78 -28.55 -17.18
CA GLU C 94 -15.53 -27.68 -16.29
C GLU C 94 -14.77 -26.38 -15.96
N GLN C 95 -13.47 -26.49 -15.85
CA GLN C 95 -12.64 -25.33 -15.58
C GLN C 95 -12.66 -24.38 -16.77
N ILE C 96 -12.57 -24.92 -17.98
CA ILE C 96 -12.66 -24.10 -19.18
C ILE C 96 -14.04 -23.45 -19.28
N GLN C 97 -15.09 -24.24 -19.08
CA GLN C 97 -16.44 -23.70 -19.16
C GLN C 97 -16.70 -22.60 -18.10
N LYS C 98 -16.23 -22.80 -16.88
CA LYS C 98 -16.35 -21.77 -15.85
C LYS C 98 -15.64 -20.48 -16.27
N TRP C 99 -14.45 -20.59 -16.85
CA TRP C 99 -13.73 -19.41 -17.33
C TRP C 99 -14.48 -18.71 -18.49
N ILE C 100 -15.00 -19.47 -19.45
CA ILE C 100 -15.78 -18.89 -20.57
C ILE C 100 -16.98 -18.07 -20.02
N ARG C 101 -17.70 -18.65 -19.07
CA ARG C 101 -18.80 -17.96 -18.44
C ARG C 101 -18.44 -16.72 -17.61
N THR C 102 -17.42 -16.81 -16.77
CA THR C 102 -17.04 -15.68 -15.91
C THR C 102 -16.37 -14.55 -16.67
N ARG C 103 -15.65 -14.87 -17.74
CA ARG C 103 -14.98 -13.85 -18.55
C ARG C 103 -15.86 -13.39 -19.73
N LYS C 104 -17.06 -13.93 -19.84
CA LYS C 104 -18.00 -13.56 -20.89
C LYS C 104 -17.38 -13.72 -22.28
N LEU C 105 -16.80 -14.88 -22.55
CA LEU C 105 -16.21 -15.19 -23.87
C LEU C 105 -17.21 -15.96 -24.70
N LYS C 106 -17.05 -15.94 -26.01
CA LYS C 106 -17.85 -16.82 -26.89
C LYS C 106 -17.39 -18.27 -26.75
N TYR C 107 -16.07 -18.45 -26.67
CA TYR C 107 -15.44 -19.77 -26.53
C TYR C 107 -14.00 -19.50 -26.05
N LEU C 108 -13.26 -20.57 -25.76
CA LEU C 108 -11.86 -20.47 -25.40
C LEU C 108 -11.06 -21.52 -26.14
N GLY C 109 -10.03 -21.10 -26.87
CA GLY C 109 -9.29 -22.00 -27.73
C GLY C 109 -8.21 -22.83 -27.03
N VAL C 110 -8.51 -23.36 -25.85
CA VAL C 110 -7.69 -24.33 -25.20
C VAL C 110 -8.37 -25.68 -25.42
N PRO C 111 -7.62 -26.69 -25.93
CA PRO C 111 -8.27 -27.99 -26.12
C PRO C 111 -8.70 -28.64 -24.79
N LYS C 112 -9.80 -29.36 -24.84
CA LYS C 112 -10.29 -30.03 -23.67
C LYS C 112 -9.66 -31.39 -23.50
N TYR C 113 -9.23 -31.63 -22.28
CA TYR C 113 -8.66 -32.91 -21.81
C TYR C 113 -9.76 -33.85 -21.31
N TRP C 114 -9.82 -35.06 -21.87
CA TRP C 114 -10.90 -36.02 -21.53
C TRP C 114 -10.47 -37.20 -20.67
N GLY C 115 -9.18 -37.49 -20.63
CA GLY C 115 -8.68 -38.60 -19.86
C GLY C 115 -7.31 -39.08 -20.29
N SER C 116 -6.74 -39.97 -19.48
CA SER C 116 -5.47 -40.57 -19.77
C SER C 116 -5.29 -41.87 -19.06
N GLY C 117 -4.26 -42.60 -19.48
CA GLY C 117 -3.93 -43.87 -18.87
C GLY C 117 -2.60 -44.42 -19.34
N LEU C 118 -2.34 -45.69 -18.97
CA LEU C 118 -1.14 -46.42 -19.36
C LEU C 118 -1.61 -47.67 -20.09
N HIS C 119 -0.94 -48.05 -21.14
CA HIS C 119 -1.33 -49.18 -22.01
C HIS C 119 -0.03 -49.94 -22.37
N ASP C 120 -0.04 -51.24 -22.19
CA ASP C 120 1.09 -52.10 -22.52
C ASP C 120 0.85 -52.76 -23.87
N LYS C 121 1.86 -52.81 -24.73
CA LYS C 121 1.78 -53.49 -26.02
C LYS C 121 3.14 -54.02 -26.43
N ASN C 122 3.19 -55.29 -26.87
CA ASN C 122 4.42 -55.96 -27.31
C ASN C 122 5.52 -55.86 -26.22
N GLY C 123 5.12 -56.08 -24.96
CA GLY C 123 5.99 -55.94 -23.80
C GLY C 123 6.62 -54.58 -23.48
N LYS C 124 6.09 -53.49 -24.06
CA LYS C 124 6.55 -52.12 -23.76
C LYS C 124 5.37 -51.35 -23.15
N SER C 125 5.68 -50.30 -22.37
CA SER C 125 4.69 -49.48 -21.68
C SER C 125 4.48 -48.12 -22.36
N TYR C 126 3.22 -47.79 -22.63
CA TYR C 126 2.82 -46.56 -23.29
C TYR C 126 1.88 -45.74 -22.43
N ARG C 127 1.87 -44.45 -22.67
CA ARG C 127 0.95 -43.50 -22.04
C ARG C 127 0.04 -42.98 -23.13
N PHE C 128 -1.25 -42.86 -22.79
CA PHE C 128 -2.23 -42.30 -23.72
C PHE C 128 -3.08 -41.19 -23.14
N MET C 129 -3.54 -40.34 -24.02
CA MET C 129 -4.26 -39.09 -23.63
C MET C 129 -5.38 -38.86 -24.63
N ILE C 130 -6.58 -38.61 -24.13
CA ILE C 130 -7.73 -38.34 -24.97
C ILE C 130 -8.01 -36.83 -24.95
N MET C 131 -8.07 -36.25 -26.13
CA MET C 131 -8.28 -34.82 -26.31
C MET C 131 -9.25 -34.54 -27.43
N ASP C 132 -9.69 -33.29 -27.52
CA ASP C 132 -10.54 -32.87 -28.60
C ASP C 132 -9.91 -33.09 -29.97
N ARG C 133 -10.73 -33.52 -30.90
CA ARG C 133 -10.39 -33.61 -32.31
C ARG C 133 -10.66 -32.25 -32.99
N PHE C 134 -9.70 -31.78 -33.77
CA PHE C 134 -9.83 -30.54 -34.57
C PHE C 134 -9.90 -30.79 -36.11
N GLY C 135 -10.17 -29.72 -36.86
CA GLY C 135 -10.02 -29.74 -38.30
C GLY C 135 -8.63 -29.30 -38.72
N SER C 136 -8.58 -28.47 -39.76
CA SER C 136 -7.33 -28.06 -40.37
C SER C 136 -6.53 -27.11 -39.49
N ASP C 137 -5.22 -27.19 -39.62
CA ASP C 137 -4.32 -26.17 -39.06
C ASP C 137 -4.37 -24.90 -39.93
N LEU C 138 -3.97 -23.77 -39.36
CA LEU C 138 -3.93 -22.49 -40.07
C LEU C 138 -2.83 -22.37 -41.11
N GLN C 139 -1.74 -23.12 -40.95
CA GLN C 139 -0.61 -23.08 -41.91
C GLN C 139 -1.05 -23.57 -43.28
N LYS C 140 -1.84 -24.66 -43.33
CA LYS C 140 -2.37 -25.17 -44.60
C LYS C 140 -3.26 -24.10 -45.27
N ILE C 141 -4.11 -23.45 -44.48
CA ILE C 141 -5.04 -22.44 -45.03
C ILE C 141 -4.28 -21.19 -45.51
N TYR C 142 -3.29 -20.78 -44.73
CA TYR C 142 -2.38 -19.68 -45.09
C TYR C 142 -1.70 -19.91 -46.43
N GLU C 143 -1.10 -21.10 -46.59
CA GLU C 143 -0.46 -21.46 -47.88
C GLU C 143 -1.46 -21.53 -49.04
N ALA C 144 -2.66 -22.03 -48.79
CA ALA C 144 -3.70 -22.08 -49.81
C ALA C 144 -4.11 -20.68 -50.23
N ASN C 145 -3.88 -19.71 -49.36
CA ASN C 145 -4.22 -18.32 -49.59
C ASN C 145 -3.05 -17.50 -50.11
N ALA C 146 -2.04 -18.17 -50.64
CA ALA C 146 -0.81 -17.57 -51.15
C ALA C 146 -0.07 -16.78 -50.06
N LYS C 147 -0.04 -17.39 -48.88
CA LYS C 147 0.66 -16.84 -47.72
C LYS C 147 0.29 -15.41 -47.33
N ARG C 148 -1.01 -15.15 -47.31
CA ARG C 148 -1.55 -13.91 -46.76
C ARG C 148 -2.82 -14.20 -46.01
N PHE C 149 -2.99 -13.57 -44.85
CA PHE C 149 -4.33 -13.36 -44.26
C PHE C 149 -4.65 -11.87 -44.29
N SER C 150 -5.94 -11.55 -44.43
CA SER C 150 -6.42 -10.17 -44.42
C SER C 150 -6.21 -9.57 -43.03
N ARG C 151 -6.23 -8.24 -42.96
CA ARG C 151 -6.18 -7.49 -41.70
C ARG C 151 -7.31 -7.94 -40.75
N LYS C 152 -8.52 -8.03 -41.28
CA LYS C 152 -9.69 -8.55 -40.54
C LYS C 152 -9.37 -9.92 -39.91
N THR C 153 -8.91 -10.85 -40.73
CA THR C 153 -8.56 -12.19 -40.25
C THR C 153 -7.50 -12.20 -39.17
N VAL C 154 -6.41 -11.46 -39.40
CA VAL C 154 -5.33 -11.44 -38.44
C VAL C 154 -5.77 -10.85 -37.11
N LEU C 155 -6.54 -9.77 -37.14
CA LEU C 155 -7.01 -9.17 -35.88
C LEU C 155 -7.96 -10.12 -35.12
N GLN C 156 -8.87 -10.76 -35.86
CA GLN C 156 -9.82 -11.70 -35.23
C GLN C 156 -9.12 -12.95 -34.67
N LEU C 157 -8.12 -13.47 -35.40
CA LEU C 157 -7.31 -14.56 -34.87
C LEU C 157 -6.59 -14.14 -33.60
N SER C 158 -5.96 -12.96 -33.64
CA SER C 158 -5.12 -12.51 -32.55
C SER C 158 -5.87 -12.16 -31.27
N LEU C 159 -7.07 -11.59 -31.39
CA LEU C 159 -7.92 -11.35 -30.22
C LEU C 159 -8.16 -12.69 -29.47
N ARG C 160 -8.46 -13.75 -30.22
CA ARG C 160 -8.77 -15.05 -29.60
C ARG C 160 -7.51 -15.70 -29.05
N ILE C 161 -6.36 -15.48 -29.71
CA ILE C 161 -5.09 -15.96 -29.19
C ILE C 161 -4.74 -15.22 -27.88
N LEU C 162 -5.05 -13.93 -27.79
CA LEU C 162 -4.86 -13.19 -26.54
C LEU C 162 -5.72 -13.78 -25.42
N ASP C 163 -6.93 -14.21 -25.75
CA ASP C 163 -7.79 -14.89 -24.75
C ASP C 163 -7.11 -16.17 -24.26
N ILE C 164 -6.56 -16.94 -25.19
CA ILE C 164 -5.86 -18.21 -24.87
C ILE C 164 -4.62 -17.96 -24.01
N LEU C 165 -3.81 -16.97 -24.41
CA LEU C 165 -2.58 -16.67 -23.70
C LEU C 165 -2.89 -16.19 -22.29
N GLU C 166 -3.89 -15.31 -22.14
CA GLU C 166 -4.26 -14.85 -20.82
C GLU C 166 -4.64 -16.04 -19.93
N TYR C 167 -5.45 -16.93 -20.49
CA TYR C 167 -5.88 -18.12 -19.76
C TYR C 167 -4.67 -18.98 -19.32
N ILE C 168 -3.81 -19.38 -20.23
CA ILE C 168 -2.69 -20.28 -19.84
C ILE C 168 -1.73 -19.57 -18.88
N HIS C 169 -1.46 -18.28 -19.13
CA HIS C 169 -0.61 -17.48 -18.25
C HIS C 169 -1.15 -17.40 -16.83
N GLU C 170 -2.47 -17.20 -16.71
CA GLU C 170 -3.12 -17.19 -15.41
C GLU C 170 -3.15 -18.56 -14.75
N HIS C 171 -2.92 -19.64 -15.50
CA HIS C 171 -2.77 -20.97 -14.94
C HIS C 171 -1.31 -21.46 -14.95
N GLU C 172 -0.37 -20.51 -14.88
CA GLU C 172 1.04 -20.74 -14.56
C GLU C 172 1.91 -21.19 -15.71
N TYR C 173 1.35 -21.22 -16.92
CA TYR C 173 2.11 -21.70 -18.09
C TYR C 173 2.26 -20.67 -19.20
N VAL C 174 3.40 -20.76 -19.90
CA VAL C 174 3.58 -20.10 -21.17
C VAL C 174 3.78 -21.18 -22.24
N HIS C 175 3.36 -20.82 -23.45
CA HIS C 175 3.41 -21.70 -24.60
C HIS C 175 4.78 -21.76 -25.25
N GLY C 176 5.35 -20.63 -25.65
CA GLY C 176 6.66 -20.50 -26.25
C GLY C 176 6.78 -20.82 -27.72
N ASP C 177 5.68 -21.23 -28.39
CA ASP C 177 5.76 -21.73 -29.76
C ASP C 177 4.47 -21.55 -30.54
N ILE C 178 3.89 -20.35 -30.39
CA ILE C 178 2.75 -19.96 -31.15
C ILE C 178 3.15 -19.79 -32.61
N LYS C 179 2.39 -20.44 -33.49
CA LYS C 179 2.56 -20.34 -34.94
C LYS C 179 1.36 -20.99 -35.61
N ALA C 180 1.23 -20.75 -36.91
CA ALA C 180 0.03 -21.19 -37.65
C ALA C 180 -0.13 -22.72 -37.63
N SER C 181 0.96 -23.48 -37.68
CA SER C 181 0.86 -24.93 -37.64
C SER C 181 0.44 -25.49 -36.27
N ASN C 182 0.52 -24.67 -35.21
CA ASN C 182 -0.01 -25.00 -33.88
C ASN C 182 -1.39 -24.38 -33.58
N LEU C 183 -2.04 -23.86 -34.60
CA LEU C 183 -3.37 -23.27 -34.47
C LEU C 183 -4.32 -24.03 -35.36
N LEU C 184 -5.34 -24.64 -34.74
CA LEU C 184 -6.26 -25.56 -35.42
C LEU C 184 -7.69 -25.07 -35.25
N LEU C 185 -8.49 -25.27 -36.28
CA LEU C 185 -9.88 -24.85 -36.27
C LEU C 185 -10.76 -25.91 -35.58
N ASN C 186 -11.82 -25.45 -34.92
CA ASN C 186 -12.88 -26.33 -34.47
C ASN C 186 -13.38 -27.11 -35.70
N TYR C 187 -13.41 -28.43 -35.57
CA TYR C 187 -13.85 -29.33 -36.63
C TYR C 187 -15.26 -28.96 -37.16
N LYS C 188 -16.13 -28.48 -36.27
CA LYS C 188 -17.51 -28.14 -36.61
C LYS C 188 -17.76 -26.61 -36.65
N ASN C 189 -16.73 -25.78 -36.50
CA ASN C 189 -16.91 -24.32 -36.54
C ASN C 189 -15.63 -23.64 -36.99
N PRO C 190 -15.57 -23.24 -38.28
CA PRO C 190 -14.36 -22.60 -38.80
C PRO C 190 -14.06 -21.18 -38.28
N ASP C 191 -14.90 -20.63 -37.41
CA ASP C 191 -14.60 -19.34 -36.75
C ASP C 191 -13.94 -19.48 -35.38
N GLN C 192 -13.67 -20.70 -34.93
CA GLN C 192 -13.05 -20.91 -33.62
C GLN C 192 -11.68 -21.51 -33.81
N VAL C 193 -10.65 -20.83 -33.34
CA VAL C 193 -9.29 -21.31 -33.45
C VAL C 193 -8.78 -21.70 -32.06
N TYR C 194 -8.02 -22.82 -32.02
CA TYR C 194 -7.45 -23.41 -30.82
C TYR C 194 -5.91 -23.50 -30.93
N LEU C 195 -5.23 -23.29 -29.81
CA LEU C 195 -3.79 -23.37 -29.76
C LEU C 195 -3.43 -24.73 -29.20
N VAL C 196 -2.64 -25.47 -29.94
CA VAL C 196 -2.23 -26.82 -29.54
C VAL C 196 -0.71 -26.94 -29.35
N ASP C 197 -0.32 -28.12 -28.87
CA ASP C 197 1.05 -28.57 -28.59
C ASP C 197 1.64 -27.91 -27.34
N TYR C 198 1.53 -28.62 -26.23
CA TYR C 198 2.07 -28.15 -24.97
C TYR C 198 3.22 -29.05 -24.54
N GLY C 199 3.69 -29.85 -25.49
CA GLY C 199 4.78 -30.75 -25.26
C GLY C 199 5.98 -30.04 -24.69
N LEU C 200 6.26 -28.82 -25.10
CA LEU C 200 7.40 -28.09 -24.59
C LEU C 200 6.98 -26.82 -23.86
N ALA C 201 5.75 -26.83 -23.35
CA ALA C 201 5.22 -25.73 -22.54
C ALA C 201 6.01 -25.54 -21.23
N TYR C 202 6.02 -24.33 -20.67
CA TYR C 202 6.83 -24.09 -19.52
C TYR C 202 6.00 -23.49 -18.39
N ARG C 203 6.14 -24.10 -17.23
CA ARG C 203 5.48 -23.62 -16.02
C ARG C 203 6.32 -22.51 -15.38
N TYR C 204 6.06 -21.28 -15.81
CA TYR C 204 6.90 -20.12 -15.50
C TYR C 204 6.61 -19.61 -14.08
N CYS C 205 5.47 -19.97 -13.51
CA CYS C 205 5.04 -19.40 -12.25
C CYS C 205 4.43 -20.47 -11.30
N PRO C 206 5.18 -21.56 -10.99
CA PRO C 206 4.62 -22.61 -10.13
C PRO C 206 4.25 -22.09 -8.73
N GLU C 207 3.00 -22.30 -8.34
CA GLU C 207 2.44 -21.80 -7.09
C GLU C 207 2.60 -20.31 -6.88
N GLY C 208 2.49 -19.54 -7.95
CA GLY C 208 2.63 -18.09 -7.86
C GLY C 208 4.04 -17.54 -7.74
N VAL C 209 5.08 -18.38 -7.83
CA VAL C 209 6.46 -17.90 -7.73
C VAL C 209 7.11 -17.85 -9.13
N HIS C 210 7.37 -16.64 -9.63
CA HIS C 210 7.87 -16.46 -10.99
C HIS C 210 9.33 -16.93 -11.07
N LYS C 211 9.66 -17.64 -12.13
CA LYS C 211 11.05 -18.01 -12.44
C LYS C 211 11.90 -16.77 -12.62
N ALA C 212 13.14 -16.86 -12.15
CA ALA C 212 14.11 -15.78 -12.26
C ALA C 212 14.59 -15.65 -13.70
N TYR C 213 15.18 -14.51 -14.03
CA TYR C 213 15.63 -14.26 -15.40
C TYR C 213 16.95 -14.98 -15.65
N ALA C 214 16.83 -16.26 -15.98
CA ALA C 214 17.96 -17.13 -16.26
C ALA C 214 17.56 -18.40 -17.00
N ALA C 215 18.55 -19.11 -17.53
CA ALA C 215 18.34 -20.42 -18.15
C ALA C 215 17.66 -21.45 -17.26
N ASP C 216 16.74 -22.26 -17.82
CA ASP C 216 16.32 -23.47 -17.16
C ASP C 216 16.86 -24.68 -17.88
N HIS C 221 14.44 -26.11 -24.92
CA HIS C 221 13.83 -25.77 -26.19
C HIS C 221 13.84 -24.28 -26.45
N ASP C 222 14.17 -23.90 -27.68
CA ASP C 222 14.21 -22.49 -28.04
C ASP C 222 13.03 -21.96 -28.86
N GLY C 223 12.04 -22.80 -29.12
CA GLY C 223 10.88 -22.42 -29.92
C GLY C 223 11.09 -22.66 -31.40
N THR C 224 10.48 -21.89 -32.26
CA THR C 224 10.67 -21.92 -33.70
C THR C 224 11.41 -20.65 -34.08
N ILE C 225 12.60 -20.83 -34.65
CA ILE C 225 13.56 -19.73 -34.77
C ILE C 225 13.02 -18.40 -35.33
N GLU C 226 12.21 -18.44 -36.40
CA GLU C 226 11.72 -17.19 -36.99
C GLU C 226 10.75 -16.41 -36.13
N PHE C 227 10.04 -17.10 -35.22
CA PHE C 227 9.03 -16.48 -34.37
C PHE C 227 9.42 -16.33 -32.91
N THR C 228 10.50 -16.98 -32.45
CA THR C 228 10.78 -17.04 -31.02
C THR C 228 11.19 -15.69 -30.42
N SER C 229 11.09 -15.61 -29.10
CA SER C 229 11.35 -14.37 -28.39
C SER C 229 12.85 -14.06 -28.25
N ILE C 230 13.15 -12.78 -28.11
CA ILE C 230 14.51 -12.31 -27.75
C ILE C 230 15.00 -13.02 -26.46
N ASP C 231 14.11 -13.16 -25.48
CA ASP C 231 14.43 -13.89 -24.25
C ASP C 231 14.94 -15.32 -24.54
N ALA C 232 14.22 -16.03 -25.40
CA ALA C 232 14.62 -17.39 -25.80
C ALA C 232 15.95 -17.38 -26.53
N HIS C 233 16.14 -16.41 -27.42
CA HIS C 233 17.43 -16.25 -28.12
C HIS C 233 18.58 -16.01 -27.13
N ASN C 234 18.29 -15.31 -26.03
CA ASN C 234 19.29 -15.04 -25.00
C ASN C 234 19.54 -16.21 -24.04
N GLY C 235 18.82 -17.31 -24.24
CA GLY C 235 19.00 -18.51 -23.46
C GLY C 235 18.23 -18.44 -22.15
N VAL C 236 17.23 -17.57 -22.00
CA VAL C 236 16.55 -17.56 -20.73
C VAL C 236 15.23 -18.27 -20.94
N ALA C 237 14.71 -18.74 -19.83
CA ALA C 237 13.41 -19.45 -19.84
C ALA C 237 12.32 -18.50 -20.35
N PRO C 238 11.37 -19.04 -21.12
CA PRO C 238 10.33 -18.17 -21.65
C PRO C 238 9.40 -17.62 -20.56
N SER C 239 8.92 -16.38 -20.74
CA SER C 239 7.89 -15.83 -19.86
C SER C 239 6.77 -15.22 -20.66
N ARG C 240 5.88 -14.50 -19.97
CA ARG C 240 4.67 -13.99 -20.62
C ARG C 240 4.96 -12.99 -21.74
N ARG C 241 5.89 -12.07 -21.53
CA ARG C 241 6.17 -11.09 -22.59
C ARG C 241 6.62 -11.81 -23.88
N GLY C 242 7.37 -12.91 -23.73
CA GLY C 242 7.84 -13.65 -24.88
C GLY C 242 6.72 -14.23 -25.72
N ASP C 243 5.68 -14.78 -25.07
CA ASP C 243 4.53 -15.26 -25.81
C ASP C 243 3.87 -14.14 -26.63
N LEU C 244 3.77 -12.96 -26.05
CA LEU C 244 3.15 -11.83 -26.74
C LEU C 244 4.01 -11.34 -27.92
N GLU C 245 5.33 -11.41 -27.72
CA GLU C 245 6.26 -11.05 -28.77
C GLU C 245 6.16 -12.02 -29.98
N ILE C 246 6.09 -13.32 -29.67
CA ILE C 246 5.91 -14.36 -30.67
C ILE C 246 4.65 -14.09 -31.50
N LEU C 247 3.55 -13.80 -30.82
CA LEU C 247 2.31 -13.44 -31.50
C LEU C 247 2.49 -12.20 -32.43
N GLY C 248 3.25 -11.21 -31.97
CA GLY C 248 3.61 -10.05 -32.83
C GLY C 248 4.27 -10.43 -34.17
N TYR C 249 5.27 -11.30 -34.09
CA TYR C 249 5.96 -11.79 -35.30
C TYR C 249 5.01 -12.58 -36.18
N CYS C 250 4.15 -13.42 -35.56
CA CYS C 250 3.11 -14.11 -36.32
C CYS C 250 2.21 -13.15 -37.11
N MET C 251 1.75 -12.10 -36.46
CA MET C 251 0.83 -11.15 -37.09
C MET C 251 1.45 -10.54 -38.35
N ILE C 252 2.72 -10.16 -38.25
CA ILE C 252 3.43 -9.58 -39.38
C ILE C 252 3.62 -10.60 -40.51
N GLN C 253 4.07 -11.81 -40.16
CA GLN C 253 4.18 -12.92 -41.13
C GLN C 253 2.85 -13.15 -41.85
N TRP C 254 1.75 -13.17 -41.10
CA TRP C 254 0.44 -13.43 -41.69
C TRP C 254 -0.03 -12.30 -42.60
N LEU C 255 0.21 -11.06 -42.20
CA LEU C 255 -0.23 -9.89 -42.97
C LEU C 255 0.56 -9.74 -44.28
N THR C 256 1.87 -10.01 -44.24
CA THR C 256 2.80 -9.64 -45.32
C THR C 256 3.43 -10.79 -46.10
N GLY C 257 3.32 -12.01 -45.59
CA GLY C 257 3.99 -13.17 -46.16
C GLY C 257 5.47 -13.35 -45.78
N HIS C 258 6.03 -12.44 -44.98
CA HIS C 258 7.47 -12.40 -44.74
C HIS C 258 7.82 -11.87 -43.35
N LEU C 259 9.06 -12.16 -42.93
CA LEU C 259 9.71 -11.49 -41.81
C LEU C 259 11.12 -11.08 -42.26
N PRO C 260 11.67 -9.99 -41.69
CA PRO C 260 12.95 -9.44 -42.25
C PRO C 260 14.15 -10.40 -42.17
N TRP C 261 14.15 -11.28 -41.18
CA TRP C 261 15.27 -12.19 -40.89
C TRP C 261 15.13 -13.58 -41.52
N GLU C 262 14.09 -13.79 -42.34
CA GLU C 262 13.78 -15.10 -42.93
C GLU C 262 14.83 -15.64 -43.91
N ASP C 263 15.67 -14.79 -44.44
CA ASP C 263 16.76 -15.14 -45.32
C ASP C 263 17.99 -15.74 -44.64
N ASN C 264 18.05 -15.73 -43.29
CA ASN C 264 19.21 -16.34 -42.66
C ASN C 264 18.85 -16.99 -41.34
N LEU C 265 17.87 -17.88 -41.43
CA LEU C 265 17.37 -18.58 -40.26
C LEU C 265 18.35 -19.63 -39.76
N LYS C 266 19.34 -20.00 -40.55
CA LYS C 266 20.39 -20.90 -40.09
C LYS C 266 21.43 -20.19 -39.18
N ASP C 267 21.30 -18.89 -39.00
CA ASP C 267 22.20 -18.13 -38.15
C ASP C 267 21.42 -17.43 -37.03
N PRO C 268 21.38 -18.08 -35.88
CA PRO C 268 20.62 -17.60 -34.73
C PRO C 268 21.09 -16.24 -34.25
N LYS C 269 22.40 -15.99 -34.28
CA LYS C 269 22.89 -14.70 -33.86
C LYS C 269 22.35 -13.59 -34.77
N TYR C 270 22.28 -13.84 -36.08
CA TYR C 270 21.71 -12.86 -36.99
C TYR C 270 20.23 -12.60 -36.67
N VAL C 271 19.48 -13.67 -36.44
CA VAL C 271 18.05 -13.56 -36.14
C VAL C 271 17.84 -12.76 -34.86
N ARG C 272 18.57 -13.11 -33.83
CA ARG C 272 18.49 -12.38 -32.54
C ARG C 272 18.83 -10.89 -32.76
N ASP C 273 19.95 -10.62 -33.41
CA ASP C 273 20.40 -9.26 -33.65
C ASP C 273 19.35 -8.42 -34.36
N SER C 274 18.77 -8.99 -35.39
CA SER C 274 17.76 -8.32 -36.17
C SER C 274 16.47 -8.03 -35.33
N LYS C 275 16.00 -8.99 -34.55
CA LYS C 275 14.89 -8.76 -33.63
C LYS C 275 15.18 -7.68 -32.58
N ILE C 276 16.39 -7.66 -32.04
CA ILE C 276 16.78 -6.64 -31.07
C ILE C 276 16.74 -5.25 -31.71
N ARG C 277 17.31 -5.13 -32.92
CA ARG C 277 17.34 -3.87 -33.64
C ARG C 277 15.93 -3.37 -33.99
N TYR C 278 15.06 -4.29 -34.41
CA TYR C 278 13.71 -3.92 -34.76
C TYR C 278 12.82 -3.67 -33.55
N ARG C 279 13.17 -4.21 -32.39
CA ARG C 279 12.53 -3.83 -31.13
C ARG C 279 12.94 -2.41 -30.70
N GLU C 280 14.23 -2.07 -30.84
CA GLU C 280 14.69 -0.73 -30.50
C GLU C 280 14.00 0.35 -31.39
N ASN C 281 13.73 0.01 -32.66
CA ASN C 281 13.16 0.93 -33.65
C ASN C 281 11.99 0.26 -34.40
N ILE C 282 10.83 0.29 -33.76
CA ILE C 282 9.61 -0.33 -34.30
C ILE C 282 9.14 0.35 -35.60
N ALA C 283 9.32 1.68 -35.71
CA ALA C 283 8.99 2.37 -36.94
C ALA C 283 9.78 1.76 -38.11
N SER C 284 11.05 1.42 -37.90
CA SER C 284 11.84 0.81 -38.96
C SER C 284 11.35 -0.60 -39.30
N LEU C 285 10.85 -1.34 -38.31
CA LEU C 285 10.21 -2.62 -38.59
C LEU C 285 8.99 -2.46 -39.50
N MET C 286 8.15 -1.50 -39.16
CA MET C 286 6.92 -1.26 -39.93
C MET C 286 7.29 -0.83 -41.38
N ASP C 287 8.27 0.06 -41.52
CA ASP C 287 8.75 0.46 -42.83
C ASP C 287 9.33 -0.70 -43.66
N LYS C 288 10.09 -1.57 -43.01
CA LYS C 288 10.65 -2.73 -43.69
C LYS C 288 9.58 -3.72 -44.14
N CYS C 289 8.61 -3.99 -43.27
CA CYS C 289 7.62 -5.06 -43.51
C CYS C 289 6.41 -4.65 -44.35
N PHE C 290 6.04 -3.36 -44.31
CA PHE C 290 4.88 -2.90 -45.02
C PHE C 290 5.23 -1.84 -46.07
N PRO C 291 4.56 -1.93 -47.25
CA PRO C 291 4.65 -0.84 -48.23
C PRO C 291 4.16 0.46 -47.64
N ALA C 292 4.65 1.56 -48.15
CA ALA C 292 4.21 2.88 -47.71
C ALA C 292 2.69 3.06 -47.70
N ALA C 293 2.20 3.52 -46.55
CA ALA C 293 0.79 3.77 -46.27
C ALA C 293 0.02 2.49 -45.93
N ASN C 294 0.71 1.36 -45.92
CA ASN C 294 0.10 0.08 -45.60
C ASN C 294 0.33 -0.41 -44.18
N ALA C 295 1.12 0.30 -43.39
CA ALA C 295 1.40 -0.19 -42.04
C ALA C 295 0.20 0.01 -41.12
N PRO C 296 -0.26 -1.09 -40.55
CA PRO C 296 -1.40 -1.00 -39.64
C PRO C 296 -0.94 -0.49 -38.26
N GLY C 297 -1.47 0.66 -37.84
CA GLY C 297 -1.07 1.32 -36.60
C GLY C 297 -1.17 0.48 -35.33
N GLU C 298 -2.18 -0.39 -35.28
CA GLU C 298 -2.37 -1.28 -34.15
C GLU C 298 -1.24 -2.28 -33.95
N ILE C 299 -0.59 -2.70 -35.04
CA ILE C 299 0.51 -3.66 -34.92
C ILE C 299 1.70 -2.94 -34.25
N ALA C 300 2.00 -1.71 -34.67
CA ALA C 300 3.06 -0.94 -34.05
C ALA C 300 2.76 -0.68 -32.55
N LYS C 301 1.54 -0.28 -32.24
CA LYS C 301 1.16 -0.04 -30.83
C LYS C 301 1.25 -1.31 -30.00
N TYR C 302 0.82 -2.43 -30.58
CA TYR C 302 0.93 -3.74 -29.90
C TYR C 302 2.41 -4.01 -29.53
N MET C 303 3.31 -3.88 -30.50
N MET C 303 3.31 -3.87 -30.50
CA MET C 303 4.72 -4.14 -30.28
CA MET C 303 4.73 -4.13 -30.27
C MET C 303 5.37 -3.17 -29.29
C MET C 303 5.37 -3.16 -29.28
N GLU C 304 4.99 -1.89 -29.31
CA GLU C 304 5.46 -0.88 -28.34
C GLU C 304 5.03 -1.25 -26.92
N THR C 305 3.79 -1.74 -26.78
CA THR C 305 3.29 -2.15 -25.49
C THR C 305 4.03 -3.38 -24.95
N VAL C 306 4.31 -4.35 -25.82
CA VAL C 306 5.07 -5.54 -25.44
C VAL C 306 6.51 -5.18 -25.06
N LYS C 307 7.11 -4.24 -25.80
CA LYS C 307 8.46 -3.74 -25.52
C LYS C 307 8.59 -3.20 -24.09
N LEU C 308 7.51 -2.59 -23.58
CA LEU C 308 7.52 -2.02 -22.23
C LEU C 308 7.41 -3.05 -21.09
N LEU C 309 7.09 -4.29 -21.40
CA LEU C 309 6.95 -5.33 -20.35
C LEU C 309 8.31 -5.78 -19.83
N ASP C 310 8.46 -5.80 -18.53
CA ASP C 310 9.59 -6.49 -17.91
C ASP C 310 9.40 -8.00 -17.92
N TYR C 311 10.50 -8.72 -17.69
CA TYR C 311 10.50 -10.17 -17.76
C TYR C 311 9.43 -10.85 -16.88
N THR C 312 9.29 -10.37 -15.65
CA THR C 312 8.30 -10.95 -14.72
C THR C 312 6.94 -10.26 -14.72
N GLU C 313 6.75 -9.26 -15.58
CA GLU C 313 5.57 -8.40 -15.48
C GLU C 313 4.30 -9.05 -16.02
N LYS C 314 3.20 -8.90 -15.30
CA LYS C 314 1.90 -9.31 -15.81
C LYS C 314 1.41 -8.37 -16.93
N PRO C 315 1.15 -8.91 -18.13
CA PRO C 315 0.58 -8.07 -19.20
C PRO C 315 -0.83 -7.56 -18.90
N LEU C 316 -1.16 -6.39 -19.45
CA LEU C 316 -2.53 -5.86 -19.36
C LEU C 316 -3.24 -6.36 -20.63
N TYR C 317 -3.81 -7.55 -20.56
CA TYR C 317 -4.34 -8.24 -21.76
C TYR C 317 -5.52 -7.50 -22.41
N GLU C 318 -6.35 -6.86 -21.57
CA GLU C 318 -7.50 -6.11 -22.11
C GLU C 318 -7.04 -4.88 -22.89
N ASN C 319 -6.00 -4.18 -22.40
CA ASN C 319 -5.39 -3.07 -23.11
C ASN C 319 -4.84 -3.55 -24.49
N LEU C 320 -4.22 -4.74 -24.56
CA LEU C 320 -3.76 -5.29 -25.84
C LEU C 320 -4.90 -5.60 -26.78
N ARG C 321 -5.97 -6.20 -26.25
CA ARG C 321 -7.17 -6.45 -27.03
C ARG C 321 -7.75 -5.14 -27.59
N ASP C 322 -7.83 -4.13 -26.74
CA ASP C 322 -8.38 -2.82 -27.14
C ASP C 322 -7.53 -2.19 -28.29
N ILE C 323 -6.21 -2.34 -28.19
CA ILE C 323 -5.32 -1.88 -29.28
C ILE C 323 -5.71 -2.56 -30.61
N LEU C 324 -5.92 -3.87 -30.60
CA LEU C 324 -6.33 -4.57 -31.81
C LEU C 324 -7.75 -4.20 -32.24
N LEU C 325 -8.66 -3.98 -31.30
CA LEU C 325 -10.01 -3.52 -31.62
C LEU C 325 -9.99 -2.16 -32.37
N GLN C 326 -9.06 -1.26 -32.04
N GLN C 326 -9.04 -1.26 -32.05
CA GLN C 326 -8.94 0.00 -32.79
CA GLN C 326 -8.90 0.02 -32.80
C GLN C 326 -8.61 -0.28 -34.29
C GLN C 326 -8.61 -0.29 -34.30
N GLY C 327 -7.83 -1.34 -34.57
CA GLY C 327 -7.64 -1.82 -35.93
C GLY C 327 -8.89 -2.23 -36.68
N LEU C 328 -9.72 -2.99 -36.01
CA LEU C 328 -11.03 -3.35 -36.56
C LEU C 328 -11.90 -2.13 -36.85
N LYS C 329 -11.93 -1.15 -35.95
CA LYS C 329 -12.69 0.09 -36.17
C LYS C 329 -12.11 0.85 -37.35
N ALA C 330 -10.77 0.86 -37.49
CA ALA C 330 -10.11 1.54 -38.62
C ALA C 330 -10.53 0.98 -40.00
N ILE C 331 -10.79 -0.33 -40.08
CA ILE C 331 -11.27 -0.94 -41.34
C ILE C 331 -12.79 -1.04 -41.46
N GLY C 332 -13.52 -0.37 -40.58
CA GLY C 332 -14.97 -0.30 -40.67
C GLY C 332 -15.67 -1.54 -40.14
N SER C 333 -15.03 -2.28 -39.24
CA SER C 333 -15.58 -3.53 -38.74
C SER C 333 -15.69 -3.49 -37.21
N LYS C 334 -15.84 -4.68 -36.62
CA LYS C 334 -16.05 -4.83 -35.18
C LYS C 334 -15.66 -6.26 -34.85
N ASP C 335 -15.46 -6.54 -33.57
CA ASP C 335 -15.21 -7.92 -33.13
C ASP C 335 -16.53 -8.69 -33.16
N ASP C 336 -16.82 -9.28 -34.31
CA ASP C 336 -18.00 -10.14 -34.50
C ASP C 336 -17.64 -11.61 -34.51
N GLY C 337 -16.42 -11.95 -34.08
CA GLY C 337 -15.93 -13.34 -34.09
C GLY C 337 -15.74 -14.00 -35.46
N LYS C 338 -15.86 -13.26 -36.57
CA LYS C 338 -15.72 -13.84 -37.91
C LYS C 338 -14.24 -13.87 -38.35
N LEU C 339 -13.68 -15.06 -38.50
CA LEU C 339 -12.28 -15.21 -38.93
C LEU C 339 -12.08 -14.93 -40.41
N ASP C 340 -13.12 -15.06 -41.22
CA ASP C 340 -13.07 -14.80 -42.67
C ASP C 340 -12.05 -15.68 -43.42
N LEU C 341 -11.96 -16.96 -43.06
CA LEU C 341 -10.96 -17.85 -43.66
C LEU C 341 -11.37 -18.44 -45.04
N ALA D 24 2.82 44.07 -9.38
CA ALA D 24 2.22 44.72 -8.18
C ALA D 24 1.34 43.71 -7.48
N VAL D 25 1.47 43.64 -6.14
CA VAL D 25 0.72 42.66 -5.35
C VAL D 25 -0.78 42.90 -5.56
N GLY D 26 -1.50 41.82 -5.81
CA GLY D 26 -2.92 41.89 -6.13
C GLY D 26 -3.30 42.17 -7.58
N GLU D 27 -2.34 42.42 -8.48
CA GLU D 27 -2.69 42.72 -9.86
C GLU D 27 -3.29 41.52 -10.60
N ILE D 28 -4.22 41.79 -11.50
CA ILE D 28 -4.96 40.75 -12.20
C ILE D 28 -4.44 40.66 -13.63
N ILE D 29 -4.02 39.47 -14.01
CA ILE D 29 -3.56 39.22 -15.39
C ILE D 29 -4.45 38.16 -16.05
N THR D 30 -4.63 38.25 -17.36
CA THR D 30 -5.53 37.36 -18.10
C THR D 30 -4.75 36.63 -19.20
N ASP D 31 -4.83 35.30 -19.22
CA ASP D 31 -4.08 34.50 -20.13
C ASP D 31 -4.78 34.33 -21.48
N MET D 32 -4.14 33.57 -22.39
CA MET D 32 -4.66 33.29 -23.72
C MET D 32 -5.97 32.53 -23.79
N ALA D 33 -6.30 31.78 -22.75
CA ALA D 33 -7.61 31.08 -22.60
C ALA D 33 -8.62 31.94 -21.89
N ALA D 34 -8.31 33.22 -21.71
CA ALA D 34 -9.14 34.17 -20.95
C ALA D 34 -9.34 33.86 -19.46
N ALA D 35 -8.49 33.01 -18.89
CA ALA D 35 -8.52 32.74 -17.45
C ALA D 35 -7.79 33.87 -16.70
N ALA D 36 -8.38 34.31 -15.59
CA ALA D 36 -7.87 35.38 -14.75
C ALA D 36 -7.00 34.83 -13.61
N TRP D 37 -5.86 35.48 -13.40
CA TRP D 37 -4.91 35.13 -12.33
C TRP D 37 -4.58 36.39 -11.54
N LYS D 38 -4.35 36.19 -10.23
CA LYS D 38 -3.96 37.27 -9.33
C LYS D 38 -2.52 37.03 -8.87
N VAL D 39 -1.75 38.11 -8.81
CA VAL D 39 -0.33 38.06 -8.48
C VAL D 39 -0.12 38.34 -6.98
N GLY D 40 0.76 37.58 -6.36
CA GLY D 40 1.15 37.79 -4.95
C GLY D 40 2.58 38.27 -4.84
N LEU D 41 3.29 37.90 -3.76
CA LEU D 41 4.62 38.44 -3.51
C LEU D 41 5.67 37.85 -4.47
N PRO D 42 6.72 38.64 -4.79
CA PRO D 42 7.86 38.07 -5.50
C PRO D 42 8.59 37.03 -4.65
N ILE D 43 9.33 36.13 -5.27
CA ILE D 43 10.15 35.18 -4.51
C ILE D 43 11.59 35.13 -4.99
N CYS D 50 10.72 39.18 -11.40
CA CYS D 50 11.07 38.03 -12.16
C CYS D 50 10.06 36.92 -11.97
N ILE D 51 9.87 36.41 -10.75
CA ILE D 51 8.95 35.33 -10.47
C ILE D 51 8.15 35.67 -9.21
N TYR D 52 6.82 35.52 -9.31
CA TYR D 52 5.92 35.84 -8.22
C TYR D 52 5.02 34.65 -7.92
N LEU D 53 4.59 34.52 -6.67
CA LEU D 53 3.49 33.62 -6.34
C LEU D 53 2.22 34.06 -7.06
N ALA D 54 1.36 33.11 -7.38
CA ALA D 54 0.14 33.40 -8.13
C ALA D 54 -0.95 32.38 -7.82
N ASP D 55 -2.18 32.80 -8.05
CA ASP D 55 -3.32 31.93 -7.92
C ASP D 55 -4.45 32.41 -8.84
N MET D 56 -5.49 31.58 -8.96
CA MET D 56 -6.69 31.94 -9.72
C MET D 56 -7.27 33.20 -9.11
N ASN D 57 -7.85 34.05 -9.94
CA ASN D 57 -8.41 35.29 -9.42
C ASN D 57 -9.58 34.96 -8.50
N SER D 58 -9.64 35.67 -7.36
CA SER D 58 -10.71 35.54 -6.37
C SER D 58 -10.74 36.80 -5.54
N SER D 59 -11.71 36.90 -4.62
CA SER D 59 -11.72 37.96 -3.62
C SER D 59 -10.58 37.86 -2.58
N GLU D 60 -10.03 36.65 -2.38
CA GLU D 60 -8.88 36.43 -1.50
C GLU D 60 -7.59 36.93 -2.14
N SER D 61 -6.66 37.38 -1.29
CA SER D 61 -5.34 37.71 -1.75
C SER D 61 -4.52 36.43 -1.89
N VAL D 62 -3.44 36.51 -2.66
CA VAL D 62 -2.58 35.35 -2.89
C VAL D 62 -1.67 35.20 -1.67
N GLY D 63 -1.72 34.02 -1.03
CA GLY D 63 -0.97 33.73 0.19
C GLY D 63 0.40 33.12 -0.07
N SER D 64 1.14 32.85 1.00
CA SER D 64 2.48 32.27 0.89
C SER D 64 2.47 30.78 0.56
N ASP D 65 1.29 30.16 0.66
CA ASP D 65 1.07 28.76 0.24
C ASP D 65 0.41 28.65 -1.16
N ALA D 66 0.59 29.68 -1.99
CA ALA D 66 0.02 29.69 -3.34
C ALA D 66 0.50 28.48 -4.15
N PRO D 67 -0.40 27.91 -4.98
CA PRO D 67 -0.05 26.70 -5.74
C PRO D 67 0.62 26.98 -7.07
N CYS D 68 0.70 28.25 -7.48
CA CYS D 68 1.34 28.60 -8.75
C CYS D 68 2.34 29.71 -8.58
N VAL D 69 3.14 29.88 -9.62
CA VAL D 69 3.95 31.07 -9.80
C VAL D 69 3.69 31.67 -11.19
N VAL D 70 4.01 32.95 -11.32
CA VAL D 70 4.04 33.61 -12.60
C VAL D 70 5.48 34.07 -12.87
N LYS D 71 6.01 33.63 -14.03
CA LYS D 71 7.29 34.09 -14.55
C LYS D 71 7.02 35.17 -15.59
N VAL D 72 7.77 36.26 -15.50
CA VAL D 72 7.52 37.47 -16.32
C VAL D 72 8.85 37.93 -16.93
N GLU D 73 8.79 38.27 -18.20
CA GLU D 73 9.91 38.79 -18.96
C GLU D 73 9.37 39.82 -19.96
N PRO D 74 10.27 40.56 -20.56
CA PRO D 74 9.88 41.52 -21.59
C PRO D 74 9.35 40.77 -22.81
N SER D 75 8.44 41.36 -23.56
CA SER D 75 7.85 40.68 -24.71
C SER D 75 8.89 40.25 -25.74
N ASP D 76 9.90 41.09 -25.97
CA ASP D 76 10.99 40.77 -26.89
C ASP D 76 11.95 39.69 -26.38
N ASN D 77 11.95 39.42 -25.09
CA ASN D 77 12.86 38.41 -24.54
C ASN D 77 12.60 37.04 -25.13
N GLY D 78 13.67 36.37 -25.50
CA GLY D 78 13.53 35.08 -26.14
C GLY D 78 13.30 33.86 -25.28
N PRO D 79 13.98 33.74 -24.16
CA PRO D 79 13.89 32.49 -23.41
C PRO D 79 12.45 32.12 -22.95
N LEU D 80 11.65 33.07 -22.52
CA LEU D 80 10.30 32.72 -22.11
C LEU D 80 9.43 32.25 -23.30
N PHE D 81 9.65 32.82 -24.45
CA PHE D 81 8.99 32.36 -25.65
C PHE D 81 9.40 30.94 -26.03
N THR D 82 10.69 30.64 -25.95
CA THR D 82 11.23 29.27 -26.16
C THR D 82 10.56 28.27 -25.21
N GLU D 83 10.51 28.64 -23.94
CA GLU D 83 9.95 27.82 -22.91
C GLU D 83 8.41 27.59 -23.17
N LEU D 84 7.70 28.64 -23.56
CA LEU D 84 6.28 28.53 -23.88
C LEU D 84 6.04 27.53 -25.05
N LYS D 85 6.88 27.62 -26.09
CA LYS D 85 6.73 26.73 -27.21
C LYS D 85 7.01 25.27 -26.81
N PHE D 86 8.01 25.07 -25.93
CA PHE D 86 8.31 23.75 -25.37
C PHE D 86 7.08 23.15 -24.68
N TYR D 87 6.51 23.90 -23.74
CA TYR D 87 5.38 23.39 -22.98
C TYR D 87 4.16 23.10 -23.87
N GLN D 88 3.86 24.00 -24.83
CA GLN D 88 2.75 23.79 -25.72
C GLN D 88 2.92 22.60 -26.66
N ARG D 89 4.14 22.31 -27.10
CA ARG D 89 4.39 21.21 -28.02
C ARG D 89 4.56 19.86 -27.31
N ALA D 90 5.28 19.89 -26.20
CA ALA D 90 5.87 18.65 -25.63
C ALA D 90 5.42 18.31 -24.22
N ALA D 91 4.79 19.25 -23.52
CA ALA D 91 4.53 19.05 -22.10
C ALA D 91 3.14 19.40 -21.72
N LYS D 92 2.20 19.09 -22.61
CA LYS D 92 0.79 19.26 -22.28
C LYS D 92 0.44 18.19 -21.23
N PRO D 93 -0.46 18.52 -20.29
CA PRO D 93 -0.87 17.57 -19.25
C PRO D 93 -1.18 16.16 -19.73
N GLU D 94 -1.91 16.03 -20.82
CA GLU D 94 -2.27 14.70 -21.37
C GLU D 94 -1.05 13.90 -21.86
N GLN D 95 -0.08 14.59 -22.42
CA GLN D 95 1.16 13.96 -22.88
C GLN D 95 1.92 13.41 -21.68
N ILE D 96 2.02 14.22 -20.63
CA ILE D 96 2.70 13.81 -19.41
C ILE D 96 1.97 12.60 -18.77
N GLN D 97 0.66 12.70 -18.65
CA GLN D 97 -0.13 11.64 -18.05
C GLN D 97 -0.07 10.34 -18.85
N LYS D 98 -0.13 10.43 -20.17
CA LYS D 98 0.01 9.23 -21.00
C LYS D 98 1.37 8.56 -20.74
N TRP D 99 2.44 9.35 -20.66
CA TRP D 99 3.74 8.78 -20.41
C TRP D 99 3.86 8.13 -19.01
N ILE D 100 3.33 8.81 -17.98
CA ILE D 100 3.33 8.23 -16.62
C ILE D 100 2.62 6.86 -16.59
N ARG D 101 1.47 6.80 -17.22
CA ARG D 101 0.69 5.53 -17.34
C ARG D 101 1.46 4.45 -18.11
N THR D 102 1.93 4.76 -19.33
CA THR D 102 2.55 3.74 -20.18
C THR D 102 3.89 3.24 -19.65
N ARG D 103 4.66 4.10 -19.01
N ARG D 103 4.66 4.11 -19.02
CA ARG D 103 5.93 3.72 -18.43
CA ARG D 103 5.92 3.71 -18.44
C ARG D 103 5.81 3.26 -16.98
C ARG D 103 5.82 3.33 -16.98
N LYS D 104 4.59 3.23 -16.43
CA LYS D 104 4.35 2.76 -15.07
C LYS D 104 5.20 3.53 -14.06
N LEU D 105 5.22 4.87 -14.15
CA LEU D 105 6.00 5.69 -13.24
C LEU D 105 5.14 6.12 -12.07
N LYS D 106 5.79 6.37 -10.93
CA LYS D 106 5.12 6.98 -9.79
C LYS D 106 4.79 8.44 -10.08
N TYR D 107 5.71 9.15 -10.74
CA TYR D 107 5.48 10.54 -11.12
C TYR D 107 6.43 10.86 -12.27
N LEU D 108 6.34 12.05 -12.85
CA LEU D 108 7.35 12.54 -13.79
C LEU D 108 7.66 13.99 -13.50
N GLY D 109 8.93 14.32 -13.34
CA GLY D 109 9.36 15.65 -12.91
C GLY D 109 9.40 16.73 -13.99
N VAL D 110 8.36 16.79 -14.83
CA VAL D 110 8.14 17.89 -15.74
C VAL D 110 7.05 18.76 -15.13
N PRO D 111 7.30 20.07 -14.99
CA PRO D 111 6.29 20.92 -14.34
C PRO D 111 5.00 21.06 -15.12
N LYS D 112 3.91 21.33 -14.43
CA LYS D 112 2.66 21.71 -15.10
C LYS D 112 2.68 23.20 -15.53
N TYR D 113 2.37 23.41 -16.80
CA TYR D 113 2.09 24.69 -17.43
C TYR D 113 0.57 24.99 -17.34
N TRP D 114 0.21 26.13 -16.79
CA TRP D 114 -1.19 26.51 -16.56
C TRP D 114 -1.74 27.57 -17.52
N GLY D 115 -0.87 28.34 -18.15
CA GLY D 115 -1.32 29.40 -19.04
C GLY D 115 -0.24 30.43 -19.30
N SER D 116 -0.49 31.29 -20.27
CA SER D 116 0.45 32.33 -20.65
C SER D 116 -0.29 33.48 -21.30
N GLY D 117 0.38 34.61 -21.33
CA GLY D 117 -0.26 35.83 -21.81
C GLY D 117 0.68 37.01 -21.93
N LEU D 118 0.10 38.18 -22.16
CA LEU D 118 0.79 39.44 -22.27
C LEU D 118 0.21 40.36 -21.22
N HIS D 119 1.06 41.18 -20.59
CA HIS D 119 0.62 42.17 -19.61
C HIS D 119 1.41 43.45 -19.86
N ASP D 120 0.70 44.57 -20.00
CA ASP D 120 1.32 45.87 -20.18
C ASP D 120 1.33 46.61 -18.84
N LYS D 121 2.46 47.22 -18.47
CA LYS D 121 2.57 47.96 -17.22
C LYS D 121 3.58 49.09 -17.36
N ASN D 122 3.19 50.28 -16.91
CA ASN D 122 4.01 51.51 -17.00
C ASN D 122 4.50 51.73 -18.44
N GLY D 123 3.61 51.56 -19.41
CA GLY D 123 3.92 51.67 -20.83
C GLY D 123 4.92 50.70 -21.45
N LYS D 124 5.26 49.60 -20.77
CA LYS D 124 6.12 48.55 -21.33
C LYS D 124 5.32 47.24 -21.44
N SER D 125 5.72 46.38 -22.36
CA SER D 125 5.00 45.13 -22.66
C SER D 125 5.72 43.90 -22.14
N TYR D 126 5.00 43.07 -21.39
CA TYR D 126 5.58 41.87 -20.80
C TYR D 126 4.82 40.62 -21.21
N ARG D 127 5.54 39.51 -21.22
CA ARG D 127 5.00 38.18 -21.44
C ARG D 127 5.07 37.44 -20.11
N PHE D 128 4.07 36.61 -19.83
CA PHE D 128 4.06 35.79 -18.64
C PHE D 128 3.69 34.34 -18.90
N MET D 129 4.18 33.48 -18.00
CA MET D 129 3.78 32.09 -17.92
C MET D 129 3.41 31.73 -16.50
N ILE D 130 2.29 31.02 -16.34
CA ILE D 130 1.83 30.49 -15.05
C ILE D 130 2.25 29.03 -14.96
N MET D 131 2.98 28.69 -13.90
CA MET D 131 3.52 27.33 -13.67
C MET D 131 3.23 26.85 -12.26
N ASP D 132 3.46 25.54 -12.02
CA ASP D 132 3.46 25.00 -10.67
C ASP D 132 4.37 25.80 -9.73
N ARG D 133 3.89 26.01 -8.50
CA ARG D 133 4.74 26.39 -7.40
C ARG D 133 5.37 25.11 -6.77
N PHE D 134 6.69 25.16 -6.57
CA PHE D 134 7.47 24.12 -5.91
C PHE D 134 8.00 24.55 -4.53
N GLY D 135 8.70 23.61 -3.87
CA GLY D 135 9.44 23.91 -2.65
C GLY D 135 10.86 24.32 -3.01
N SER D 136 11.80 23.84 -2.22
CA SER D 136 13.20 24.27 -2.32
C SER D 136 13.87 23.73 -3.57
N ASP D 137 14.83 24.51 -4.08
CA ASP D 137 15.76 23.99 -5.09
C ASP D 137 16.80 23.10 -4.40
N LEU D 138 17.44 22.21 -5.19
CA LEU D 138 18.46 21.30 -4.66
C LEU D 138 19.78 21.98 -4.28
N GLN D 139 20.10 23.12 -4.92
CA GLN D 139 21.33 23.86 -4.62
C GLN D 139 21.35 24.36 -3.18
N LYS D 140 20.22 24.88 -2.68
CA LYS D 140 20.15 25.33 -1.29
C LYS D 140 20.37 24.14 -0.33
N ILE D 141 19.75 23.00 -0.64
CA ILE D 141 19.87 21.82 0.22
C ILE D 141 21.32 21.26 0.20
N TYR D 142 21.90 21.22 -1.00
CA TYR D 142 23.29 20.82 -1.19
C TYR D 142 24.26 21.66 -0.33
N GLU D 143 24.11 23.00 -0.40
CA GLU D 143 24.94 23.90 0.40
C GLU D 143 24.71 23.74 1.92
N ALA D 144 23.46 23.51 2.33
CA ALA D 144 23.15 23.24 3.73
C ALA D 144 23.73 21.89 4.20
N ASN D 145 24.02 20.98 3.27
CA ASN D 145 24.69 19.72 3.58
C ASN D 145 26.21 19.77 3.37
N ALA D 146 26.82 20.96 3.46
CA ALA D 146 28.26 21.15 3.23
C ALA D 146 28.72 20.65 1.86
N LYS D 147 27.89 20.92 0.85
CA LYS D 147 28.17 20.56 -0.55
C LYS D 147 28.49 19.09 -0.79
N ARG D 148 27.69 18.21 -0.20
CA ARG D 148 27.70 16.80 -0.49
C ARG D 148 26.28 16.27 -0.55
N PHE D 149 25.98 15.41 -1.53
CA PHE D 149 24.88 14.44 -1.40
C PHE D 149 25.47 13.04 -1.28
N SER D 150 24.77 12.16 -0.55
CA SER D 150 25.19 10.76 -0.40
C SER D 150 25.09 10.04 -1.75
N ARG D 151 25.79 8.92 -1.87
CA ARG D 151 25.70 8.06 -3.05
C ARG D 151 24.25 7.63 -3.34
N LYS D 152 23.55 7.22 -2.29
CA LYS D 152 22.11 6.88 -2.35
C LYS D 152 21.31 8.03 -2.97
N THR D 153 21.47 9.23 -2.41
CA THR D 153 20.76 10.41 -2.92
C THR D 153 21.05 10.70 -4.38
N VAL D 154 22.33 10.70 -4.73
CA VAL D 154 22.72 11.02 -6.09
C VAL D 154 22.13 10.01 -7.08
N LEU D 155 22.19 8.72 -6.76
CA LEU D 155 21.66 7.71 -7.67
C LEU D 155 20.11 7.84 -7.79
N GLN D 156 19.43 8.09 -6.69
CA GLN D 156 17.96 8.28 -6.70
C GLN D 156 17.53 9.56 -7.45
N LEU D 157 18.27 10.64 -7.29
CA LEU D 157 18.04 11.86 -8.06
C LEU D 157 18.25 11.57 -9.55
N SER D 158 19.34 10.89 -9.89
CA SER D 158 19.69 10.66 -11.27
C SER D 158 18.75 9.73 -12.02
N LEU D 159 18.25 8.70 -11.38
CA LEU D 159 17.23 7.84 -11.97
C LEU D 159 16.00 8.68 -12.41
N ARG D 160 15.57 9.60 -11.56
CA ARG D 160 14.39 10.41 -11.86
C ARG D 160 14.68 11.45 -12.94
N ILE D 161 15.91 11.96 -12.94
CA ILE D 161 16.32 12.88 -13.99
C ILE D 161 16.38 12.11 -15.35
N LEU D 162 16.82 10.85 -15.35
CA LEU D 162 16.81 10.04 -16.56
C LEU D 162 15.37 9.85 -17.08
N ASP D 163 14.40 9.70 -16.18
CA ASP D 163 13.00 9.63 -16.59
C ASP D 163 12.61 10.93 -17.32
N ILE D 164 13.00 12.08 -16.76
CA ILE D 164 12.66 13.38 -17.34
C ILE D 164 13.34 13.58 -18.70
N LEU D 165 14.62 13.24 -18.77
CA LEU D 165 15.37 13.39 -19.99
C LEU D 165 14.83 12.50 -21.10
N GLU D 166 14.51 11.25 -20.78
CA GLU D 166 13.99 10.34 -21.79
C GLU D 166 12.67 10.92 -22.33
N TYR D 167 11.83 11.41 -21.43
CA TYR D 167 10.55 12.04 -21.83
C TYR D 167 10.78 13.20 -22.81
N ILE D 168 11.58 14.19 -22.41
CA ILE D 168 11.72 15.37 -23.28
C ILE D 168 12.41 14.99 -24.59
N HIS D 169 13.41 14.11 -24.53
CA HIS D 169 14.12 13.63 -25.72
C HIS D 169 13.18 12.96 -26.73
N GLU D 170 12.29 12.13 -26.20
CA GLU D 170 11.29 11.47 -27.03
C GLU D 170 10.23 12.44 -27.55
N HIS D 171 10.13 13.64 -26.97
CA HIS D 171 9.27 14.70 -27.51
C HIS D 171 10.06 15.81 -28.21
N GLU D 172 11.23 15.45 -28.73
CA GLU D 172 12.01 16.26 -29.69
C GLU D 172 12.85 17.38 -29.07
N TYR D 173 12.93 17.42 -27.74
CA TYR D 173 13.69 18.47 -27.05
C TYR D 173 14.81 17.96 -26.17
N VAL D 174 15.85 18.80 -26.06
CA VAL D 174 16.88 18.66 -25.03
C VAL D 174 16.84 19.89 -24.12
N HIS D 175 17.30 19.75 -22.89
CA HIS D 175 17.26 20.82 -21.88
C HIS D 175 18.54 21.71 -21.91
N GLY D 176 19.69 21.07 -21.84
CA GLY D 176 20.98 21.72 -21.93
C GLY D 176 21.49 22.47 -20.72
N ASP D 177 20.72 22.48 -19.63
CA ASP D 177 21.13 23.20 -18.44
C ASP D 177 20.78 22.50 -17.13
N ILE D 178 20.93 21.19 -17.07
CA ILE D 178 20.64 20.48 -15.84
C ILE D 178 21.66 20.88 -14.77
N LYS D 179 21.16 21.24 -13.59
CA LYS D 179 21.96 21.59 -12.44
C LYS D 179 21.06 21.68 -11.21
N ALA D 180 21.67 21.68 -10.04
CA ALA D 180 20.92 21.65 -8.78
C ALA D 180 19.99 22.86 -8.61
N SER D 181 20.41 24.04 -9.05
CA SER D 181 19.53 25.21 -8.95
C SER D 181 18.30 25.17 -9.90
N ASN D 182 18.34 24.30 -10.92
CA ASN D 182 17.18 24.04 -11.80
C ASN D 182 16.41 22.75 -11.44
N LEU D 183 16.67 22.21 -10.24
CA LEU D 183 15.97 21.03 -9.75
C LEU D 183 15.23 21.43 -8.48
N LEU D 184 13.89 21.32 -8.50
CA LEU D 184 13.06 21.71 -7.39
C LEU D 184 12.25 20.53 -6.88
N LEU D 185 12.00 20.55 -5.58
CA LEU D 185 11.17 19.52 -4.94
C LEU D 185 9.69 19.86 -5.08
N ASN D 186 8.87 18.83 -5.21
CA ASN D 186 7.43 18.97 -5.10
C ASN D 186 7.14 19.64 -3.74
N TYR D 187 6.37 20.73 -3.79
CA TYR D 187 5.96 21.49 -2.61
C TYR D 187 5.32 20.60 -1.54
N LYS D 188 4.58 19.59 -1.96
CA LYS D 188 3.87 18.67 -1.06
C LYS D 188 4.53 17.28 -0.96
N ASN D 189 5.69 17.05 -1.58
CA ASN D 189 6.35 15.74 -1.51
C ASN D 189 7.87 15.88 -1.73
N PRO D 190 8.66 15.85 -0.65
CA PRO D 190 10.10 16.02 -0.77
C PRO D 190 10.88 14.87 -1.44
N ASP D 191 10.21 13.78 -1.84
CA ASP D 191 10.88 12.72 -2.61
C ASP D 191 10.71 12.84 -4.12
N GLN D 192 10.03 13.89 -4.59
CA GLN D 192 9.80 14.05 -6.03
C GLN D 192 10.53 15.30 -6.48
N VAL D 193 11.45 15.13 -7.43
CA VAL D 193 12.25 16.22 -7.95
C VAL D 193 11.80 16.51 -9.38
N TYR D 194 11.74 17.81 -9.71
CA TYR D 194 11.32 18.36 -11.00
C TYR D 194 12.46 19.19 -11.64
N LEU D 195 12.60 19.06 -12.95
CA LEU D 195 13.56 19.83 -13.72
C LEU D 195 12.79 21.02 -14.32
N VAL D 196 13.27 22.23 -14.00
CA VAL D 196 12.66 23.45 -14.49
C VAL D 196 13.60 24.25 -15.40
N ASP D 197 13.06 25.33 -15.94
CA ASP D 197 13.72 26.27 -16.83
C ASP D 197 14.06 25.70 -18.20
N TYR D 198 13.17 25.80 -19.14
CA TYR D 198 13.38 25.34 -20.53
C TYR D 198 13.62 26.55 -21.46
N GLY D 199 14.08 27.65 -20.89
CA GLY D 199 14.47 28.82 -21.66
C GLY D 199 15.60 28.64 -22.66
N LEU D 200 16.48 27.70 -22.36
CA LEU D 200 17.55 27.30 -23.25
C LEU D 200 17.28 25.93 -23.92
N ALA D 201 16.06 25.38 -23.80
CA ALA D 201 15.74 24.13 -24.43
C ALA D 201 15.82 24.25 -25.95
N TYR D 202 16.09 23.14 -26.61
CA TYR D 202 16.32 23.14 -28.02
C TYR D 202 15.59 21.96 -28.63
N ARG D 203 14.86 22.24 -29.71
CA ARG D 203 14.17 21.23 -30.46
C ARG D 203 15.11 20.57 -31.46
N TYR D 204 15.79 19.54 -30.99
CA TYR D 204 16.92 18.92 -31.69
C TYR D 204 16.44 18.00 -32.80
N CYS D 205 15.17 17.57 -32.76
CA CYS D 205 14.69 16.55 -33.67
C CYS D 205 13.29 16.88 -34.22
N PRO D 206 13.10 18.06 -34.85
CA PRO D 206 11.74 18.43 -35.33
C PRO D 206 11.22 17.42 -36.37
N GLU D 207 10.04 16.88 -36.10
CA GLU D 207 9.39 15.85 -36.93
C GLU D 207 10.27 14.63 -37.17
N GLY D 208 11.05 14.23 -36.17
CA GLY D 208 11.94 13.09 -36.31
C GLY D 208 13.21 13.28 -37.11
N VAL D 209 13.53 14.51 -37.55
CA VAL D 209 14.75 14.75 -38.33
C VAL D 209 15.78 15.45 -37.42
N HIS D 210 16.87 14.74 -37.12
CA HIS D 210 17.89 15.25 -36.21
C HIS D 210 18.67 16.41 -36.84
N LYS D 211 18.91 17.46 -36.07
CA LYS D 211 19.80 18.57 -36.47
C LYS D 211 21.18 18.02 -36.79
N ALA D 212 21.75 18.48 -37.90
CA ALA D 212 23.06 18.00 -38.32
C ALA D 212 24.15 18.65 -37.47
N TYR D 213 25.27 17.94 -37.27
CA TYR D 213 26.37 18.40 -36.50
C TYR D 213 26.98 19.60 -37.23
N ALA D 214 27.06 20.72 -36.53
CA ALA D 214 27.82 21.89 -37.04
C ALA D 214 28.21 22.85 -35.90
N ALA D 215 29.41 23.39 -35.98
CA ALA D 215 29.89 24.28 -34.90
C ALA D 215 29.58 25.69 -35.38
N ASP D 216 28.84 26.40 -34.55
CA ASP D 216 28.43 27.78 -34.79
C ASP D 216 29.16 28.64 -33.75
N PRO D 217 30.05 29.54 -34.18
CA PRO D 217 30.76 30.43 -33.22
C PRO D 217 29.84 31.22 -32.27
N LYS D 218 28.65 31.58 -32.73
CA LYS D 218 27.63 32.23 -31.88
C LYS D 218 27.16 31.37 -30.70
N ARG D 219 27.21 30.05 -30.83
CA ARG D 219 26.78 29.15 -29.76
C ARG D 219 27.86 28.74 -28.75
N CYS D 220 29.14 29.04 -29.00
CA CYS D 220 30.20 28.48 -28.16
C CYS D 220 29.97 28.83 -26.68
N HIS D 221 30.02 27.82 -25.85
CA HIS D 221 29.94 27.96 -24.38
C HIS D 221 28.53 28.25 -23.82
N ASP D 222 27.48 27.97 -24.60
CA ASP D 222 26.13 27.91 -24.08
C ASP D 222 26.01 26.98 -22.86
N GLY D 223 25.05 27.30 -22.01
CA GLY D 223 24.74 26.53 -20.80
C GLY D 223 25.53 27.15 -19.62
N THR D 224 25.64 26.40 -18.53
CA THR D 224 26.34 26.85 -17.33
C THR D 224 27.75 26.26 -17.41
N ILE D 225 28.76 27.14 -17.44
CA ILE D 225 30.09 26.74 -17.87
C ILE D 225 30.67 25.46 -17.19
N GLU D 226 30.51 25.32 -15.87
CA GLU D 226 31.12 24.18 -15.19
C GLU D 226 30.46 22.83 -15.53
N PHE D 227 29.18 22.86 -15.94
CA PHE D 227 28.43 21.65 -16.23
C PHE D 227 28.14 21.39 -17.71
N THR D 228 28.36 22.38 -18.59
CA THR D 228 27.89 22.24 -19.97
C THR D 228 28.67 21.19 -20.76
N SER D 229 28.09 20.76 -21.87
CA SER D 229 28.64 19.71 -22.70
C SER D 229 29.83 20.18 -23.53
N ILE D 230 30.70 19.25 -23.88
CA ILE D 230 31.77 19.50 -24.87
C ILE D 230 31.18 20.06 -26.19
N ASP D 231 30.05 19.45 -26.61
CA ASP D 231 29.34 19.93 -27.79
C ASP D 231 29.04 21.45 -27.68
N ALA D 232 28.47 21.86 -26.55
CA ALA D 232 28.10 23.26 -26.33
C ALA D 232 29.35 24.15 -26.32
N HIS D 233 30.44 23.68 -25.68
CA HIS D 233 31.71 24.41 -25.71
C HIS D 233 32.22 24.60 -27.15
N ASN D 234 31.97 23.60 -28.00
CA ASN D 234 32.42 23.66 -29.40
C ASN D 234 31.48 24.50 -30.32
N GLY D 235 30.40 25.03 -29.73
CA GLY D 235 29.42 25.79 -30.49
C GLY D 235 28.45 24.93 -31.32
N VAL D 236 28.26 23.72 -30.89
CA VAL D 236 27.40 22.77 -31.59
C VAL D 236 26.06 22.79 -30.85
N ALA D 237 24.97 22.78 -31.58
CA ALA D 237 23.66 22.79 -30.94
C ALA D 237 23.51 21.57 -30.04
N PRO D 238 22.87 21.71 -28.87
CA PRO D 238 22.84 20.62 -27.93
C PRO D 238 22.02 19.43 -28.43
N SER D 239 22.43 18.22 -28.08
CA SER D 239 21.72 17.00 -28.43
C SER D 239 21.61 16.11 -27.20
N ARG D 240 21.14 14.88 -27.40
CA ARG D 240 20.84 14.01 -26.29
C ARG D 240 22.07 13.64 -25.47
N ARG D 241 23.19 13.31 -26.14
CA ARG D 241 24.37 12.96 -25.41
C ARG D 241 24.82 14.09 -24.47
N GLY D 242 24.64 15.33 -24.90
CA GLY D 242 25.05 16.46 -24.07
C GLY D 242 24.26 16.53 -22.77
N ASP D 243 22.96 16.27 -22.82
CA ASP D 243 22.16 16.26 -21.59
C ASP D 243 22.68 15.19 -20.61
N LEU D 244 23.06 14.01 -21.14
CA LEU D 244 23.55 12.93 -20.30
C LEU D 244 24.91 13.27 -19.72
N GLU D 245 25.73 13.96 -20.52
CA GLU D 245 27.04 14.41 -20.08
C GLU D 245 26.94 15.43 -18.94
N ILE D 246 26.03 16.39 -19.09
CA ILE D 246 25.77 17.40 -18.07
C ILE D 246 25.38 16.72 -16.77
N LEU D 247 24.45 15.76 -16.84
CA LEU D 247 24.07 14.99 -15.67
C LEU D 247 25.27 14.28 -15.01
N GLY D 248 26.17 13.73 -15.82
CA GLY D 248 27.43 13.12 -15.32
C GLY D 248 28.29 14.08 -14.48
N TYR D 249 28.48 15.29 -14.97
CA TYR D 249 29.23 16.32 -14.24
C TYR D 249 28.50 16.69 -12.96
N CYS D 250 27.18 16.82 -13.03
CA CYS D 250 26.37 17.05 -11.82
C CYS D 250 26.61 15.96 -10.75
N MET D 251 26.55 14.70 -11.17
CA MET D 251 26.71 13.57 -10.23
C MET D 251 28.05 13.65 -9.48
N ILE D 252 29.11 13.96 -10.21
CA ILE D 252 30.45 14.07 -9.64
C ILE D 252 30.51 15.25 -8.67
N GLN D 253 30.02 16.42 -9.10
CA GLN D 253 29.93 17.60 -8.23
C GLN D 253 29.17 17.28 -6.94
N TRP D 254 28.05 16.60 -7.07
CA TRP D 254 27.21 16.28 -5.89
C TRP D 254 27.91 15.30 -4.94
N LEU D 255 28.58 14.29 -5.50
CA LEU D 255 29.22 13.28 -4.69
C LEU D 255 30.47 13.79 -3.98
N THR D 256 31.24 14.67 -4.63
CA THR D 256 32.58 15.05 -4.16
C THR D 256 32.73 16.51 -3.69
N GLY D 257 31.76 17.37 -4.03
CA GLY D 257 31.85 18.79 -3.76
C GLY D 257 32.64 19.60 -4.78
N HIS D 258 33.19 18.97 -5.82
CA HIS D 258 34.14 19.61 -6.72
C HIS D 258 34.06 19.05 -8.15
N LEU D 259 34.60 19.84 -9.09
CA LEU D 259 34.93 19.39 -10.43
C LEU D 259 36.38 19.86 -10.73
N PRO D 260 37.11 19.11 -11.57
CA PRO D 260 38.54 19.41 -11.79
C PRO D 260 38.83 20.81 -12.36
N TRP D 261 37.90 21.35 -13.15
CA TRP D 261 38.08 22.61 -13.88
C TRP D 261 37.52 23.85 -13.15
N GLU D 262 37.03 23.65 -11.91
CA GLU D 262 36.30 24.68 -11.17
C GLU D 262 37.14 25.89 -10.75
N ASP D 263 38.47 25.76 -10.72
CA ASP D 263 39.31 26.88 -10.40
C ASP D 263 39.67 27.78 -11.57
N ASN D 264 39.17 27.52 -12.76
CA ASN D 264 39.44 28.43 -13.88
C ASN D 264 38.27 28.53 -14.83
N LEU D 265 37.12 28.82 -14.24
CA LEU D 265 35.87 28.91 -14.95
C LEU D 265 35.80 30.19 -15.82
N LYS D 266 36.65 31.16 -15.53
CA LYS D 266 36.76 32.35 -16.35
C LYS D 266 37.56 32.12 -17.64
N ASP D 267 38.12 30.91 -17.84
CA ASP D 267 38.78 30.55 -19.09
C ASP D 267 38.03 29.40 -19.78
N PRO D 268 37.09 29.74 -20.65
CA PRO D 268 36.25 28.71 -21.24
C PRO D 268 37.01 27.68 -22.12
N LYS D 269 38.11 28.08 -22.75
CA LYS D 269 38.91 27.17 -23.53
C LYS D 269 39.51 26.10 -22.62
N TYR D 270 39.98 26.49 -21.42
CA TYR D 270 40.52 25.59 -20.43
C TYR D 270 39.46 24.59 -19.96
N VAL D 271 38.26 25.07 -19.70
CA VAL D 271 37.17 24.21 -19.24
C VAL D 271 36.86 23.17 -20.31
N ARG D 272 36.72 23.64 -21.56
CA ARG D 272 36.51 22.72 -22.69
C ARG D 272 37.64 21.67 -22.79
N ASP D 273 38.89 22.16 -22.79
CA ASP D 273 40.03 21.29 -22.95
C ASP D 273 40.14 20.25 -21.86
N SER D 274 39.86 20.65 -20.63
CA SER D 274 39.89 19.75 -19.50
C SER D 274 38.79 18.66 -19.61
N LYS D 275 37.57 19.04 -19.98
CA LYS D 275 36.52 18.06 -20.24
C LYS D 275 36.88 17.08 -21.38
N ILE D 276 37.49 17.61 -22.45
CA ILE D 276 37.92 16.76 -23.57
C ILE D 276 38.96 15.73 -23.09
N ARG D 277 39.95 16.20 -22.32
CA ARG D 277 40.99 15.33 -21.79
C ARG D 277 40.44 14.26 -20.83
N TYR D 278 39.50 14.64 -20.00
CA TYR D 278 38.88 13.70 -19.06
C TYR D 278 37.89 12.75 -19.72
N ARG D 279 37.34 13.13 -20.87
CA ARG D 279 36.59 12.20 -21.71
C ARG D 279 37.52 11.16 -22.38
N GLU D 280 38.66 11.61 -22.88
CA GLU D 280 39.63 10.71 -23.51
C GLU D 280 40.15 9.68 -22.50
N ASN D 281 40.29 10.06 -21.22
CA ASN D 281 40.84 9.21 -20.17
C ASN D 281 39.95 9.30 -18.90
N ILE D 282 38.88 8.52 -18.91
CA ILE D 282 37.93 8.47 -17.80
C ILE D 282 38.55 7.93 -16.51
N ALA D 283 39.48 6.99 -16.60
CA ALA D 283 40.20 6.53 -15.42
C ALA D 283 40.89 7.70 -14.73
N SER D 284 41.47 8.62 -15.50
CA SER D 284 42.12 9.79 -14.89
C SER D 284 41.10 10.73 -14.25
N LEU D 285 39.92 10.84 -14.83
CA LEU D 285 38.83 11.59 -14.18
C LEU D 285 38.48 11.00 -12.81
N MET D 286 38.32 9.68 -12.78
CA MET D 286 37.98 8.98 -11.54
C MET D 286 39.07 9.17 -10.48
N ASP D 287 40.33 9.02 -10.90
CA ASP D 287 41.47 9.26 -10.01
C ASP D 287 41.51 10.69 -9.48
N LYS D 288 41.25 11.67 -10.34
CA LYS D 288 41.25 13.07 -9.93
C LYS D 288 40.12 13.38 -8.94
N CYS D 289 38.92 12.88 -9.23
CA CYS D 289 37.73 13.26 -8.45
C CYS D 289 37.49 12.45 -7.17
N PHE D 290 37.94 11.20 -7.15
CA PHE D 290 37.66 10.31 -6.02
C PHE D 290 38.95 9.74 -5.44
N PRO D 291 38.96 9.47 -4.12
CA PRO D 291 40.06 8.69 -3.54
C PRO D 291 40.17 7.31 -4.19
N ALA D 292 41.37 6.75 -4.22
CA ALA D 292 41.55 5.43 -4.83
C ALA D 292 40.66 4.36 -4.20
N ALA D 293 40.34 4.49 -2.90
CA ALA D 293 39.62 3.47 -2.17
C ALA D 293 38.14 3.65 -2.27
N ASN D 294 37.63 4.63 -3.02
CA ASN D 294 36.21 4.90 -2.95
C ASN D 294 35.67 5.46 -4.25
N ALA D 295 36.15 4.95 -5.37
CA ALA D 295 35.64 5.41 -6.70
C ALA D 295 34.37 4.61 -7.04
N PRO D 296 33.23 5.29 -7.12
CA PRO D 296 32.00 4.51 -7.43
C PRO D 296 31.99 4.02 -8.89
N GLY D 297 32.02 2.72 -9.09
CA GLY D 297 32.16 2.10 -10.42
C GLY D 297 31.02 2.47 -11.38
N GLU D 298 29.81 2.72 -10.86
CA GLU D 298 28.70 3.11 -11.71
C GLU D 298 28.91 4.49 -12.37
N ILE D 299 29.65 5.38 -11.71
CA ILE D 299 29.92 6.69 -12.28
C ILE D 299 30.87 6.53 -13.47
N ALA D 300 31.90 5.71 -13.34
CA ALA D 300 32.79 5.42 -14.45
C ALA D 300 32.05 4.81 -15.62
N LYS D 301 31.21 3.79 -15.35
CA LYS D 301 30.47 3.13 -16.42
C LYS D 301 29.49 4.12 -17.09
N TYR D 302 28.85 4.96 -16.31
CA TYR D 302 27.97 5.99 -16.84
C TYR D 302 28.73 6.89 -17.85
N MET D 303 29.86 7.42 -17.42
CA MET D 303 30.67 8.31 -18.27
C MET D 303 31.22 7.62 -19.53
N GLU D 304 31.65 6.35 -19.40
CA GLU D 304 32.06 5.53 -20.57
C GLU D 304 30.94 5.35 -21.56
N THR D 305 29.74 5.12 -21.06
CA THR D 305 28.56 4.95 -21.92
C THR D 305 28.23 6.26 -22.66
N VAL D 306 28.31 7.38 -21.97
CA VAL D 306 28.05 8.68 -22.60
C VAL D 306 29.14 8.99 -23.67
N LYS D 307 30.40 8.67 -23.34
CA LYS D 307 31.52 8.83 -24.27
C LYS D 307 31.27 8.09 -25.61
N LEU D 308 30.63 6.92 -25.54
CA LEU D 308 30.33 6.13 -26.72
C LEU D 308 29.23 6.67 -27.65
N LEU D 309 28.44 7.63 -27.17
CA LEU D 309 27.34 8.17 -27.94
C LEU D 309 27.86 9.11 -29.03
N ASP D 310 27.43 8.87 -30.29
CA ASP D 310 27.57 9.86 -31.32
C ASP D 310 26.57 10.99 -31.17
N TYR D 311 26.85 12.09 -31.87
CA TYR D 311 26.02 13.30 -31.75
C TYR D 311 24.52 13.06 -31.97
N THR D 312 24.19 12.30 -33.00
CA THR D 312 22.80 12.02 -33.33
C THR D 312 22.23 10.76 -32.71
N GLU D 313 23.02 10.05 -31.91
CA GLU D 313 22.64 8.70 -31.49
C GLU D 313 21.58 8.71 -30.38
N LYS D 314 20.59 7.84 -30.52
CA LYS D 314 19.63 7.61 -29.46
C LYS D 314 20.27 6.84 -28.31
N PRO D 315 20.25 7.41 -27.09
CA PRO D 315 20.77 6.67 -25.93
C PRO D 315 19.97 5.39 -25.64
N LEU D 316 20.66 4.38 -25.09
CA LEU D 316 19.98 3.21 -24.54
C LEU D 316 19.69 3.53 -23.08
N TYR D 317 18.54 4.16 -22.82
CA TYR D 317 18.24 4.71 -21.51
C TYR D 317 18.11 3.59 -20.46
N GLU D 318 17.62 2.42 -20.83
CA GLU D 318 17.53 1.30 -19.92
C GLU D 318 18.88 0.79 -19.43
N ASN D 319 19.85 0.72 -20.34
CA ASN D 319 21.26 0.39 -19.98
C ASN D 319 21.81 1.45 -19.00
N LEU D 320 21.50 2.74 -19.19
CA LEU D 320 21.94 3.77 -18.24
C LEU D 320 21.29 3.62 -16.88
N ARG D 321 19.98 3.34 -16.87
CA ARG D 321 19.27 3.09 -15.62
C ARG D 321 19.88 1.90 -14.90
N ASP D 322 20.13 0.83 -15.64
CA ASP D 322 20.69 -0.40 -15.06
C ASP D 322 22.07 -0.14 -14.44
N ILE D 323 22.89 0.68 -15.10
CA ILE D 323 24.19 1.08 -14.55
C ILE D 323 24.00 1.74 -13.18
N LEU D 324 23.07 2.68 -13.08
CA LEU D 324 22.83 3.34 -11.79
C LEU D 324 22.21 2.39 -10.76
N LEU D 325 21.32 1.50 -11.20
CA LEU D 325 20.75 0.50 -10.29
C LEU D 325 21.81 -0.41 -9.69
N GLN D 326 22.86 -0.75 -10.45
CA GLN D 326 23.97 -1.58 -9.93
C GLN D 326 24.68 -0.83 -8.81
N GLY D 327 24.77 0.51 -8.88
CA GLY D 327 25.30 1.34 -7.78
C GLY D 327 24.49 1.20 -6.50
N LEU D 328 23.16 1.27 -6.62
CA LEU D 328 22.30 1.07 -5.48
C LEU D 328 22.48 -0.33 -4.86
N LYS D 329 22.56 -1.38 -5.70
CA LYS D 329 22.80 -2.75 -5.20
C LYS D 329 24.17 -2.84 -4.52
N ALA D 330 25.17 -2.17 -5.07
CA ALA D 330 26.53 -2.15 -4.47
C ALA D 330 26.57 -1.58 -3.06
N ILE D 331 25.72 -0.61 -2.76
CA ILE D 331 25.63 -0.04 -1.39
C ILE D 331 24.56 -0.70 -0.52
N GLY D 332 23.98 -1.82 -0.96
CA GLY D 332 23.00 -2.54 -0.16
C GLY D 332 21.61 -1.91 -0.16
N SER D 333 21.28 -1.16 -1.22
CA SER D 333 19.97 -0.52 -1.33
C SER D 333 19.22 -0.97 -2.59
N LYS D 334 18.22 -0.20 -2.97
CA LYS D 334 17.33 -0.52 -4.10
C LYS D 334 16.65 0.79 -4.48
N ASP D 335 16.07 0.83 -5.66
CA ASP D 335 15.30 2.01 -6.09
C ASP D 335 13.94 2.00 -5.38
N ASP D 336 13.90 2.59 -4.19
CA ASP D 336 12.67 2.74 -3.41
C ASP D 336 12.10 4.17 -3.50
N GLY D 337 12.59 4.97 -4.44
CA GLY D 337 12.17 6.36 -4.59
C GLY D 337 12.49 7.34 -3.46
N LYS D 338 13.30 6.92 -2.47
CA LYS D 338 13.62 7.79 -1.31
C LYS D 338 14.86 8.64 -1.65
N LEU D 339 14.68 9.96 -1.75
CA LEU D 339 15.81 10.85 -2.08
C LEU D 339 16.76 11.06 -0.90
N ASP D 340 16.27 10.85 0.34
CA ASP D 340 17.10 10.96 1.55
C ASP D 340 17.73 12.34 1.76
N LEU D 341 16.99 13.41 1.48
CA LEU D 341 17.55 14.77 1.57
C LEU D 341 17.50 15.36 2.98
N2 F87 E . 24.90 0.99 39.24
C3 F87 E . 23.65 0.58 41.22
C4 F87 E . 23.08 -0.54 40.58
C5 F87 E . 22.36 0.19 43.25
C6 F87 E . 21.59 -0.89 42.52
C7 F87 E . 23.88 2.09 43.17
C8 F87 E . 25.27 1.84 43.57
C9 F87 E . 26.39 1.64 43.86
C10 F87 E . 21.78 -2.65 40.71
C11 F87 E . 20.66 -2.64 39.68
C12 F87 E . 20.63 -3.91 38.84
C15 F87 E . 20.13 -0.52 42.38
C16 F87 E . 24.13 -1.38 36.57
C17 F87 E . 23.84 -2.65 37.02
C18 F87 E . 23.32 -3.57 36.14
C19 F87 E . 23.06 -3.25 34.83
C20 F87 E . 23.38 -1.98 34.39
C21 F87 E . 23.92 -1.03 35.24
N1 F87 E . 23.43 -0.86 39.32
C1 F87 E . 24.33 -0.10 38.70
C2 F87 E . 24.57 1.32 40.48
N3 F87 E . 23.28 0.92 42.53
N4 F87 E . 22.18 -1.33 41.24
O1 F87 E . 22.14 0.41 44.42
C13 F87 E . 20.25 -5.14 39.66
C14 F87 E . 19.73 -3.79 37.62
N5 F87 E . 24.67 -0.39 37.43
F1 F87 E . 23.16 -1.64 33.11
F2 F87 E . 23.01 -4.81 36.58
O2 F87 E . 22.54 -4.17 34.00
S SO4 F . 42.48 -19.46 39.05
O1 SO4 F . 43.75 -20.24 39.14
O2 SO4 F . 42.81 -18.01 39.02
O3 SO4 F . 41.78 -19.87 37.80
O4 SO4 F . 41.60 -19.71 40.21
C ACT G . 20.79 1.69 13.91
O ACT G . 21.23 0.53 13.95
OXT ACT G . 20.55 2.36 14.93
CH3 ACT G . 20.52 2.29 12.56
C ACT H . -0.93 4.26 51.61
O ACT H . 0.16 4.47 51.03
OXT ACT H . -1.97 4.82 51.24
CH3 ACT H . -0.96 3.30 52.76
C1 GOL I . 18.68 -14.16 20.46
O1 GOL I . 18.46 -14.26 19.06
C2 GOL I . 20.15 -14.32 20.83
O2 GOL I . 20.25 -14.23 22.25
C3 GOL I . 20.69 -15.67 20.34
O3 GOL I . 22.11 -15.63 20.11
N2 F87 J . -30.59 11.60 1.07
C3 F87 J . -32.45 10.38 0.19
C4 F87 J . -33.03 10.42 1.47
C5 F87 J . -34.30 9.11 -0.72
C6 F87 J . -34.88 8.98 0.68
C7 F87 J . -32.45 9.70 -2.18
C8 F87 J . -32.48 10.97 -2.88
C9 F87 J . -32.50 12.02 -3.43
C10 F87 J . -34.94 9.97 2.99
C11 F87 J . -34.71 8.81 3.95
C12 F87 J . -35.32 9.02 5.34
C15 F87 J . -34.88 7.52 1.12
C16 F87 J . -30.78 12.04 4.66
C17 F87 J . -32.00 11.57 5.14
C18 F87 J . -32.16 11.42 6.49
C19 F87 J . -31.17 11.73 7.39
C20 F87 J . -29.96 12.19 6.89
C21 F87 J . -29.75 12.36 5.55
N1 F87 J . -32.41 11.03 2.50
C1 F87 J . -31.22 11.61 2.25
C2 F87 J . -31.20 11.00 0.05
N3 F87 J . -33.09 9.74 -0.87
N4 F87 J . -34.25 9.83 1.70
O1 F87 J . -34.88 8.61 -1.67
C13 F87 J . -36.78 9.41 5.27
C14 F87 J . -35.16 7.78 6.21
N5 F87 J . -30.58 12.20 3.27
F1 F87 J . -28.97 12.50 7.75
F2 F87 J . -33.35 10.96 6.96
O2 F87 J . -31.35 11.57 8.71
C ACT K . -31.75 -6.95 33.93
O ACT K . -30.88 -7.25 33.06
OXT ACT K . -31.43 -6.59 35.09
CH3 ACT K . -33.20 -7.21 33.71
C ACT L . -14.77 12.34 21.44
O ACT L . -14.88 11.63 20.44
OXT ACT L . -15.63 13.18 21.73
CH3 ACT L . -13.58 12.15 22.30
C ACT M . -30.98 15.53 26.96
O ACT M . -30.61 16.54 26.34
OXT ACT M . -30.15 14.73 27.42
CH3 ACT M . -32.44 15.30 27.14
C ACT N . -41.20 -15.24 -0.42
O ACT N . -40.82 -14.09 -0.15
OXT ACT N . -41.70 -15.98 0.44
CH3 ACT N . -41.04 -15.76 -1.81
N2 FCS O . -7.31 -33.21 -34.06
C3 FCS O . -6.10 -33.50 -36.09
C4 FCS O . -4.91 -33.45 -35.33
C5 FCS O . -4.87 -33.94 -38.14
C6 FCS O . -3.61 -34.09 -37.32
C7 FCS O . -7.27 -33.49 -38.27
C8 FCS O . -7.98 -34.76 -38.48
C9 FCS O . -8.56 -35.77 -38.62
C10 FCS O . -2.45 -33.20 -35.25
C11 FCS O . -2.11 -31.72 -35.34
C12 FCS O . -0.97 -31.33 -34.42
C15 FCS O . -3.11 -35.52 -37.33
C16 FCS O . -5.25 -32.56 -31.13
C17 FCS O . -3.91 -32.42 -31.46
C18 FCS O . -3.03 -32.00 -30.50
C19 FCS O . -3.43 -31.71 -29.21
C20 FCS O . -4.77 -31.86 -28.90
C21 FCS O . -5.68 -32.28 -29.84
N1 FCS O . -4.93 -33.28 -33.99
C1 FCS O . -6.14 -33.17 -33.41
C2 FCS O . -7.29 -33.37 -35.37
N3 FCS O . -6.04 -33.66 -37.48
N4 FCS O . -3.70 -33.56 -35.95
O1 FCS O . -4.84 -34.07 -39.36
C13 FCS O . 0.22 -32.26 -34.61
C14 FCS O . -0.56 -29.89 -34.64
N5 FCS O . -6.22 -32.99 -32.07
F1 FCS O . -5.19 -31.59 -27.66
F2 FCS O . -1.72 -31.86 -30.80
O2 FCS O . -2.53 -31.29 -28.29
S SO4 P . -4.25 3.16 -38.87
O1 SO4 P . -3.01 2.49 -39.22
O2 SO4 P . -4.02 4.59 -38.71
O3 SO4 P . -5.19 2.89 -39.99
O4 SO4 P . -4.87 2.69 -37.63
C ACT Q . 5.37 -13.88 -51.76
O ACT Q . 5.54 -12.64 -51.73
OXT ACT Q . 4.52 -14.45 -51.03
CH3 ACT Q . 6.22 -14.71 -52.67
C ACT R . -9.34 -22.33 -12.06
O ACT R . -8.53 -23.23 -11.85
OXT ACT R . -9.54 -21.84 -13.22
CH3 ACT R . -10.10 -21.81 -10.88
C ACT S . 5.34 -31.33 -8.96
O ACT S . 5.56 -30.57 -8.03
OXT ACT S . 4.22 -31.87 -9.12
CH3 ACT S . 6.45 -31.61 -9.91
C ACT T . 10.96 -24.00 -23.22
O ACT T . 12.00 -23.48 -22.76
OXT ACT T . 10.43 -24.99 -22.71
CH3 ACT T . 10.30 -23.34 -24.38
N2 F87 U . 8.29 27.43 -7.28
C3 F87 U . 10.09 28.33 -6.01
C4 F87 U . 10.75 28.63 -7.23
C5 F87 U . 11.92 29.25 -4.70
C6 F87 U . 12.75 29.33 -5.95
C7 F87 U . 10.01 28.30 -3.53
C8 F87 U . 9.01 29.30 -3.15
C9 F87 U . 8.20 30.10 -2.88
C10 F87 U . 12.58 29.76 -8.44
C11 F87 U . 13.34 28.74 -9.27
C12 F87 U . 13.91 29.30 -10.56
C15 F87 U . 13.88 28.33 -5.92
C16 F87 U . 8.91 27.39 -10.87
C17 F87 U . 10.04 28.11 -11.23
C18 F87 U . 10.52 28.02 -12.51
C19 F87 U . 9.89 27.23 -13.46
C20 F87 U . 8.77 26.52 -13.08
C21 F87 U . 8.26 26.59 -11.81
N1 F87 U . 10.18 28.35 -8.41
C1 F87 U . 8.97 27.76 -8.39
C2 F87 U . 8.84 27.72 -6.10
N3 F87 U . 10.70 28.64 -4.77
N4 F87 U . 11.98 29.23 -7.21
O1 F87 U . 12.36 29.68 -3.64
C13 F87 U . 14.82 30.48 -10.30
C14 F87 U . 14.65 28.23 -11.34
N5 F87 U . 8.38 27.46 -9.57
F1 F87 U . 8.16 25.73 -13.98
F2 F87 U . 11.62 28.70 -12.87
O2 F87 U . 10.37 27.14 -14.72
S SO4 V . 2.37 12.22 -27.16
O1 SO4 V . 3.17 12.07 -25.92
O2 SO4 V . 2.62 13.52 -27.82
O3 SO4 V . 2.70 11.13 -28.11
O4 SO4 V . 0.94 12.13 -26.75
S SO4 W . 35.31 20.61 0.69
O1 SO4 W . 36.19 21.75 0.51
O2 SO4 W . 35.94 19.41 0.15
O3 SO4 W . 34.01 20.84 0.04
O4 SO4 W . 35.08 20.41 2.11
C ACT X . 29.90 12.90 -34.34
O ACT X . 29.56 12.55 -35.48
OXT ACT X . 29.44 12.36 -33.31
CH3 ACT X . 31.07 13.84 -34.28
C ACT Y . 10.94 26.30 -33.31
O ACT Y . 10.32 27.37 -33.09
OXT ACT Y . 10.38 25.32 -33.83
CH3 ACT Y . 12.38 26.20 -32.91
C ACT Z . 19.05 26.23 -35.43
O ACT Z . 20.02 26.72 -34.83
OXT ACT Z . 19.20 25.66 -36.53
CH3 ACT Z . 17.68 26.33 -34.83
C ACT AA . 32.68 12.74 -31.56
O ACT AA . 32.41 13.91 -31.21
OXT ACT AA . 31.93 11.74 -31.36
CH3 ACT AA . 33.98 12.54 -32.29
#